data_3TOX
#
_entry.id   3TOX
#
_cell.length_a   122.975
_cell.length_b   122.942
_cell.length_c   139.818
_cell.angle_alpha   90.00
_cell.angle_beta   90.03
_cell.angle_gamma   90.00
#
_symmetry.space_group_name_H-M   'C 1 2 1'
#
loop_
_entity.id
_entity.type
_entity.pdbx_description
1 polymer 'Short chain dehydrogenase'
2 non-polymer 'NADP NICOTINAMIDE-ADENINE-DINUCLEOTIDE PHOSPHATE'
3 water water
#
_entity_poly.entity_id   1
_entity_poly.type   'polypeptide(L)'
_entity_poly.pdbx_seq_one_letter_code
;MVMSRLEGKIAIVTGASSGIGRAAALLFAREGAKVVVTARNGNALAELTDEIAGGGGEAAALAGDVGDEALHEALVELAV
RRFGGLDTAFNNAGALGAMGEISSLSVEGWRETLDTNLTSAFLAAKYQVPAIAALGGGSLTFTSSFVGHTAGFAGVAPYA
ASKAGLIGLVQALAVELGARGIRVNALLPGGTDTPANFANLPGAAPETRGFVEGLHALKRIARPEEIAEAALYLASDGAS
FVTGAALLADGGASVTKAAENLYFQSHHHHHHWSHPQFEK
;
_entity_poly.pdbx_strand_id   A,B,C,D,E,F,G,I
#
# COMPACT_ATOMS: atom_id res chain seq x y z
N SER A 4 -30.06 -10.14 -28.10
CA SER A 4 -28.95 -9.31 -27.70
C SER A 4 -29.24 -7.82 -27.94
N ARG A 5 -30.43 -7.39 -27.57
CA ARG A 5 -30.87 -6.03 -27.81
C ARG A 5 -30.08 -4.95 -27.08
N LEU A 6 -29.39 -5.32 -26.02
CA LEU A 6 -28.57 -4.39 -25.27
C LEU A 6 -27.13 -4.88 -25.11
N GLU A 7 -26.65 -5.60 -26.11
CA GLU A 7 -25.32 -6.20 -26.05
C GLU A 7 -24.29 -5.14 -25.82
N GLY A 8 -23.34 -5.36 -24.91
CA GLY A 8 -22.33 -4.31 -24.66
C GLY A 8 -22.71 -3.26 -23.59
N LYS A 9 -23.99 -3.16 -23.23
CA LYS A 9 -24.47 -2.09 -22.31
C LYS A 9 -24.17 -2.50 -20.89
N ILE A 10 -23.87 -1.52 -20.04
CA ILE A 10 -23.76 -1.74 -18.60
C ILE A 10 -24.82 -0.87 -17.91
N ALA A 11 -25.69 -1.51 -17.16
CA ALA A 11 -26.95 -0.85 -16.72
C ALA A 11 -27.07 -0.98 -15.20
N ILE A 12 -27.51 0.09 -14.55
CA ILE A 12 -28.00 -0.03 -13.17
C ILE A 12 -29.53 -0.15 -13.28
N VAL A 13 -30.16 -0.98 -12.43
CA VAL A 13 -31.63 -1.07 -12.35
C VAL A 13 -31.99 -0.95 -10.88
N THR A 14 -32.84 0.00 -10.51
CA THR A 14 -33.25 0.13 -9.10
C THR A 14 -34.65 -0.39 -8.96
N GLY A 15 -35.09 -0.64 -7.74
CA GLY A 15 -36.32 -1.35 -7.52
C GLY A 15 -36.34 -2.68 -8.19
N ALA A 16 -35.19 -3.38 -8.13
CA ALA A 16 -34.97 -4.66 -8.85
C ALA A 16 -35.46 -5.90 -8.17
N SER A 17 -35.94 -5.79 -6.90
CA SER A 17 -36.44 -7.01 -6.18
C SER A 17 -37.82 -7.54 -6.53
N SER A 18 -38.60 -6.82 -7.35
CA SER A 18 -39.91 -7.33 -7.75
C SER A 18 -40.45 -6.55 -8.94
N GLY A 19 -41.64 -6.90 -9.37
CA GLY A 19 -42.36 -6.09 -10.32
C GLY A 19 -41.60 -5.78 -11.62
N ILE A 20 -41.77 -4.53 -12.03
CA ILE A 20 -41.22 -3.95 -13.26
C ILE A 20 -39.72 -3.99 -13.19
N GLY A 21 -39.17 -3.57 -12.06
CA GLY A 21 -37.71 -3.54 -11.88
C GLY A 21 -37.13 -4.94 -12.01
N ARG A 22 -37.71 -5.95 -11.36
CA ARG A 22 -37.14 -7.28 -11.47
C ARG A 22 -37.15 -7.78 -12.96
N ALA A 23 -38.28 -7.57 -13.65
CA ALA A 23 -38.46 -8.06 -15.00
C ALA A 23 -37.49 -7.32 -15.87
N ALA A 24 -37.19 -6.07 -15.52
CA ALA A 24 -36.35 -5.30 -16.39
C ALA A 24 -34.88 -5.67 -16.21
N ALA A 25 -34.48 -6.00 -14.98
CA ALA A 25 -33.11 -6.37 -14.73
C ALA A 25 -32.90 -7.76 -15.43
N LEU A 26 -33.84 -8.68 -15.27
CA LEU A 26 -33.75 -10.01 -15.89
C LEU A 26 -33.66 -9.83 -17.41
N LEU A 27 -34.57 -9.02 -17.96
CA LEU A 27 -34.69 -8.84 -19.41
C LEU A 27 -33.45 -8.24 -20.03
N PHE A 28 -32.93 -7.16 -19.43
CA PHE A 28 -31.72 -6.48 -19.82
C PHE A 28 -30.56 -7.49 -19.82
N ALA A 29 -30.39 -8.20 -18.71
CA ALA A 29 -29.32 -9.19 -18.67
C ALA A 29 -29.52 -10.29 -19.75
N ARG A 30 -30.72 -10.84 -19.90
CA ARG A 30 -30.97 -11.85 -20.95
C ARG A 30 -30.73 -11.30 -22.38
N GLU A 31 -30.84 -9.97 -22.53
CA GLU A 31 -30.59 -9.29 -23.77
C GLU A 31 -29.21 -8.76 -23.89
N GLY A 32 -28.29 -9.21 -23.06
CA GLY A 32 -26.88 -8.88 -23.34
C GLY A 32 -26.22 -7.88 -22.43
N ALA A 33 -27.00 -7.17 -21.60
CA ALA A 33 -26.41 -6.13 -20.72
C ALA A 33 -25.82 -6.74 -19.47
N LYS A 34 -24.75 -6.12 -18.96
CA LYS A 34 -24.22 -6.43 -17.64
C LYS A 34 -25.06 -5.59 -16.68
N VAL A 35 -25.70 -6.16 -15.66
CA VAL A 35 -26.71 -5.40 -14.88
C VAL A 35 -26.26 -5.26 -13.40
N VAL A 36 -26.48 -4.09 -12.77
CA VAL A 36 -26.15 -3.91 -11.33
C VAL A 36 -27.51 -3.53 -10.74
N VAL A 37 -27.93 -4.28 -9.72
CA VAL A 37 -29.27 -4.29 -9.25
C VAL A 37 -29.31 -3.86 -7.80
N THR A 38 -30.40 -3.20 -7.41
CA THR A 38 -30.53 -2.69 -6.02
C THR A 38 -32.02 -2.71 -5.66
N ALA A 39 -32.26 -2.76 -4.35
CA ALA A 39 -33.53 -2.76 -3.63
C ALA A 39 -33.10 -2.91 -2.18
N ARG A 40 -34.09 -2.88 -1.27
CA ARG A 40 -33.81 -3.09 0.15
C ARG A 40 -33.57 -4.58 0.44
N ASN A 41 -34.34 -5.44 -0.21
CA ASN A 41 -34.44 -6.89 0.13
C ASN A 41 -33.27 -7.67 -0.49
N GLY A 42 -32.24 -7.86 0.32
CA GLY A 42 -31.00 -8.49 -0.08
C GLY A 42 -31.20 -9.92 -0.47
N ASN A 43 -32.22 -10.59 0.08
CA ASN A 43 -32.46 -12.00 -0.25
C ASN A 43 -33.16 -12.16 -1.60
N ALA A 44 -34.03 -11.20 -1.91
CA ALA A 44 -34.65 -11.08 -3.23
C ALA A 44 -33.67 -10.75 -4.31
N LEU A 45 -32.72 -9.85 -4.04
CA LEU A 45 -31.71 -9.52 -5.02
C LEU A 45 -30.85 -10.71 -5.36
N ALA A 46 -30.51 -11.49 -4.32
CA ALA A 46 -29.65 -12.64 -4.40
C ALA A 46 -30.29 -13.76 -5.21
N GLU A 47 -31.58 -13.98 -5.05
CA GLU A 47 -32.25 -14.92 -5.94
C GLU A 47 -32.30 -14.42 -7.41
N LEU A 48 -32.41 -13.11 -7.63
CA LEU A 48 -32.41 -12.56 -8.99
C LEU A 48 -31.02 -12.67 -9.65
N THR A 49 -29.97 -12.28 -8.94
CA THR A 49 -28.67 -12.44 -9.55
C THR A 49 -28.36 -13.94 -9.74
N ASP A 50 -28.81 -14.79 -8.80
CA ASP A 50 -28.62 -16.23 -8.97
C ASP A 50 -29.25 -16.73 -10.26
N GLU A 51 -30.53 -16.39 -10.48
CA GLU A 51 -31.21 -16.67 -11.73
C GLU A 51 -30.47 -16.11 -12.97
N ILE A 52 -30.00 -14.86 -12.90
CA ILE A 52 -29.31 -14.23 -14.01
C ILE A 52 -28.04 -15.03 -14.29
N ALA A 53 -27.19 -15.17 -13.27
CA ALA A 53 -25.90 -15.86 -13.43
C ALA A 53 -26.32 -17.25 -13.19
N GLY A 54 -26.47 -18.05 -14.22
CA GLY A 54 -27.27 -19.27 -13.97
C GLY A 54 -27.99 -19.53 -15.25
N GLY A 55 -28.66 -18.49 -15.77
CA GLY A 55 -28.93 -18.46 -17.19
C GLY A 55 -27.75 -17.96 -17.99
N GLY A 56 -26.56 -17.87 -17.40
CA GLY A 56 -25.36 -17.40 -18.10
C GLY A 56 -25.29 -15.92 -18.46
N GLY A 57 -26.07 -15.10 -17.76
CA GLY A 57 -25.88 -13.64 -17.82
C GLY A 57 -24.93 -13.13 -16.76
N GLU A 58 -24.72 -11.81 -16.72
CA GLU A 58 -23.87 -11.20 -15.67
C GLU A 58 -24.58 -10.08 -14.90
N ALA A 59 -24.54 -10.18 -13.57
CA ALA A 59 -25.20 -9.22 -12.67
C ALA A 59 -24.38 -9.04 -11.41
N ALA A 60 -24.51 -7.89 -10.75
CA ALA A 60 -23.93 -7.68 -9.44
C ALA A 60 -25.02 -6.99 -8.65
N ALA A 61 -25.06 -7.29 -7.34
CA ALA A 61 -26.10 -6.75 -6.44
C ALA A 61 -25.52 -5.91 -5.30
N LEU A 62 -26.28 -4.88 -4.88
CA LEU A 62 -26.00 -4.15 -3.65
C LEU A 62 -27.31 -3.70 -3.00
N ALA A 63 -27.62 -4.21 -1.80
CA ALA A 63 -28.87 -3.85 -1.15
C ALA A 63 -28.69 -2.52 -0.37
N GLY A 64 -29.74 -1.71 -0.32
CA GLY A 64 -29.64 -0.43 0.41
C GLY A 64 -30.94 0.36 0.22
N ASP A 65 -31.09 1.45 0.97
CA ASP A 65 -32.25 2.35 0.78
C ASP A 65 -31.95 3.29 -0.37
N VAL A 66 -32.86 3.34 -1.37
CA VAL A 66 -32.63 4.17 -2.57
C VAL A 66 -32.64 5.65 -2.21
N GLY A 67 -33.08 5.98 -0.99
CA GLY A 67 -33.01 7.37 -0.55
C GLY A 67 -31.67 7.76 0.02
N ASP A 68 -30.73 6.81 0.09
CA ASP A 68 -29.38 7.10 0.71
C ASP A 68 -28.31 7.44 -0.34
N GLU A 69 -27.62 8.55 -0.11
CA GLU A 69 -26.65 9.05 -1.05
C GLU A 69 -25.49 8.07 -1.20
N ALA A 70 -25.07 7.48 -0.09
CA ALA A 70 -23.93 6.55 -0.16
C ALA A 70 -24.28 5.32 -1.03
N LEU A 71 -25.54 4.91 -1.01
CA LEU A 71 -25.96 3.77 -1.83
C LEU A 71 -25.81 4.03 -3.31
N HIS A 72 -26.22 5.22 -3.76
CA HIS A 72 -26.09 5.59 -5.18
C HIS A 72 -24.64 5.75 -5.66
N GLU A 73 -23.85 6.38 -4.81
CA GLU A 73 -22.43 6.49 -5.05
C GLU A 73 -21.78 5.07 -5.23
N ALA A 74 -22.01 4.19 -4.28
CA ALA A 74 -21.49 2.82 -4.33
C ALA A 74 -22.10 1.93 -5.41
N LEU A 75 -23.35 2.20 -5.81
CA LEU A 75 -23.85 1.53 -6.97
C LEU A 75 -23.03 1.79 -8.23
N VAL A 76 -22.77 3.04 -8.51
CA VAL A 76 -21.97 3.45 -9.65
C VAL A 76 -20.50 2.91 -9.53
N GLU A 77 -19.88 3.05 -8.37
CA GLU A 77 -18.56 2.39 -8.06
C GLU A 77 -18.59 0.87 -8.36
N LEU A 78 -19.62 0.17 -7.95
CA LEU A 78 -19.78 -1.24 -8.30
C LEU A 78 -19.90 -1.54 -9.83
N ALA A 79 -20.67 -0.78 -10.60
CA ALA A 79 -20.74 -0.94 -12.06
C ALA A 79 -19.40 -0.71 -12.75
N VAL A 80 -18.74 0.39 -12.38
CA VAL A 80 -17.50 0.79 -12.97
C VAL A 80 -16.45 -0.25 -12.59
N ARG A 81 -16.39 -0.61 -11.29
CA ARG A 81 -15.39 -1.57 -10.82
C ARG A 81 -15.54 -2.91 -11.44
N ARG A 82 -16.73 -3.49 -11.31
CA ARG A 82 -16.96 -4.84 -11.78
C ARG A 82 -16.98 -4.94 -13.31
N PHE A 83 -17.62 -3.98 -13.98
CA PHE A 83 -17.91 -4.11 -15.41
C PHE A 83 -17.17 -3.17 -16.33
N GLY A 84 -16.49 -2.19 -15.76
CA GLY A 84 -15.61 -1.24 -16.47
C GLY A 84 -16.20 0.12 -16.84
N GLY A 85 -17.51 0.31 -16.65
CA GLY A 85 -18.11 1.59 -17.03
C GLY A 85 -19.56 1.65 -16.53
N LEU A 86 -20.32 2.56 -17.14
CA LEU A 86 -21.79 2.71 -16.99
C LEU A 86 -22.33 3.40 -18.24
N ASP A 87 -23.31 2.78 -18.90
CA ASP A 87 -23.93 3.26 -20.15
C ASP A 87 -25.37 3.77 -19.82
N THR A 88 -26.07 3.07 -18.90
CA THR A 88 -27.49 3.32 -18.73
C THR A 88 -27.95 3.06 -17.29
N ALA A 89 -28.99 3.78 -16.89
CA ALA A 89 -29.64 3.55 -15.63
C ALA A 89 -31.13 3.50 -15.88
N PHE A 90 -31.79 2.56 -15.21
CA PHE A 90 -33.19 2.48 -15.14
C PHE A 90 -33.55 2.72 -13.65
N ASN A 91 -33.75 3.99 -13.32
CA ASN A 91 -34.09 4.43 -11.97
C ASN A 91 -35.59 4.24 -11.71
N ASN A 92 -35.93 3.06 -11.22
CA ASN A 92 -37.28 2.57 -11.26
C ASN A 92 -37.90 2.44 -9.87
N ALA A 93 -37.07 2.41 -8.82
CA ALA A 93 -37.61 2.24 -7.45
C ALA A 93 -38.66 3.31 -7.14
N GLY A 94 -39.72 2.85 -6.48
CA GLY A 94 -40.80 3.76 -6.08
C GLY A 94 -41.78 3.04 -5.23
N ALA A 95 -42.59 3.82 -4.50
CA ALA A 95 -43.55 3.20 -3.59
C ALA A 95 -44.70 4.17 -3.53
N LEU A 96 -45.91 3.62 -3.39
CA LEU A 96 -47.06 4.51 -3.18
C LEU A 96 -46.90 5.37 -1.92
N GLY A 97 -46.24 4.86 -0.90
CA GLY A 97 -45.92 5.76 0.26
C GLY A 97 -47.21 5.93 1.09
N ALA A 98 -47.30 6.93 1.96
CA ALA A 98 -48.55 6.99 2.74
C ALA A 98 -49.67 7.66 1.95
N MET A 99 -50.84 7.02 2.04
CA MET A 99 -51.98 7.44 1.29
C MET A 99 -53.10 7.87 2.26
N GLY A 100 -54.06 8.62 1.76
CA GLY A 100 -55.17 9.10 2.64
C GLY A 100 -55.59 10.50 2.29
N GLU A 101 -56.71 10.94 2.87
CA GLU A 101 -57.19 12.31 2.64
C GLU A 101 -56.14 13.35 3.04
N ILE A 102 -55.93 14.33 2.17
CA ILE A 102 -54.88 15.36 2.35
C ILE A 102 -54.76 15.94 3.80
N SER A 103 -55.88 16.29 4.44
CA SER A 103 -55.75 16.83 5.80
C SER A 103 -55.26 15.84 6.91
N SER A 104 -55.36 14.53 6.67
CA SER A 104 -54.92 13.46 7.58
C SER A 104 -53.42 13.03 7.49
N LEU A 105 -52.74 13.43 6.41
CA LEU A 105 -51.38 12.91 6.13
C LEU A 105 -50.36 13.54 6.99
N SER A 106 -49.33 12.80 7.42
CA SER A 106 -48.29 13.50 8.17
C SER A 106 -47.19 14.09 7.24
N VAL A 107 -46.50 15.15 7.70
CA VAL A 107 -45.36 15.64 6.92
C VAL A 107 -44.24 14.57 6.86
N GLU A 108 -44.14 13.71 7.89
CA GLU A 108 -43.17 12.61 7.88
C GLU A 108 -43.43 11.66 6.74
N GLY A 109 -44.69 11.31 6.59
CA GLY A 109 -45.13 10.39 5.56
C GLY A 109 -44.90 11.04 4.20
N TRP A 110 -45.27 12.31 4.07
CA TRP A 110 -44.94 13.07 2.84
C TRP A 110 -43.47 13.11 2.50
N ARG A 111 -42.62 13.45 3.46
CA ARG A 111 -41.17 13.47 3.15
C ARG A 111 -40.65 12.11 2.79
N GLU A 112 -41.14 11.08 3.45
CA GLU A 112 -40.63 9.74 3.17
C GLU A 112 -41.05 9.29 1.72
N THR A 113 -42.32 9.53 1.35
CA THR A 113 -42.71 9.32 -0.04
C THR A 113 -41.82 10.06 -1.03
N LEU A 114 -41.55 11.32 -0.81
CA LEU A 114 -40.73 12.11 -1.72
C LEU A 114 -39.31 11.62 -1.77
N ASP A 115 -38.78 11.24 -0.62
CA ASP A 115 -37.40 10.79 -0.58
C ASP A 115 -37.19 9.51 -1.37
N THR A 116 -38.09 8.59 -1.18
CA THR A 116 -38.08 7.33 -1.86
C THR A 116 -38.29 7.50 -3.35
N ASN A 117 -39.20 8.36 -3.78
CA ASN A 117 -39.62 8.43 -5.19
C ASN A 117 -38.89 9.45 -5.99
N LEU A 118 -38.52 10.54 -5.33
CA LEU A 118 -37.98 11.70 -6.06
C LEU A 118 -36.55 12.07 -5.63
N THR A 119 -36.28 12.23 -4.33
CA THR A 119 -34.88 12.46 -3.89
C THR A 119 -33.89 11.35 -4.39
N SER A 120 -34.38 10.14 -4.41
CA SER A 120 -33.64 9.02 -4.94
C SER A 120 -33.16 9.29 -6.40
N ALA A 121 -34.03 9.92 -7.18
CA ALA A 121 -33.76 10.19 -8.60
C ALA A 121 -32.67 11.25 -8.74
N PHE A 122 -32.71 12.25 -7.86
CA PHE A 122 -31.64 13.26 -7.82
C PHE A 122 -30.27 12.61 -7.48
N LEU A 123 -30.28 11.78 -6.45
CA LEU A 123 -29.02 11.10 -6.00
C LEU A 123 -28.54 10.10 -7.07
N ALA A 124 -29.45 9.38 -7.69
CA ALA A 124 -29.10 8.51 -8.81
C ALA A 124 -28.40 9.31 -9.88
N ALA A 125 -29.03 10.40 -10.30
CA ALA A 125 -28.47 11.24 -11.33
C ALA A 125 -27.11 11.82 -10.93
N LYS A 126 -26.95 12.22 -9.69
CA LYS A 126 -25.77 12.91 -9.23
C LYS A 126 -24.51 12.03 -9.41
N TYR A 127 -24.64 10.75 -9.09
CA TYR A 127 -23.57 9.81 -9.26
C TYR A 127 -23.50 9.08 -10.60
N GLN A 128 -24.64 8.89 -11.24
CA GLN A 128 -24.73 8.23 -12.55
C GLN A 128 -24.20 9.03 -13.68
N VAL A 129 -24.49 10.32 -13.66
CA VAL A 129 -24.06 11.22 -14.74
C VAL A 129 -22.50 11.24 -15.02
N PRO A 130 -21.65 11.39 -13.98
CA PRO A 130 -20.17 11.42 -14.32
C PRO A 130 -19.70 10.11 -14.92
N ALA A 131 -20.29 9.01 -14.49
CA ALA A 131 -19.83 7.72 -14.99
C ALA A 131 -20.27 7.49 -16.41
N ILE A 132 -21.51 7.88 -16.72
CA ILE A 132 -22.05 7.80 -18.09
C ILE A 132 -21.33 8.72 -19.07
N ALA A 133 -21.03 9.94 -18.61
CA ALA A 133 -20.33 10.96 -19.37
C ALA A 133 -18.92 10.50 -19.77
N ALA A 134 -18.32 9.72 -18.89
CA ALA A 134 -17.00 9.18 -19.10
C ALA A 134 -17.00 8.27 -20.32
N LEU A 135 -18.03 7.47 -20.47
CA LEU A 135 -18.19 6.58 -21.61
C LEU A 135 -18.48 7.29 -22.93
N GLY A 136 -18.73 8.58 -22.88
CA GLY A 136 -19.09 9.25 -24.09
C GLY A 136 -20.58 9.42 -24.28
N GLY A 137 -21.35 9.07 -23.28
CA GLY A 137 -22.83 9.23 -23.39
C GLY A 137 -23.60 7.97 -23.09
N GLY A 138 -24.94 8.07 -22.96
CA GLY A 138 -25.75 6.89 -22.75
C GLY A 138 -27.16 7.41 -22.41
N SER A 139 -27.77 6.83 -21.40
CA SER A 139 -29.13 7.30 -20.99
C SER A 139 -29.47 7.07 -19.53
N LEU A 140 -30.40 7.89 -19.02
CA LEU A 140 -31.01 7.72 -17.69
C LEU A 140 -32.50 7.66 -17.97
N THR A 141 -33.19 6.67 -17.41
CA THR A 141 -34.65 6.54 -17.52
C THR A 141 -35.20 6.49 -16.12
N PHE A 142 -36.29 7.23 -15.85
CA PHE A 142 -36.90 7.21 -14.49
C PHE A 142 -38.32 6.76 -14.66
N THR A 143 -38.75 5.86 -13.77
CA THR A 143 -40.08 5.41 -13.76
C THR A 143 -40.92 6.42 -13.02
N SER A 144 -41.73 7.14 -13.79
CA SER A 144 -42.76 8.09 -13.24
C SER A 144 -44.09 7.34 -13.19
N SER A 145 -45.21 8.00 -13.55
CA SER A 145 -46.50 7.35 -13.59
C SER A 145 -47.47 8.22 -14.38
N PHE A 146 -48.55 7.63 -14.94
CA PHE A 146 -49.58 8.48 -15.55
C PHE A 146 -50.29 9.30 -14.46
N VAL A 147 -50.34 8.77 -13.22
CA VAL A 147 -50.90 9.53 -12.07
C VAL A 147 -50.03 10.74 -11.73
N GLY A 148 -50.63 11.93 -11.73
CA GLY A 148 -49.93 13.19 -11.55
C GLY A 148 -49.44 13.77 -12.87
N HIS A 149 -49.61 13.03 -13.95
CA HIS A 149 -49.29 13.57 -15.31
C HIS A 149 -50.57 13.75 -16.17
N THR A 150 -51.40 12.73 -16.19
CA THR A 150 -52.66 12.83 -16.93
C THR A 150 -53.88 12.39 -16.10
N ALA A 151 -53.70 12.23 -14.80
CA ALA A 151 -54.81 11.76 -13.93
C ALA A 151 -54.55 12.04 -12.49
N GLY A 152 -55.62 12.32 -11.74
CA GLY A 152 -55.50 12.43 -10.28
C GLY A 152 -56.43 11.37 -9.67
N PHE A 153 -56.14 10.95 -8.44
CA PHE A 153 -57.00 9.99 -7.78
C PHE A 153 -57.05 10.54 -6.37
N ALA A 154 -58.09 10.18 -5.62
CA ALA A 154 -58.18 10.68 -4.24
C ALA A 154 -57.19 9.90 -3.40
N GLY A 155 -56.60 10.57 -2.40
CA GLY A 155 -55.79 9.87 -1.43
C GLY A 155 -54.34 9.61 -1.79
N VAL A 156 -53.91 10.10 -2.96
CA VAL A 156 -52.55 9.76 -3.37
C VAL A 156 -51.71 11.02 -3.65
N ALA A 157 -52.01 12.13 -2.94
CA ALA A 157 -51.33 13.39 -3.25
C ALA A 157 -49.78 13.30 -3.17
N PRO A 158 -49.23 12.66 -2.13
CA PRO A 158 -47.71 12.56 -2.09
C PRO A 158 -47.15 11.79 -3.27
N TYR A 159 -47.78 10.69 -3.59
CA TYR A 159 -47.34 9.85 -4.72
C TYR A 159 -47.40 10.64 -6.04
N ALA A 160 -48.52 11.28 -6.31
CA ALA A 160 -48.74 12.02 -7.54
C ALA A 160 -47.72 13.14 -7.69
N ALA A 161 -47.44 13.87 -6.59
CA ALA A 161 -46.47 14.97 -6.57
C ALA A 161 -45.09 14.43 -6.89
N SER A 162 -44.73 13.36 -6.18
CA SER A 162 -43.39 12.81 -6.33
C SER A 162 -43.18 12.30 -7.79
N LYS A 163 -44.16 11.66 -8.39
CA LYS A 163 -44.04 11.13 -9.74
C LYS A 163 -43.95 12.21 -10.80
N ALA A 164 -44.74 13.27 -10.63
CA ALA A 164 -44.73 14.39 -11.55
C ALA A 164 -43.41 15.13 -11.50
N GLY A 165 -42.85 15.23 -10.30
CA GLY A 165 -41.60 15.89 -10.06
C GLY A 165 -40.50 15.24 -10.93
N LEU A 166 -40.62 13.92 -11.15
CA LEU A 166 -39.58 13.23 -11.96
C LEU A 166 -39.62 13.79 -13.39
N ILE A 167 -40.79 14.17 -13.86
CA ILE A 167 -40.86 14.71 -15.23
C ILE A 167 -40.12 16.06 -15.34
N GLY A 168 -40.30 17.00 -14.37
CA GLY A 168 -39.51 18.23 -14.30
C GLY A 168 -37.98 17.93 -14.27
N LEU A 169 -37.59 16.94 -13.45
CA LEU A 169 -36.16 16.55 -13.34
C LEU A 169 -35.67 16.06 -14.71
N VAL A 170 -36.46 15.20 -15.35
CA VAL A 170 -36.17 14.76 -16.71
C VAL A 170 -35.97 15.89 -17.70
N GLN A 171 -36.87 16.87 -17.77
CA GLN A 171 -36.73 17.95 -18.74
C GLN A 171 -35.44 18.80 -18.48
N ALA A 172 -35.14 19.09 -17.22
CA ALA A 172 -33.99 19.90 -16.86
C ALA A 172 -32.70 19.14 -17.27
N LEU A 173 -32.65 17.88 -16.94
CA LEU A 173 -31.42 17.07 -17.17
C LEU A 173 -31.27 16.80 -18.66
N ALA A 174 -32.37 16.56 -19.37
CA ALA A 174 -32.22 16.34 -20.84
C ALA A 174 -31.52 17.58 -21.48
N VAL A 175 -31.90 18.80 -21.09
CA VAL A 175 -31.27 19.99 -21.60
C VAL A 175 -29.79 20.08 -21.08
N GLU A 176 -29.59 19.99 -19.77
CA GLU A 176 -28.26 20.03 -19.16
C GLU A 176 -27.22 19.04 -19.77
N LEU A 177 -27.65 17.83 -20.06
CA LEU A 177 -26.76 16.74 -20.42
C LEU A 177 -26.73 16.43 -21.93
N GLY A 178 -27.63 17.05 -22.70
CA GLY A 178 -27.88 16.60 -24.10
C GLY A 178 -26.63 16.75 -24.99
N ALA A 179 -25.91 17.86 -24.83
CA ALA A 179 -24.72 18.13 -25.68
C ALA A 179 -23.59 17.12 -25.43
N ARG A 180 -23.57 16.47 -24.26
CA ARG A 180 -22.64 15.37 -23.98
C ARG A 180 -23.12 13.96 -24.34
N GLY A 181 -24.26 13.86 -25.02
CA GLY A 181 -24.75 12.55 -25.46
C GLY A 181 -25.44 11.68 -24.42
N ILE A 182 -25.95 12.27 -23.33
CA ILE A 182 -26.72 11.54 -22.32
C ILE A 182 -28.18 11.88 -22.54
N ARG A 183 -28.97 10.88 -22.83
CA ARG A 183 -30.42 11.05 -23.08
C ARG A 183 -31.03 10.88 -21.68
N VAL A 184 -32.16 11.55 -21.43
CA VAL A 184 -32.81 11.46 -20.16
C VAL A 184 -34.32 11.44 -20.47
N ASN A 185 -34.98 10.38 -20.00
CA ASN A 185 -36.41 10.20 -20.24
C ASN A 185 -37.12 9.75 -19.01
N ALA A 186 -38.43 9.97 -19.00
CA ALA A 186 -39.29 9.42 -17.97
C ALA A 186 -40.06 8.29 -18.66
N LEU A 187 -40.27 7.19 -17.96
CA LEU A 187 -41.22 6.17 -18.41
C LEU A 187 -42.43 6.11 -17.43
N LEU A 188 -43.62 6.13 -18.00
CA LEU A 188 -44.88 6.32 -17.24
C LEU A 188 -45.78 5.11 -17.54
N PRO A 189 -45.74 4.10 -16.66
CA PRO A 189 -46.58 2.94 -16.79
C PRO A 189 -48.03 3.26 -16.46
N GLY A 190 -48.93 2.47 -17.03
CA GLY A 190 -50.32 2.34 -16.58
C GLY A 190 -50.38 1.25 -15.51
N GLY A 191 -51.57 0.79 -15.17
CA GLY A 191 -51.73 -0.30 -14.17
C GLY A 191 -50.94 -1.53 -14.62
N THR A 192 -50.14 -2.04 -13.70
CA THR A 192 -49.21 -3.13 -13.99
C THR A 192 -49.36 -4.16 -12.88
N ASP A 193 -49.37 -5.44 -13.27
CA ASP A 193 -49.72 -6.52 -12.35
C ASP A 193 -48.53 -6.78 -11.39
N THR A 194 -48.38 -5.94 -10.37
CA THR A 194 -47.31 -6.08 -9.38
C THR A 194 -47.92 -5.83 -8.00
N PRO A 195 -47.13 -5.95 -6.91
CA PRO A 195 -47.61 -5.62 -5.54
C PRO A 195 -48.00 -4.16 -5.32
N ALA A 196 -47.55 -3.25 -6.20
CA ALA A 196 -47.87 -1.81 -6.06
C ALA A 196 -49.19 -1.42 -6.73
N ASN A 197 -49.83 -2.34 -7.42
CA ASN A 197 -51.04 -2.02 -8.16
C ASN A 197 -52.20 -1.95 -7.18
N PHE A 198 -53.04 -0.91 -7.34
CA PHE A 198 -54.25 -0.72 -6.47
C PHE A 198 -55.01 -2.03 -6.16
N ALA A 199 -55.26 -2.78 -7.21
CA ALA A 199 -55.97 -4.04 -7.14
C ALA A 199 -55.33 -5.13 -6.29
N ASN A 200 -54.03 -5.17 -6.27
CA ASN A 200 -53.28 -6.18 -5.55
C ASN A 200 -52.96 -5.96 -4.07
N LEU A 201 -53.30 -4.78 -3.56
CA LEU A 201 -53.01 -4.36 -2.18
C LEU A 201 -53.81 -5.19 -1.21
N PRO A 202 -53.44 -5.22 0.05
CA PRO A 202 -53.63 -6.30 0.99
C PRO A 202 -54.99 -6.95 1.38
N GLY A 203 -56.16 -6.36 1.53
CA GLY A 203 -56.53 -4.99 1.31
C GLY A 203 -57.76 -4.84 0.41
N ALA A 204 -57.52 -4.98 -0.87
CA ALA A 204 -58.38 -4.55 -1.91
C ALA A 204 -59.76 -5.15 -2.03
N ALA A 205 -60.73 -4.35 -2.42
CA ALA A 205 -62.06 -4.87 -2.64
C ALA A 205 -61.99 -5.75 -3.93
N PRO A 206 -62.77 -6.88 -3.99
CA PRO A 206 -62.82 -7.63 -5.27
C PRO A 206 -62.97 -6.77 -6.53
N GLU A 207 -63.82 -5.75 -6.44
CA GLU A 207 -64.21 -5.00 -7.63
C GLU A 207 -63.09 -4.05 -8.15
N THR A 208 -62.06 -3.87 -7.35
CA THR A 208 -60.94 -3.01 -7.74
C THR A 208 -60.23 -3.48 -9.01
N ARG A 209 -60.05 -4.78 -9.18
CA ARG A 209 -59.34 -5.26 -10.34
C ARG A 209 -60.03 -4.89 -11.61
N GLY A 210 -61.33 -5.09 -11.68
CA GLY A 210 -62.09 -4.70 -12.84
C GLY A 210 -62.08 -3.21 -13.04
N PHE A 211 -62.19 -2.46 -11.96
CA PHE A 211 -62.11 -1.01 -12.01
C PHE A 211 -60.76 -0.59 -12.66
N VAL A 212 -59.66 -1.14 -12.14
CA VAL A 212 -58.31 -0.79 -12.63
C VAL A 212 -58.16 -1.22 -14.11
N GLU A 213 -58.60 -2.44 -14.46
CA GLU A 213 -58.44 -2.90 -15.85
C GLU A 213 -59.15 -1.96 -16.77
N GLY A 214 -60.37 -1.55 -16.37
CA GLY A 214 -61.27 -0.73 -17.18
C GLY A 214 -60.73 0.69 -17.30
N LEU A 215 -59.66 1.03 -16.58
CA LEU A 215 -59.06 2.37 -16.76
C LEU A 215 -58.29 2.47 -18.10
N HIS A 216 -58.03 1.33 -18.72
CA HIS A 216 -57.10 1.25 -19.84
C HIS A 216 -57.84 1.05 -21.14
N ALA A 217 -57.41 1.74 -22.19
CA ALA A 217 -58.02 1.53 -23.51
C ALA A 217 -57.91 0.04 -23.90
N LEU A 218 -56.81 -0.60 -23.49
CA LEU A 218 -56.61 -2.04 -23.79
C LEU A 218 -57.47 -2.97 -22.92
N LYS A 219 -58.07 -2.39 -21.87
CA LYS A 219 -58.97 -3.13 -20.96
C LYS A 219 -58.26 -4.28 -20.22
N ARG A 220 -57.00 -4.10 -19.86
CA ARG A 220 -56.26 -5.12 -19.13
C ARG A 220 -55.12 -4.40 -18.44
N ILE A 221 -54.53 -5.04 -17.46
CA ILE A 221 -53.45 -4.48 -16.69
C ILE A 221 -52.23 -5.10 -17.36
N ALA A 222 -51.15 -4.34 -17.45
CA ALA A 222 -49.88 -4.82 -18.02
C ALA A 222 -49.22 -5.94 -17.26
N ARG A 223 -48.60 -6.90 -17.97
CA ARG A 223 -47.61 -7.79 -17.35
C ARG A 223 -46.36 -6.89 -17.12
N PRO A 224 -45.57 -7.11 -16.03
CA PRO A 224 -44.39 -6.27 -15.77
C PRO A 224 -43.41 -6.28 -16.95
N GLU A 225 -43.30 -7.44 -17.62
CA GLU A 225 -42.47 -7.58 -18.82
C GLU A 225 -42.79 -6.57 -19.90
N GLU A 226 -44.07 -6.20 -20.05
CA GLU A 226 -44.42 -5.19 -21.05
C GLU A 226 -43.80 -3.83 -20.74
N ILE A 227 -43.72 -3.47 -19.45
CA ILE A 227 -43.10 -2.21 -19.06
C ILE A 227 -41.58 -2.28 -19.18
N ALA A 228 -41.02 -3.44 -18.80
CA ALA A 228 -39.61 -3.69 -19.02
C ALA A 228 -39.10 -3.55 -20.51
N GLU A 229 -39.89 -4.02 -21.50
CA GLU A 229 -39.64 -3.87 -22.94
C GLU A 229 -39.61 -2.39 -23.29
N ALA A 230 -40.49 -1.60 -22.65
CA ALA A 230 -40.44 -0.14 -22.89
C ALA A 230 -39.17 0.50 -22.33
N ALA A 231 -38.80 0.08 -21.12
CA ALA A 231 -37.56 0.54 -20.57
C ALA A 231 -36.37 0.04 -21.44
N LEU A 232 -36.44 -1.19 -21.92
CA LEU A 232 -35.34 -1.67 -22.80
C LEU A 232 -35.31 -0.78 -24.05
N TYR A 233 -36.46 -0.52 -24.68
CA TYR A 233 -36.46 0.44 -25.81
C TYR A 233 -35.64 1.71 -25.49
N LEU A 234 -35.98 2.37 -24.37
CA LEU A 234 -35.37 3.65 -24.07
C LEU A 234 -33.87 3.59 -23.76
N ALA A 235 -33.39 2.43 -23.27
CA ALA A 235 -31.96 2.24 -23.02
C ALA A 235 -31.23 1.82 -24.34
N SER A 236 -32.02 1.37 -25.33
CA SER A 236 -31.47 0.79 -26.56
C SER A 236 -30.96 1.88 -27.52
N ASP A 237 -30.10 1.47 -28.45
CA ASP A 237 -29.66 2.40 -29.49
C ASP A 237 -30.78 2.81 -30.42
N GLY A 238 -31.84 2.02 -30.45
CA GLY A 238 -33.10 2.37 -31.13
C GLY A 238 -33.78 3.65 -30.65
N ALA A 239 -33.42 4.11 -29.45
CA ALA A 239 -33.90 5.38 -28.84
C ALA A 239 -32.87 6.50 -28.90
N SER A 240 -31.94 6.46 -29.87
CA SER A 240 -30.88 7.46 -29.97
C SER A 240 -31.33 8.90 -30.18
N PHE A 241 -32.51 9.12 -30.74
CA PHE A 241 -32.97 10.49 -30.83
C PHE A 241 -34.17 10.78 -29.87
N VAL A 242 -34.29 10.03 -28.78
CA VAL A 242 -35.41 10.20 -27.82
C VAL A 242 -34.78 10.73 -26.57
N THR A 243 -35.07 11.97 -26.24
CA THR A 243 -34.63 12.53 -24.94
C THR A 243 -35.58 13.63 -24.50
N GLY A 244 -35.64 13.85 -23.20
CA GLY A 244 -36.57 14.80 -22.68
C GLY A 244 -38.02 14.36 -22.74
N ALA A 245 -38.27 13.13 -23.15
CA ALA A 245 -39.63 12.59 -23.32
C ALA A 245 -40.24 11.95 -22.03
N ALA A 246 -41.55 12.04 -21.98
CA ALA A 246 -42.28 11.23 -21.00
C ALA A 246 -43.06 10.23 -21.81
N LEU A 247 -42.51 9.03 -21.95
CA LEU A 247 -43.10 7.99 -22.74
C LEU A 247 -44.21 7.26 -21.95
N LEU A 248 -45.45 7.37 -22.40
CA LEU A 248 -46.55 6.67 -21.73
C LEU A 248 -46.53 5.23 -22.28
N ALA A 249 -46.24 4.28 -21.40
CA ALA A 249 -46.53 2.87 -21.67
C ALA A 249 -47.65 2.48 -20.72
N ASP A 250 -48.86 2.99 -21.01
CA ASP A 250 -49.95 2.95 -20.06
C ASP A 250 -51.24 2.31 -20.58
N GLY A 251 -51.18 1.54 -21.68
CA GLY A 251 -52.37 0.87 -22.25
C GLY A 251 -53.49 1.80 -22.64
N GLY A 252 -53.19 3.10 -22.82
CA GLY A 252 -54.21 4.08 -23.21
C GLY A 252 -54.93 4.71 -22.01
N ALA A 253 -54.45 4.42 -20.80
CA ALA A 253 -55.07 4.96 -19.58
C ALA A 253 -55.21 6.47 -19.65
N SER A 254 -54.20 7.13 -20.19
CA SER A 254 -54.17 8.58 -20.21
C SER A 254 -55.30 9.20 -20.98
N VAL A 255 -55.76 8.50 -22.03
CA VAL A 255 -56.76 9.01 -22.96
C VAL A 255 -58.16 8.40 -22.78
N THR A 256 -58.22 7.44 -21.86
CA THR A 256 -59.43 6.68 -21.56
C THR A 256 -60.18 7.37 -20.41
N LYS A 257 -61.46 7.59 -20.61
CA LYS A 257 -62.27 8.07 -19.48
C LYS A 257 -63.43 7.11 -19.13
N SER B 4 -68.00 46.09 -16.29
CA SER B 4 -67.36 46.53 -17.59
C SER B 4 -65.93 45.95 -17.82
N ARG B 5 -65.81 44.64 -17.64
CA ARG B 5 -64.51 43.96 -17.88
C ARG B 5 -64.03 43.91 -19.29
N LEU B 6 -64.93 44.19 -20.24
CA LEU B 6 -64.48 44.35 -21.63
C LEU B 6 -64.74 45.75 -22.21
N GLU B 7 -64.82 46.75 -21.33
CA GLU B 7 -65.29 48.07 -21.81
C GLU B 7 -64.38 48.53 -22.91
N GLY B 8 -64.96 49.05 -23.99
CA GLY B 8 -64.17 49.62 -25.09
C GLY B 8 -63.80 48.59 -26.17
N LYS B 9 -64.03 47.31 -25.90
CA LYS B 9 -63.58 46.31 -26.86
C LYS B 9 -64.65 46.09 -27.92
N ILE B 10 -64.22 45.64 -29.09
CA ILE B 10 -65.13 45.26 -30.18
C ILE B 10 -64.83 43.76 -30.46
N ALA B 11 -65.84 42.91 -30.34
CA ALA B 11 -65.64 41.44 -30.43
C ALA B 11 -66.50 40.79 -31.53
N ILE B 12 -65.91 39.88 -32.30
CA ILE B 12 -66.65 38.86 -33.06
C ILE B 12 -66.89 37.63 -32.20
N VAL B 13 -68.12 37.13 -32.19
CA VAL B 13 -68.44 35.84 -31.61
C VAL B 13 -69.06 34.95 -32.68
N THR B 14 -68.45 33.80 -32.97
CA THR B 14 -69.04 32.88 -33.95
C THR B 14 -69.64 31.73 -33.19
N GLY B 15 -70.55 30.99 -33.85
CA GLY B 15 -71.36 29.97 -33.20
C GLY B 15 -72.23 30.59 -32.12
N ALA B 16 -72.83 31.74 -32.42
CA ALA B 16 -73.57 32.54 -31.42
C ALA B 16 -75.01 32.15 -31.09
N SER B 17 -75.58 31.27 -31.91
CA SER B 17 -77.01 31.00 -31.90
C SER B 17 -77.50 30.11 -30.77
N SER B 18 -76.58 29.37 -30.13
CA SER B 18 -76.93 28.74 -28.86
C SER B 18 -75.73 28.48 -27.90
N GLY B 19 -75.99 27.71 -26.84
CA GLY B 19 -75.14 27.42 -25.69
C GLY B 19 -74.04 28.44 -25.35
N ILE B 20 -72.78 28.00 -25.54
CA ILE B 20 -71.59 28.80 -25.15
C ILE B 20 -71.49 30.09 -25.90
N GLY B 21 -71.57 30.02 -27.24
CA GLY B 21 -71.46 31.23 -28.07
C GLY B 21 -72.50 32.26 -27.66
N ARG B 22 -73.74 31.82 -27.47
CA ARG B 22 -74.82 32.71 -27.08
C ARG B 22 -74.57 33.35 -25.73
N ALA B 23 -74.17 32.53 -24.75
CA ALA B 23 -73.86 33.06 -23.41
C ALA B 23 -72.66 34.03 -23.48
N ALA B 24 -71.70 33.74 -24.35
CA ALA B 24 -70.59 34.67 -24.51
C ALA B 24 -70.93 35.98 -25.20
N ALA B 25 -71.69 35.92 -26.27
CA ALA B 25 -72.09 37.18 -26.87
C ALA B 25 -72.85 38.06 -25.85
N LEU B 26 -73.77 37.47 -25.11
CA LEU B 26 -74.57 38.17 -24.07
C LEU B 26 -73.70 38.73 -22.97
N LEU B 27 -72.75 37.92 -22.48
CA LEU B 27 -71.84 38.36 -21.40
C LEU B 27 -70.90 39.48 -21.81
N PHE B 28 -70.23 39.33 -22.98
CA PHE B 28 -69.34 40.33 -23.51
C PHE B 28 -70.09 41.65 -23.68
N ALA B 29 -71.32 41.57 -24.23
CA ALA B 29 -72.08 42.82 -24.40
C ALA B 29 -72.41 43.47 -23.06
N ARG B 30 -72.89 42.67 -22.11
CA ARG B 30 -73.13 43.18 -20.73
C ARG B 30 -71.88 43.89 -20.16
N GLU B 31 -70.68 43.44 -20.56
CA GLU B 31 -69.42 43.86 -19.90
C GLU B 31 -68.75 44.95 -20.71
N GLY B 32 -69.53 45.56 -21.61
CA GLY B 32 -69.08 46.72 -22.37
C GLY B 32 -68.46 46.54 -23.74
N ALA B 33 -68.37 45.31 -24.24
CA ALA B 33 -67.92 45.13 -25.62
C ALA B 33 -69.09 45.33 -26.61
N LYS B 34 -68.74 45.87 -27.75
CA LYS B 34 -69.58 45.90 -28.96
C LYS B 34 -69.32 44.55 -29.67
N VAL B 35 -70.40 43.81 -29.97
CA VAL B 35 -70.29 42.38 -30.39
C VAL B 35 -70.79 42.18 -31.82
N VAL B 36 -70.00 41.54 -32.67
CA VAL B 36 -70.52 41.10 -33.97
C VAL B 36 -70.79 39.61 -33.84
N VAL B 37 -72.03 39.20 -34.11
CA VAL B 37 -72.42 37.80 -33.90
C VAL B 37 -72.72 37.10 -35.23
N THR B 38 -72.45 35.80 -35.28
CA THR B 38 -72.75 34.97 -36.45
C THR B 38 -73.15 33.54 -36.09
N ALA B 39 -73.96 32.92 -36.97
CA ALA B 39 -74.38 31.55 -36.84
C ALA B 39 -75.15 31.25 -38.15
N ARG B 40 -75.61 30.02 -38.34
CA ARG B 40 -76.41 29.75 -39.54
C ARG B 40 -77.86 30.16 -39.38
N ASN B 41 -78.36 30.05 -38.15
CA ASN B 41 -79.75 30.29 -37.81
C ASN B 41 -80.11 31.74 -37.51
N GLY B 42 -80.42 32.47 -38.57
CA GLY B 42 -80.92 33.82 -38.43
C GLY B 42 -82.02 34.06 -37.41
N ASN B 43 -82.94 33.12 -37.26
CA ASN B 43 -83.99 33.30 -36.27
C ASN B 43 -83.44 33.34 -34.83
N ALA B 44 -82.51 32.43 -34.53
CA ALA B 44 -81.81 32.47 -33.22
C ALA B 44 -80.98 33.72 -33.07
N LEU B 45 -80.27 34.12 -34.11
CA LEU B 45 -79.51 35.37 -34.00
C LEU B 45 -80.39 36.58 -33.61
N ALA B 46 -81.60 36.62 -34.18
CA ALA B 46 -82.51 37.74 -33.92
C ALA B 46 -83.00 37.76 -32.46
N GLU B 47 -83.23 36.58 -31.87
CA GLU B 47 -83.60 36.48 -30.48
C GLU B 47 -82.41 36.94 -29.60
N LEU B 48 -81.22 36.51 -30.02
CA LEU B 48 -79.98 36.93 -29.37
C LEU B 48 -79.71 38.44 -29.47
N THR B 49 -79.69 39.02 -30.66
CA THR B 49 -79.46 40.46 -30.77
C THR B 49 -80.54 41.32 -30.09
N ASP B 50 -81.74 40.75 -29.95
CA ASP B 50 -82.86 41.41 -29.31
C ASP B 50 -82.51 41.52 -27.85
N GLU B 51 -82.05 40.39 -27.28
CA GLU B 51 -81.83 40.30 -25.87
C GLU B 51 -80.69 41.19 -25.48
N ILE B 52 -79.74 41.37 -26.40
CA ILE B 52 -78.59 42.25 -26.12
C ILE B 52 -79.07 43.69 -26.08
N ALA B 53 -79.85 44.10 -27.08
CA ALA B 53 -80.47 45.43 -27.09
C ALA B 53 -81.46 45.46 -25.92
N GLY B 54 -81.55 46.58 -25.23
CA GLY B 54 -82.52 46.57 -24.12
C GLY B 54 -81.98 45.89 -22.88
N GLY B 55 -80.78 45.33 -23.00
CA GLY B 55 -79.87 45.19 -21.86
C GLY B 55 -78.95 46.41 -21.89
N GLY B 56 -79.08 47.23 -22.93
CA GLY B 56 -78.25 48.39 -23.13
C GLY B 56 -77.03 48.17 -24.01
N GLY B 57 -76.78 46.93 -24.43
CA GLY B 57 -75.65 46.65 -25.32
C GLY B 57 -75.93 46.83 -26.81
N GLU B 58 -74.86 46.97 -27.59
CA GLU B 58 -74.92 47.03 -29.05
C GLU B 58 -74.37 45.74 -29.63
N ALA B 59 -75.12 45.16 -30.57
CA ALA B 59 -74.68 43.96 -31.30
C ALA B 59 -75.09 44.10 -32.77
N ALA B 60 -74.24 43.61 -33.70
CA ALA B 60 -74.58 43.43 -35.13
C ALA B 60 -74.50 41.94 -35.48
N ALA B 61 -75.33 41.49 -36.42
CA ALA B 61 -75.33 40.08 -36.82
C ALA B 61 -75.17 39.88 -38.31
N LEU B 62 -74.69 38.70 -38.67
CA LEU B 62 -74.58 38.28 -40.06
C LEU B 62 -74.77 36.78 -40.04
N ALA B 63 -75.79 36.30 -40.76
CA ALA B 63 -76.06 34.88 -40.82
C ALA B 63 -75.29 34.26 -41.96
N GLY B 64 -74.72 33.08 -41.75
CA GLY B 64 -73.89 32.46 -42.82
C GLY B 64 -73.27 31.15 -42.39
N ASP B 65 -72.61 30.48 -43.32
CA ASP B 65 -71.98 29.22 -42.99
C ASP B 65 -70.54 29.59 -42.65
N VAL B 66 -70.12 29.13 -41.48
CA VAL B 66 -68.81 29.55 -40.92
C VAL B 66 -67.63 28.86 -41.69
N GLY B 67 -67.96 27.85 -42.51
CA GLY B 67 -67.02 27.33 -43.52
C GLY B 67 -66.78 28.23 -44.75
N ASP B 68 -67.56 29.29 -44.94
CA ASP B 68 -67.37 30.15 -46.15
C ASP B 68 -66.39 31.28 -45.95
N GLU B 69 -65.46 31.39 -46.88
CA GLU B 69 -64.50 32.43 -46.84
C GLU B 69 -65.18 33.79 -46.90
N ALA B 70 -66.22 33.94 -47.74
CA ALA B 70 -66.84 35.25 -47.86
C ALA B 70 -67.54 35.70 -46.57
N LEU B 71 -68.13 34.78 -45.80
CA LEU B 71 -68.66 35.20 -44.50
C LEU B 71 -67.56 35.81 -43.63
N HIS B 72 -66.41 35.14 -43.53
CA HIS B 72 -65.38 35.65 -42.61
C HIS B 72 -64.94 37.08 -42.99
N GLU B 73 -64.72 37.30 -44.29
CA GLU B 73 -64.40 38.62 -44.78
C GLU B 73 -65.48 39.63 -44.46
N ALA B 74 -66.73 39.24 -44.66
CA ALA B 74 -67.84 40.16 -44.49
C ALA B 74 -67.97 40.46 -43.04
N LEU B 75 -67.91 39.42 -42.21
CA LEU B 75 -67.97 39.61 -40.75
C LEU B 75 -67.02 40.67 -40.16
N VAL B 76 -65.79 40.66 -40.62
CA VAL B 76 -64.80 41.61 -40.11
C VAL B 76 -65.12 43.00 -40.72
N GLU B 77 -65.39 43.02 -42.03
CA GLU B 77 -65.81 44.28 -42.63
C GLU B 77 -66.96 44.96 -41.89
N LEU B 78 -67.92 44.15 -41.40
CA LEU B 78 -69.02 44.61 -40.57
C LEU B 78 -68.56 45.28 -39.30
N ALA B 79 -67.62 44.61 -38.61
CA ALA B 79 -67.18 45.05 -37.30
C ALA B 79 -66.55 46.43 -37.44
N VAL B 80 -65.75 46.53 -38.49
CA VAL B 80 -65.02 47.73 -38.79
C VAL B 80 -65.95 48.83 -39.32
N ARG B 81 -67.04 48.42 -39.96
CA ARG B 81 -68.02 49.37 -40.53
C ARG B 81 -68.85 49.96 -39.43
N ARG B 82 -69.45 49.08 -38.64
CA ARG B 82 -70.41 49.42 -37.64
C ARG B 82 -69.77 50.07 -36.39
N PHE B 83 -68.62 49.54 -35.95
CA PHE B 83 -68.02 49.88 -34.64
C PHE B 83 -66.63 50.53 -34.73
N GLY B 84 -65.96 50.42 -35.88
CA GLY B 84 -64.74 51.16 -36.14
C GLY B 84 -63.46 50.36 -36.12
N GLY B 85 -63.56 49.06 -35.87
CA GLY B 85 -62.33 48.26 -35.78
C GLY B 85 -62.69 46.95 -35.11
N LEU B 86 -61.67 46.17 -34.73
CA LEU B 86 -61.86 44.87 -34.12
C LEU B 86 -60.73 44.62 -33.15
N ASP B 87 -61.08 44.29 -31.89
CA ASP B 87 -60.13 44.03 -30.77
C ASP B 87 -59.94 42.54 -30.54
N THR B 88 -61.05 41.80 -30.65
CA THR B 88 -61.05 40.42 -30.15
C THR B 88 -62.04 39.57 -30.92
N ALA B 89 -61.78 38.28 -30.96
CA ALA B 89 -62.68 37.34 -31.64
C ALA B 89 -62.73 36.10 -30.76
N PHE B 90 -63.93 35.59 -30.56
CA PHE B 90 -64.14 34.32 -29.91
C PHE B 90 -64.66 33.40 -31.00
N ASN B 91 -63.72 32.68 -31.62
CA ASN B 91 -64.06 31.68 -32.61
C ASN B 91 -64.61 30.38 -32.04
N ASN B 92 -65.93 30.35 -31.80
CA ASN B 92 -66.57 29.29 -31.04
C ASN B 92 -67.46 28.31 -31.85
N ALA B 93 -67.76 28.64 -33.10
CA ALA B 93 -68.44 27.71 -34.01
C ALA B 93 -67.80 26.31 -34.00
N GLY B 94 -68.64 25.30 -33.95
CA GLY B 94 -68.22 23.94 -34.21
C GLY B 94 -69.38 23.02 -33.94
N ALA B 95 -69.26 21.77 -34.38
CA ALA B 95 -70.35 20.82 -34.21
C ALA B 95 -69.66 19.46 -34.14
N LEU B 96 -70.33 18.52 -33.48
CA LEU B 96 -69.89 17.14 -33.37
C LEU B 96 -69.69 16.53 -34.80
N GLY B 97 -70.51 16.94 -35.75
CA GLY B 97 -70.39 16.39 -37.09
C GLY B 97 -70.70 14.91 -37.09
N ALA B 98 -70.23 14.23 -38.15
CA ALA B 98 -70.65 12.84 -38.38
C ALA B 98 -69.86 11.89 -37.51
N MET B 99 -70.63 11.04 -36.83
CA MET B 99 -70.09 10.16 -35.86
C MET B 99 -70.36 8.71 -36.29
N GLY B 100 -69.70 7.76 -35.66
CA GLY B 100 -69.72 6.37 -36.15
C GLY B 100 -68.34 5.73 -36.09
N GLU B 101 -68.36 4.41 -36.15
CA GLU B 101 -67.14 3.64 -36.14
C GLU B 101 -66.27 4.04 -37.34
N ILE B 102 -64.96 4.16 -37.11
CA ILE B 102 -64.05 4.72 -38.12
C ILE B 102 -64.32 4.21 -39.58
N SER B 103 -64.53 2.92 -39.73
CA SER B 103 -64.49 2.35 -41.08
C SER B 103 -65.79 2.55 -41.87
N SER B 104 -66.80 3.08 -41.16
CA SER B 104 -68.14 3.34 -41.65
C SER B 104 -68.28 4.78 -42.06
N LEU B 105 -67.31 5.64 -41.65
CA LEU B 105 -67.41 7.06 -41.91
C LEU B 105 -67.13 7.43 -43.36
N SER B 106 -67.83 8.42 -43.87
CA SER B 106 -67.51 8.88 -45.24
C SER B 106 -66.46 9.97 -45.25
N VAL B 107 -65.76 10.11 -46.36
CA VAL B 107 -64.78 11.15 -46.51
C VAL B 107 -65.57 12.45 -46.60
N GLU B 108 -66.75 12.45 -47.25
CA GLU B 108 -67.64 13.63 -47.24
C GLU B 108 -67.95 14.19 -45.82
N GLY B 109 -68.31 13.28 -44.93
CA GLY B 109 -68.62 13.57 -43.54
C GLY B 109 -67.37 14.08 -42.80
N TRP B 110 -66.21 13.43 -43.00
CA TRP B 110 -64.90 13.89 -42.50
C TRP B 110 -64.60 15.33 -42.97
N ARG B 111 -64.78 15.61 -44.26
CA ARG B 111 -64.43 16.96 -44.75
C ARG B 111 -65.40 18.04 -44.23
N GLU B 112 -66.71 17.73 -44.13
CA GLU B 112 -67.69 18.69 -43.56
C GLU B 112 -67.32 19.05 -42.11
N THR B 113 -66.98 18.01 -41.32
CA THR B 113 -66.66 18.22 -39.91
C THR B 113 -65.42 19.11 -39.82
N LEU B 114 -64.38 18.82 -40.62
CA LEU B 114 -63.13 19.58 -40.57
C LEU B 114 -63.36 20.98 -41.09
N ASP B 115 -64.22 21.12 -42.10
CA ASP B 115 -64.55 22.44 -42.61
C ASP B 115 -65.19 23.32 -41.57
N THR B 116 -66.19 22.78 -40.87
CA THR B 116 -66.96 23.59 -39.91
C THR B 116 -66.11 23.92 -38.68
N ASN B 117 -65.25 22.97 -38.27
CA ASN B 117 -64.56 23.06 -36.98
C ASN B 117 -63.14 23.67 -37.11
N LEU B 118 -62.45 23.40 -38.24
CA LEU B 118 -61.03 23.77 -38.33
C LEU B 118 -60.73 24.76 -39.51
N THR B 119 -61.26 24.47 -40.70
CA THR B 119 -61.11 25.44 -41.82
C THR B 119 -61.71 26.80 -41.49
N SER B 120 -62.89 26.78 -40.87
CA SER B 120 -63.52 28.00 -40.28
C SER B 120 -62.53 28.87 -39.47
N ALA B 121 -61.69 28.22 -38.65
CA ALA B 121 -60.74 28.92 -37.80
C ALA B 121 -59.57 29.54 -38.59
N PHE B 122 -59.11 28.86 -39.62
CA PHE B 122 -58.11 29.41 -40.49
C PHE B 122 -58.68 30.68 -41.18
N LEU B 123 -59.86 30.54 -41.75
CA LEU B 123 -60.48 31.65 -42.46
C LEU B 123 -60.76 32.81 -41.50
N ALA B 124 -61.26 32.49 -40.29
CA ALA B 124 -61.45 33.49 -39.23
C ALA B 124 -60.17 34.26 -38.98
N ALA B 125 -59.06 33.56 -38.83
CA ALA B 125 -57.78 34.16 -38.58
C ALA B 125 -57.37 35.03 -39.75
N LYS B 126 -57.58 34.55 -40.94
CA LYS B 126 -57.11 35.17 -42.14
C LYS B 126 -57.69 36.58 -42.30
N TYR B 127 -58.95 36.73 -41.93
CA TYR B 127 -59.59 38.03 -41.98
C TYR B 127 -59.53 38.87 -40.68
N GLN B 128 -59.50 38.20 -39.55
CA GLN B 128 -59.54 38.91 -38.29
C GLN B 128 -58.24 39.56 -37.93
N VAL B 129 -57.12 38.86 -38.20
CA VAL B 129 -55.78 39.33 -37.82
C VAL B 129 -55.40 40.75 -38.38
N PRO B 130 -55.67 41.02 -39.67
CA PRO B 130 -55.36 42.40 -40.15
C PRO B 130 -56.08 43.51 -39.41
N ALA B 131 -57.35 43.30 -39.10
CA ALA B 131 -58.15 44.33 -38.41
C ALA B 131 -57.72 44.51 -36.96
N ILE B 132 -57.40 43.38 -36.31
CA ILE B 132 -56.82 43.42 -34.97
C ILE B 132 -55.39 44.04 -34.97
N ALA B 133 -54.54 43.65 -35.92
CA ALA B 133 -53.22 44.27 -36.04
C ALA B 133 -53.33 45.80 -36.25
N ALA B 134 -54.38 46.25 -36.89
CA ALA B 134 -54.70 47.68 -37.05
C ALA B 134 -54.96 48.47 -35.76
N LEU B 135 -55.69 47.92 -34.80
CA LEU B 135 -55.82 48.60 -33.54
C LEU B 135 -54.52 48.43 -32.74
N GLY B 136 -53.59 47.67 -33.25
CA GLY B 136 -52.41 47.40 -32.49
C GLY B 136 -52.45 46.28 -31.48
N GLY B 137 -53.49 45.46 -31.53
CA GLY B 137 -53.63 44.25 -30.75
C GLY B 137 -55.09 44.10 -30.37
N GLY B 138 -55.51 43.11 -29.60
CA GLY B 138 -54.73 42.00 -29.22
C GLY B 138 -55.20 40.56 -29.05
N SER B 139 -56.44 40.11 -29.32
CA SER B 139 -56.69 38.66 -29.13
C SER B 139 -57.63 37.84 -30.01
N LEU B 140 -57.25 36.56 -30.20
CA LEU B 140 -58.09 35.52 -30.79
C LEU B 140 -58.16 34.28 -29.87
N THR B 141 -59.38 33.83 -29.56
CA THR B 141 -59.66 32.60 -28.82
C THR B 141 -60.43 31.63 -29.71
N PHE B 142 -60.04 30.38 -29.66
CA PHE B 142 -60.72 29.35 -30.42
C PHE B 142 -61.23 28.30 -29.51
N THR B 143 -62.50 27.91 -29.69
CA THR B 143 -63.08 26.81 -28.85
C THR B 143 -62.66 25.44 -29.35
N SER B 144 -61.79 24.80 -28.57
CA SER B 144 -61.38 23.46 -28.85
C SER B 144 -62.29 22.53 -28.02
N SER B 145 -61.70 21.49 -27.43
CA SER B 145 -62.37 20.52 -26.58
C SER B 145 -61.30 19.75 -25.82
N PHE B 146 -61.59 19.30 -24.58
CA PHE B 146 -60.74 18.28 -24.00
C PHE B 146 -60.65 17.02 -24.88
N VAL B 147 -61.72 16.75 -25.64
CA VAL B 147 -61.76 15.62 -26.56
C VAL B 147 -60.72 15.80 -27.68
N GLY B 148 -59.81 14.83 -27.83
CA GLY B 148 -58.67 14.93 -28.74
C GLY B 148 -57.43 15.63 -28.19
N HIS B 149 -57.56 16.23 -27.04
CA HIS B 149 -56.41 16.76 -26.34
C HIS B 149 -56.00 15.95 -25.08
N THR B 150 -56.98 15.61 -24.23
CA THR B 150 -56.72 14.75 -23.08
C THR B 150 -57.58 13.48 -23.00
N ALA B 151 -58.40 13.23 -24.00
CA ALA B 151 -59.30 12.08 -24.00
C ALA B 151 -59.79 11.72 -25.38
N GLY B 152 -59.94 10.41 -25.59
CA GLY B 152 -60.62 9.91 -26.76
C GLY B 152 -61.91 9.21 -26.36
N PHE B 153 -62.84 9.13 -27.31
CA PHE B 153 -64.11 8.34 -27.16
C PHE B 153 -64.30 7.62 -28.47
N ALA B 154 -64.99 6.46 -28.42
CA ALA B 154 -65.45 5.72 -29.61
C ALA B 154 -66.37 6.58 -30.50
N GLY B 155 -66.16 6.54 -31.81
CA GLY B 155 -67.17 7.10 -32.71
C GLY B 155 -66.95 8.56 -33.06
N VAL B 156 -65.89 9.17 -32.52
CA VAL B 156 -65.80 10.61 -32.61
C VAL B 156 -64.51 11.09 -33.30
N ALA B 157 -63.90 10.23 -34.08
CA ALA B 157 -62.56 10.60 -34.66
C ALA B 157 -62.45 11.94 -35.43
N PRO B 158 -63.40 12.25 -36.36
CA PRO B 158 -63.38 13.57 -37.03
C PRO B 158 -63.50 14.76 -36.07
N TYR B 159 -64.41 14.70 -35.10
CA TYR B 159 -64.47 15.81 -34.16
C TYR B 159 -63.15 15.95 -33.37
N ALA B 160 -62.65 14.83 -32.84
CA ALA B 160 -61.42 14.89 -32.05
C ALA B 160 -60.22 15.43 -32.85
N ALA B 161 -60.07 14.99 -34.11
CA ALA B 161 -58.99 15.51 -34.95
C ALA B 161 -59.19 16.99 -35.23
N SER B 162 -60.44 17.42 -35.47
CA SER B 162 -60.63 18.84 -35.77
C SER B 162 -60.35 19.73 -34.57
N LYS B 163 -60.77 19.27 -33.38
CA LYS B 163 -60.52 20.02 -32.16
C LYS B 163 -59.04 20.06 -31.79
N ALA B 164 -58.36 18.94 -31.95
CA ALA B 164 -56.90 18.91 -31.69
C ALA B 164 -56.15 19.86 -32.67
N GLY B 165 -56.61 19.92 -33.90
CA GLY B 165 -55.99 20.80 -34.95
C GLY B 165 -55.98 22.26 -34.54
N LEU B 166 -57.03 22.68 -33.83
CA LEU B 166 -57.10 24.04 -33.35
C LEU B 166 -55.99 24.35 -32.40
N ILE B 167 -55.54 23.38 -31.62
CA ILE B 167 -54.41 23.64 -30.72
C ILE B 167 -53.15 23.91 -31.56
N GLY B 168 -52.93 23.13 -32.61
CA GLY B 168 -51.77 23.40 -33.50
C GLY B 168 -51.83 24.79 -34.14
N LEU B 169 -53.01 25.16 -34.62
CA LEU B 169 -53.21 26.43 -35.25
C LEU B 169 -52.89 27.53 -34.22
N VAL B 170 -53.42 27.39 -33.00
CA VAL B 170 -53.09 28.32 -31.89
C VAL B 170 -51.60 28.49 -31.58
N GLN B 171 -50.88 27.38 -31.50
CA GLN B 171 -49.44 27.53 -31.15
C GLN B 171 -48.70 28.28 -32.27
N ALA B 172 -48.99 27.92 -33.51
CA ALA B 172 -48.40 28.58 -34.70
C ALA B 172 -48.73 30.08 -34.71
N LEU B 173 -50.01 30.43 -34.59
CA LEU B 173 -50.37 31.85 -34.63
C LEU B 173 -49.82 32.65 -33.49
N ALA B 174 -49.74 32.02 -32.30
CA ALA B 174 -49.31 32.75 -31.10
C ALA B 174 -47.84 33.20 -31.26
N VAL B 175 -46.99 32.31 -31.77
CA VAL B 175 -45.61 32.68 -32.13
C VAL B 175 -45.60 33.69 -33.35
N GLU B 176 -46.40 33.41 -34.37
CA GLU B 176 -46.39 34.27 -35.56
C GLU B 176 -46.83 35.74 -35.26
N LEU B 177 -47.81 35.89 -34.37
CA LEU B 177 -48.37 37.20 -34.13
C LEU B 177 -47.96 37.82 -32.80
N GLY B 178 -47.10 37.15 -32.03
CA GLY B 178 -46.83 37.61 -30.66
C GLY B 178 -46.18 39.00 -30.65
N ALA B 179 -45.32 39.22 -31.63
CA ALA B 179 -44.53 40.46 -31.72
C ALA B 179 -45.41 41.68 -32.06
N ARG B 180 -46.51 41.44 -32.78
CA ARG B 180 -47.54 42.45 -33.09
C ARG B 180 -48.59 42.68 -31.98
N GLY B 181 -48.41 42.04 -30.84
CA GLY B 181 -49.30 42.17 -29.70
C GLY B 181 -50.66 41.46 -29.80
N ILE B 182 -50.79 40.42 -30.64
CA ILE B 182 -52.03 39.64 -30.74
C ILE B 182 -51.79 38.31 -30.04
N ARG B 183 -52.51 38.12 -28.94
CA ARG B 183 -52.51 36.86 -28.20
C ARG B 183 -53.48 35.89 -28.89
N VAL B 184 -53.21 34.60 -28.75
CA VAL B 184 -54.00 33.59 -29.49
C VAL B 184 -54.02 32.44 -28.54
N ASN B 185 -55.22 32.04 -28.14
CA ASN B 185 -55.37 30.97 -27.13
C ASN B 185 -56.46 29.99 -27.55
N ALA B 186 -56.39 28.76 -27.07
CA ALA B 186 -57.51 27.83 -27.22
C ALA B 186 -58.22 27.68 -25.89
N LEU B 187 -59.55 27.58 -25.96
CA LEU B 187 -60.37 27.35 -24.77
C LEU B 187 -60.98 25.96 -24.93
N LEU B 188 -60.83 25.14 -23.92
CA LEU B 188 -61.20 23.70 -24.05
C LEU B 188 -62.24 23.42 -22.96
N PRO B 189 -63.54 23.55 -23.30
CA PRO B 189 -64.61 23.14 -22.36
C PRO B 189 -64.61 21.65 -22.13
N GLY B 190 -65.18 21.28 -20.97
CA GLY B 190 -65.60 19.92 -20.72
C GLY B 190 -67.11 19.92 -20.98
N GLY B 191 -67.82 18.89 -20.52
CA GLY B 191 -69.30 18.82 -20.74
C GLY B 191 -70.02 20.08 -20.25
N THR B 192 -70.75 20.71 -21.18
CA THR B 192 -71.50 21.91 -20.91
C THR B 192 -72.97 21.68 -21.32
N ASP B 193 -73.90 22.31 -20.63
CA ASP B 193 -75.33 22.02 -20.77
C ASP B 193 -75.93 22.68 -22.01
N THR B 194 -75.67 22.10 -23.18
CA THR B 194 -76.09 22.61 -24.50
C THR B 194 -76.54 21.45 -25.37
N PRO B 195 -77.16 21.73 -26.54
CA PRO B 195 -77.54 20.63 -27.42
C PRO B 195 -76.36 19.78 -27.91
N ALA B 196 -75.16 20.37 -27.95
CA ALA B 196 -73.92 19.65 -28.32
C ALA B 196 -73.47 18.59 -27.31
N ASN B 197 -74.01 18.62 -26.09
CA ASN B 197 -73.56 17.69 -25.07
C ASN B 197 -74.30 16.36 -25.22
N PHE B 198 -73.54 15.25 -25.21
CA PHE B 198 -74.13 13.90 -25.33
C PHE B 198 -75.41 13.75 -24.49
N ALA B 199 -75.50 14.46 -23.38
CA ALA B 199 -76.65 14.39 -22.49
C ALA B 199 -77.91 14.97 -23.12
N ASN B 200 -77.71 15.84 -24.11
CA ASN B 200 -78.81 16.65 -24.66
C ASN B 200 -79.15 16.39 -26.15
N GLU B 207 -80.03 7.73 -18.83
CA GLU B 207 -78.94 7.66 -17.85
C GLU B 207 -77.65 8.38 -18.30
N THR B 208 -77.68 8.96 -19.50
CA THR B 208 -76.57 9.74 -20.02
C THR B 208 -76.16 10.93 -19.11
N ARG B 209 -77.14 11.65 -18.57
CA ARG B 209 -76.85 12.85 -17.76
C ARG B 209 -75.90 12.48 -16.61
N GLY B 210 -76.26 11.47 -15.84
CA GLY B 210 -75.42 11.02 -14.73
C GLY B 210 -74.03 10.61 -15.18
N PHE B 211 -73.95 9.83 -16.26
CA PHE B 211 -72.67 9.36 -16.74
C PHE B 211 -71.80 10.59 -17.06
N VAL B 212 -72.38 11.60 -17.71
CA VAL B 212 -71.63 12.76 -18.17
C VAL B 212 -71.07 13.61 -17.02
N GLU B 213 -71.94 13.94 -16.06
CA GLU B 213 -71.55 14.64 -14.85
C GLU B 213 -70.38 13.96 -14.12
N GLY B 214 -70.41 12.62 -14.02
CA GLY B 214 -69.41 11.81 -13.32
C GLY B 214 -68.01 11.90 -13.98
N LEU B 215 -67.99 12.30 -15.26
CA LEU B 215 -66.76 12.56 -16.03
C LEU B 215 -65.94 13.71 -15.50
N HIS B 216 -66.58 14.59 -14.75
CA HIS B 216 -65.93 15.78 -14.24
C HIS B 216 -65.50 15.64 -12.79
N ALA B 217 -64.35 16.22 -12.40
CA ALA B 217 -63.97 16.24 -10.98
C ALA B 217 -65.03 17.00 -10.15
N LEU B 218 -65.64 18.03 -10.73
CA LEU B 218 -66.73 18.77 -10.05
C LEU B 218 -68.13 18.06 -9.94
N LYS B 219 -68.25 16.90 -10.58
CA LYS B 219 -69.41 16.05 -10.57
C LYS B 219 -70.73 16.69 -11.05
N ARG B 220 -70.60 17.60 -12.00
CA ARG B 220 -71.72 18.34 -12.57
C ARG B 220 -71.30 18.75 -13.98
N ILE B 221 -72.25 19.21 -14.79
CA ILE B 221 -71.98 19.78 -16.10
C ILE B 221 -71.91 21.29 -16.00
N ALA B 222 -71.09 21.99 -16.81
CA ALA B 222 -71.04 23.45 -16.71
C ALA B 222 -72.36 24.06 -17.22
N ARG B 223 -72.74 25.17 -16.60
CA ARG B 223 -73.61 26.14 -17.27
C ARG B 223 -72.79 26.81 -18.36
N PRO B 224 -73.44 27.15 -19.51
CA PRO B 224 -72.77 27.86 -20.60
C PRO B 224 -72.12 29.17 -20.19
N GLU B 225 -72.77 29.89 -19.27
CA GLU B 225 -72.21 31.11 -18.73
C GLU B 225 -70.83 30.91 -18.03
N GLU B 226 -70.56 29.76 -17.44
CA GLU B 226 -69.21 29.51 -16.83
C GLU B 226 -68.08 29.40 -17.93
N ILE B 227 -68.45 28.81 -19.07
CA ILE B 227 -67.52 28.79 -20.21
C ILE B 227 -67.31 30.16 -20.88
N ALA B 228 -68.39 30.93 -21.02
CA ALA B 228 -68.28 32.31 -21.45
C ALA B 228 -67.33 33.10 -20.53
N GLU B 229 -67.32 32.80 -19.24
CA GLU B 229 -66.51 33.58 -18.32
C GLU B 229 -65.04 33.33 -18.56
N ALA B 230 -64.72 32.10 -18.90
CA ALA B 230 -63.34 31.77 -19.31
C ALA B 230 -63.00 32.43 -20.64
N ALA B 231 -63.96 32.45 -21.59
CA ALA B 231 -63.72 33.21 -22.82
C ALA B 231 -63.58 34.70 -22.51
N LEU B 232 -64.36 35.24 -21.57
CA LEU B 232 -64.20 36.64 -21.23
C LEU B 232 -62.81 36.94 -20.65
N TYR B 233 -62.30 36.00 -19.84
CA TYR B 233 -60.97 36.20 -19.28
C TYR B 233 -59.90 36.28 -20.37
N LEU B 234 -59.91 35.32 -21.30
CA LEU B 234 -58.86 35.29 -22.36
C LEU B 234 -58.93 36.57 -23.25
N ALA B 235 -60.13 37.14 -23.43
CA ALA B 235 -60.26 38.38 -24.19
C ALA B 235 -59.94 39.63 -23.33
N SER B 236 -59.93 39.49 -22.01
CA SER B 236 -59.66 40.64 -21.12
C SER B 236 -58.17 41.07 -21.04
N ASP B 237 -57.97 42.34 -20.60
CA ASP B 237 -56.66 42.85 -20.14
C ASP B 237 -56.00 42.05 -19.03
N GLY B 238 -56.79 41.33 -18.25
CA GLY B 238 -56.23 40.39 -17.23
C GLY B 238 -55.40 39.24 -17.84
N ALA B 239 -55.63 38.98 -19.12
CA ALA B 239 -54.91 37.92 -19.82
C ALA B 239 -53.78 38.46 -20.71
N SER B 240 -53.20 39.66 -20.39
CA SER B 240 -52.17 40.33 -21.22
C SER B 240 -50.93 39.49 -21.37
N PHE B 241 -50.67 38.53 -20.47
CA PHE B 241 -49.47 37.68 -20.63
C PHE B 241 -49.87 36.22 -20.90
N VAL B 242 -51.06 36.04 -21.50
CA VAL B 242 -51.51 34.67 -21.79
C VAL B 242 -51.65 34.48 -23.27
N THR B 243 -50.82 33.62 -23.85
CA THR B 243 -50.83 33.42 -25.30
C THR B 243 -50.22 32.08 -25.58
N GLY B 244 -50.65 31.47 -26.69
CA GLY B 244 -50.29 30.08 -26.97
C GLY B 244 -50.81 28.99 -26.03
N ALA B 245 -51.74 29.37 -25.16
CA ALA B 245 -52.26 28.51 -24.08
C ALA B 245 -53.49 27.70 -24.50
N ALA B 246 -53.64 26.48 -23.99
CA ALA B 246 -54.83 25.68 -24.25
C ALA B 246 -55.43 25.63 -22.86
N LEU B 247 -56.35 26.55 -22.59
CA LEU B 247 -56.94 26.74 -21.24
C LEU B 247 -58.06 25.73 -21.05
N LEU B 248 -57.92 24.88 -20.03
CA LEU B 248 -58.97 23.87 -19.77
C LEU B 248 -60.01 24.49 -18.86
N ALA B 249 -61.23 24.65 -19.34
CA ALA B 249 -62.33 25.04 -18.44
C ALA B 249 -63.26 23.84 -18.47
N ASP B 250 -62.84 22.76 -17.84
CA ASP B 250 -63.48 21.47 -18.09
C ASP B 250 -63.90 20.77 -16.85
N GLY B 251 -63.94 21.51 -15.74
CA GLY B 251 -64.39 20.94 -14.47
C GLY B 251 -63.59 19.75 -14.00
N GLY B 252 -62.34 19.68 -14.44
CA GLY B 252 -61.51 18.54 -14.06
C GLY B 252 -61.68 17.35 -14.95
N ALA B 253 -62.42 17.46 -16.05
CA ALA B 253 -62.67 16.21 -16.82
C ALA B 253 -61.32 15.57 -17.26
N SER B 254 -60.36 16.43 -17.64
CA SER B 254 -58.99 15.98 -18.11
C SER B 254 -58.26 15.05 -17.16
N VAL B 255 -58.47 15.26 -15.88
CA VAL B 255 -57.70 14.59 -14.86
C VAL B 255 -58.54 13.57 -14.11
N THR B 256 -59.81 13.52 -14.45
CA THR B 256 -60.72 12.50 -13.85
C THR B 256 -60.82 11.21 -14.68
N LYS B 257 -60.64 10.10 -14.00
CA LYS B 257 -60.77 8.81 -14.61
C LYS B 257 -61.96 8.01 -13.99
N SER C 4 52.27 -12.54 -18.79
CA SER C 4 52.99 -13.31 -19.84
C SER C 4 53.01 -14.82 -19.57
N ARG C 5 51.98 -15.31 -18.88
CA ARG C 5 51.99 -16.71 -18.42
C ARG C 5 51.96 -17.79 -19.52
N LEU C 6 51.66 -17.39 -20.76
CA LEU C 6 51.67 -18.31 -21.91
C LEU C 6 52.31 -17.62 -23.09
N GLU C 7 53.30 -16.76 -22.81
CA GLU C 7 53.90 -15.98 -23.87
C GLU C 7 54.47 -16.96 -24.87
N GLY C 8 54.29 -16.71 -26.15
CA GLY C 8 54.88 -17.66 -27.12
C GLY C 8 53.97 -18.80 -27.59
N LYS C 9 52.94 -19.10 -26.81
CA LYS C 9 52.12 -20.30 -27.15
C LYS C 9 51.16 -19.94 -28.28
N ILE C 10 50.78 -20.93 -29.08
CA ILE C 10 49.69 -20.76 -30.02
C ILE C 10 48.55 -21.75 -29.70
N ALA C 11 47.37 -21.21 -29.42
CA ALA C 11 46.28 -21.97 -28.79
C ALA C 11 44.97 -21.89 -29.60
N ILE C 12 44.28 -23.04 -29.64
CA ILE C 12 42.93 -23.12 -30.15
C ILE C 12 42.04 -23.22 -28.94
N VAL C 13 40.99 -22.41 -28.96
CA VAL C 13 39.99 -22.48 -27.93
C VAL C 13 38.62 -22.72 -28.62
N THR C 14 37.93 -23.82 -28.26
CA THR C 14 36.57 -24.04 -28.77
C THR C 14 35.51 -23.65 -27.74
N GLY C 15 34.28 -23.41 -28.19
CA GLY C 15 33.25 -22.93 -27.31
C GLY C 15 33.66 -21.57 -26.81
N ALA C 16 34.29 -20.81 -27.70
CA ALA C 16 34.83 -19.49 -27.33
C ALA C 16 33.81 -18.35 -27.28
N SER C 17 32.52 -18.53 -27.67
CA SER C 17 31.57 -17.35 -27.73
C SER C 17 30.99 -16.92 -26.39
N SER C 18 31.10 -17.76 -25.36
CA SER C 18 30.59 -17.36 -24.04
C SER C 18 31.25 -18.17 -22.92
N GLY C 19 30.89 -17.83 -21.68
CA GLY C 19 31.18 -18.63 -20.51
C GLY C 19 32.68 -18.85 -20.39
N ILE C 20 32.99 -20.10 -20.08
CA ILE C 20 34.34 -20.57 -19.78
C ILE C 20 35.26 -20.40 -20.93
N GLY C 21 34.76 -20.76 -22.11
CA GLY C 21 35.57 -20.69 -23.35
C GLY C 21 35.92 -19.24 -23.71
N ARG C 22 34.93 -18.36 -23.59
CA ARG C 22 35.21 -16.94 -23.85
C ARG C 22 36.28 -16.43 -22.91
N ALA C 23 36.14 -16.77 -21.64
CA ALA C 23 37.05 -16.27 -20.61
C ALA C 23 38.44 -16.80 -20.83
N ALA C 24 38.53 -18.04 -21.27
CA ALA C 24 39.81 -18.65 -21.51
C ALA C 24 40.55 -18.08 -22.71
N ALA C 25 39.83 -17.85 -23.80
CA ALA C 25 40.40 -17.29 -24.99
C ALA C 25 40.93 -15.88 -24.67
N LEU C 26 40.15 -15.09 -23.93
CA LEU C 26 40.53 -13.70 -23.58
C LEU C 26 41.76 -13.73 -22.70
N LEU C 27 41.69 -14.58 -21.69
CA LEU C 27 42.76 -14.69 -20.73
C LEU C 27 44.04 -15.19 -21.41
N PHE C 28 43.93 -16.17 -22.32
CA PHE C 28 45.11 -16.77 -22.94
C PHE C 28 45.82 -15.69 -23.80
N ALA C 29 45.03 -14.93 -24.57
CA ALA C 29 45.57 -13.84 -25.35
C ALA C 29 46.11 -12.70 -24.49
N ARG C 30 45.43 -12.37 -23.38
CA ARG C 30 45.91 -11.33 -22.45
C ARG C 30 47.24 -11.78 -21.83
N GLU C 31 47.44 -13.10 -21.75
CA GLU C 31 48.67 -13.69 -21.20
C GLU C 31 49.70 -14.07 -22.21
N GLY C 32 49.57 -13.60 -23.44
CA GLY C 32 50.65 -13.72 -24.40
C GLY C 32 50.47 -14.75 -25.48
N ALA C 33 49.43 -15.60 -25.41
CA ALA C 33 49.27 -16.58 -26.47
C ALA C 33 48.63 -15.97 -27.69
N LYS C 34 48.96 -16.54 -28.87
CA LYS C 34 48.18 -16.23 -30.05
C LYS C 34 46.96 -17.19 -30.11
N VAL C 35 45.72 -16.69 -30.21
CA VAL C 35 44.54 -17.58 -30.01
C VAL C 35 43.71 -17.75 -31.30
N VAL C 36 43.30 -18.98 -31.61
CA VAL C 36 42.36 -19.23 -32.72
C VAL C 36 41.09 -19.74 -32.04
N VAL C 37 39.98 -19.03 -32.25
CA VAL C 37 38.75 -19.21 -31.53
C VAL C 37 37.61 -19.69 -32.46
N THR C 38 36.66 -20.43 -31.89
CA THR C 38 35.55 -21.02 -32.65
C THR C 38 34.38 -21.21 -31.70
N ALA C 39 33.19 -21.28 -32.32
CA ALA C 39 31.84 -21.45 -31.77
C ALA C 39 30.95 -21.34 -33.00
N ARG C 40 29.64 -21.47 -32.80
CA ARG C 40 28.66 -21.33 -33.89
C ARG C 40 28.34 -19.84 -34.16
N ASN C 41 28.33 -19.05 -33.09
CA ASN C 41 27.87 -17.70 -33.13
C ASN C 41 28.96 -16.70 -33.64
N GLY C 42 28.97 -16.48 -34.95
CA GLY C 42 29.91 -15.62 -35.64
C GLY C 42 29.99 -14.21 -35.13
N ASN C 43 28.85 -13.65 -34.73
CA ASN C 43 28.79 -12.28 -34.19
C ASN C 43 29.47 -12.18 -32.83
N ALA C 44 29.29 -13.22 -32.03
CA ALA C 44 29.92 -13.27 -30.75
C ALA C 44 31.43 -13.51 -30.85
N LEU C 45 31.88 -14.28 -31.86
CA LEU C 45 33.28 -14.51 -32.06
C LEU C 45 33.95 -13.20 -32.44
N ALA C 46 33.21 -12.35 -33.19
CA ALA C 46 33.71 -11.03 -33.63
C ALA C 46 33.82 -10.04 -32.53
N GLU C 47 32.82 -9.96 -31.66
CA GLU C 47 32.95 -9.19 -30.43
C GLU C 47 34.22 -9.59 -29.65
N LEU C 48 34.53 -10.89 -29.58
CA LEU C 48 35.68 -11.37 -28.81
C LEU C 48 37.02 -11.05 -29.46
N THR C 49 37.15 -11.29 -30.77
CA THR C 49 38.41 -11.03 -31.43
C THR C 49 38.66 -9.51 -31.54
N ASP C 50 37.57 -8.73 -31.70
CA ASP C 50 37.69 -7.27 -31.62
C ASP C 50 38.22 -6.81 -30.26
N GLU C 51 37.64 -7.33 -29.16
CA GLU C 51 38.12 -7.03 -27.83
C GLU C 51 39.60 -7.45 -27.62
N ILE C 52 39.95 -8.63 -28.12
CA ILE C 52 41.29 -9.10 -28.04
C ILE C 52 42.25 -8.26 -28.86
N ALA C 53 41.92 -7.96 -30.09
CA ALA C 53 42.75 -7.06 -30.84
C ALA C 53 42.55 -5.67 -30.24
N GLY C 54 43.58 -4.93 -30.04
CA GLY C 54 43.27 -3.61 -29.57
C GLY C 54 42.97 -3.58 -28.11
N GLY C 55 43.10 -4.72 -27.50
CA GLY C 55 43.59 -4.93 -26.20
C GLY C 55 45.07 -5.12 -26.54
N GLY C 56 45.36 -5.13 -27.82
CA GLY C 56 46.70 -5.42 -28.27
C GLY C 56 47.18 -6.87 -28.24
N GLY C 57 46.27 -7.80 -28.10
CA GLY C 57 46.57 -9.24 -28.31
C GLY C 57 46.28 -9.67 -29.74
N GLU C 58 46.54 -10.94 -30.08
CA GLU C 58 46.32 -11.43 -31.42
C GLU C 58 45.40 -12.68 -31.45
N ALA C 59 44.27 -12.60 -32.14
CA ALA C 59 43.28 -13.73 -32.26
C ALA C 59 42.84 -13.89 -33.69
N ALA C 60 42.47 -15.11 -34.07
CA ALA C 60 41.87 -15.39 -35.37
C ALA C 60 40.62 -16.19 -35.07
N ALA C 61 39.56 -15.96 -35.83
CA ALA C 61 38.28 -16.66 -35.56
C ALA C 61 37.77 -17.45 -36.75
N LEU C 62 37.08 -18.56 -36.46
CA LEU C 62 36.33 -19.26 -37.50
C LEU C 62 35.07 -19.91 -36.93
N ALA C 63 33.90 -19.47 -37.41
CA ALA C 63 32.66 -19.97 -36.88
C ALA C 63 32.34 -21.30 -37.57
N GLY C 64 31.74 -22.20 -36.79
CA GLY C 64 31.22 -23.45 -37.39
C GLY C 64 30.68 -24.36 -36.28
N ASP C 65 30.14 -25.49 -36.72
CA ASP C 65 29.71 -26.54 -35.78
C ASP C 65 30.89 -27.38 -35.38
N VAL C 66 31.03 -27.57 -34.07
CA VAL C 66 32.17 -28.26 -33.53
C VAL C 66 32.11 -29.76 -33.81
N GLY C 67 30.96 -30.23 -34.30
CA GLY C 67 30.75 -31.64 -34.67
C GLY C 67 31.17 -31.94 -36.10
N ASP C 68 31.63 -30.90 -36.81
CA ASP C 68 32.02 -31.03 -38.26
C ASP C 68 33.54 -31.23 -38.45
N GLU C 69 33.90 -32.24 -39.23
CA GLU C 69 35.26 -32.64 -39.39
C GLU C 69 36.06 -31.52 -40.09
N ALA C 70 35.41 -30.85 -41.05
CA ALA C 70 36.11 -29.86 -41.92
C ALA C 70 36.43 -28.63 -41.04
N LEU C 71 35.57 -28.38 -40.07
CA LEU C 71 35.83 -27.26 -39.14
C LEU C 71 37.10 -27.45 -38.34
N HIS C 72 37.28 -28.61 -37.72
CA HIS C 72 38.55 -28.98 -37.06
C HIS C 72 39.80 -28.99 -37.90
N GLU C 73 39.72 -29.53 -39.10
CA GLU C 73 40.84 -29.43 -40.02
C GLU C 73 41.20 -27.96 -40.34
N ALA C 74 40.20 -27.15 -40.61
CA ALA C 74 40.33 -25.73 -40.86
C ALA C 74 40.87 -24.88 -39.73
N LEU C 75 40.46 -25.19 -38.51
CA LEU C 75 40.95 -24.45 -37.37
C LEU C 75 42.46 -24.60 -37.24
N VAL C 76 42.90 -25.83 -37.38
CA VAL C 76 44.31 -26.14 -37.33
C VAL C 76 45.09 -25.47 -38.48
N GLU C 77 44.61 -25.59 -39.72
CA GLU C 77 45.09 -24.76 -40.85
C GLU C 77 45.20 -23.28 -40.53
N LEU C 78 44.15 -22.67 -39.96
CA LEU C 78 44.15 -21.27 -39.56
C LEU C 78 45.20 -20.90 -38.47
N ALA C 79 45.41 -21.72 -37.44
CA ALA C 79 46.55 -21.51 -36.52
C ALA C 79 47.93 -21.59 -37.20
N VAL C 80 48.12 -22.62 -38.01
CA VAL C 80 49.39 -22.94 -38.61
C VAL C 80 49.77 -21.82 -39.58
N ARG C 81 48.77 -21.39 -40.38
CA ARG C 81 48.98 -20.35 -41.41
C ARG C 81 49.15 -18.96 -40.87
N ARG C 82 48.21 -18.56 -40.02
CA ARG C 82 48.22 -17.25 -39.46
C ARG C 82 49.38 -17.11 -38.42
N PHE C 83 49.58 -18.14 -37.59
CA PHE C 83 50.60 -18.01 -36.56
C PHE C 83 51.86 -18.85 -36.62
N GLY C 84 52.00 -19.69 -37.61
CA GLY C 84 53.22 -20.50 -37.78
C GLY C 84 53.22 -21.89 -37.17
N GLY C 85 52.29 -22.17 -36.25
CA GLY C 85 52.12 -23.57 -35.74
C GLY C 85 50.95 -23.67 -34.78
N LEU C 86 51.03 -24.66 -33.89
CA LEU C 86 50.05 -24.90 -32.83
C LEU C 86 50.73 -25.59 -31.67
N ASP C 87 50.50 -25.08 -30.47
CA ASP C 87 51.13 -25.53 -29.22
C ASP C 87 50.08 -26.21 -28.32
N THR C 88 48.88 -25.69 -28.33
CA THR C 88 47.90 -26.07 -27.32
C THR C 88 46.49 -25.94 -27.82
N ALA C 89 45.60 -26.71 -27.23
CA ALA C 89 44.20 -26.67 -27.57
C ALA C 89 43.40 -26.85 -26.27
N PHE C 90 42.36 -26.02 -26.10
CA PHE C 90 41.44 -26.07 -25.05
C PHE C 90 40.10 -26.39 -25.73
N ASN C 91 39.87 -27.70 -25.83
CA ASN C 91 38.69 -28.24 -26.47
C ASN C 91 37.57 -28.20 -25.49
N ASN C 92 36.89 -27.07 -25.44
CA ASN C 92 35.98 -26.73 -24.37
C ASN C 92 34.50 -26.76 -24.76
N ALA C 93 34.21 -26.73 -26.07
CA ALA C 93 32.81 -26.62 -26.52
C ALA C 93 31.97 -27.77 -25.94
N GLY C 94 30.78 -27.46 -25.46
CA GLY C 94 29.97 -28.54 -24.90
C GLY C 94 28.59 -27.99 -24.66
N ALA C 95 27.64 -28.89 -24.49
CA ALA C 95 26.26 -28.45 -24.23
C ALA C 95 25.58 -29.53 -23.42
N LEU C 96 24.63 -29.15 -22.59
CA LEU C 96 23.83 -30.16 -21.86
C LEU C 96 23.08 -31.07 -22.79
N GLY C 97 22.69 -30.56 -23.94
CA GLY C 97 22.01 -31.37 -24.96
C GLY C 97 20.61 -31.81 -24.48
N ALA C 98 20.06 -32.86 -25.02
CA ALA C 98 18.70 -33.23 -24.66
C ALA C 98 18.63 -33.81 -23.26
N MET C 99 17.68 -33.34 -22.48
CA MET C 99 17.50 -33.77 -21.09
C MET C 99 16.11 -34.31 -20.82
N GLY C 100 16.02 -35.20 -19.86
CA GLY C 100 14.79 -35.82 -19.45
C GLY C 100 14.98 -37.24 -18.98
N GLU C 101 13.88 -37.81 -18.50
CA GLU C 101 13.87 -39.19 -18.02
C GLU C 101 14.26 -40.14 -19.18
N ILE C 102 15.15 -41.08 -18.85
CA ILE C 102 15.81 -41.96 -19.86
C ILE C 102 14.85 -42.56 -20.93
N SER C 103 13.69 -43.05 -20.51
CA SER C 103 12.71 -43.62 -21.51
C SER C 103 12.01 -42.63 -22.48
N SER C 104 12.06 -41.34 -22.17
CA SER C 104 11.50 -40.25 -23.00
C SER C 104 12.45 -39.75 -24.09
N LEU C 105 13.74 -40.06 -23.96
CA LEU C 105 14.79 -39.48 -24.86
C LEU C 105 14.86 -40.09 -26.22
N SER C 106 15.09 -39.24 -27.23
CA SER C 106 15.22 -39.77 -28.57
C SER C 106 16.64 -40.21 -28.85
N VAL C 107 16.82 -41.17 -29.74
CA VAL C 107 18.19 -41.54 -30.12
C VAL C 107 18.82 -40.32 -30.86
N GLU C 108 17.99 -39.52 -31.55
CA GLU C 108 18.51 -38.30 -32.27
C GLU C 108 19.08 -37.30 -31.28
N GLY C 109 18.36 -37.06 -30.18
CA GLY C 109 18.81 -36.19 -29.11
C GLY C 109 20.12 -36.71 -28.50
N TRP C 110 20.15 -38.01 -28.20
CA TRP C 110 21.36 -38.69 -27.70
C TRP C 110 22.53 -38.51 -28.65
N ARG C 111 22.34 -38.82 -29.93
CA ARG C 111 23.52 -38.75 -30.84
C ARG C 111 23.99 -37.31 -31.03
N GLU C 112 23.06 -36.36 -30.96
CA GLU C 112 23.43 -34.96 -31.13
C GLU C 112 24.27 -34.48 -29.92
N THR C 113 23.82 -34.90 -28.73
CA THR C 113 24.53 -34.61 -27.48
C THR C 113 25.94 -35.17 -27.56
N LEU C 114 26.04 -36.45 -27.92
CA LEU C 114 27.35 -37.10 -28.12
C LEU C 114 28.21 -36.44 -29.22
N ASP C 115 27.57 -35.96 -30.28
CA ASP C 115 28.39 -35.46 -31.42
C ASP C 115 29.05 -34.13 -31.01
N THR C 116 28.24 -33.26 -30.37
CA THR C 116 28.69 -31.96 -29.86
C THR C 116 29.76 -32.13 -28.78
N ASN C 117 29.59 -33.10 -27.86
CA ASN C 117 30.43 -33.14 -26.65
C ASN C 117 31.61 -34.04 -26.79
N LEU C 118 31.44 -35.11 -27.55
CA LEU C 118 32.48 -36.16 -27.56
C LEU C 118 33.09 -36.44 -28.96
N THR C 119 32.24 -36.60 -29.99
CA THR C 119 32.79 -36.76 -31.36
C THR C 119 33.65 -35.50 -31.72
N SER C 120 33.19 -34.35 -31.29
CA SER C 120 33.93 -33.11 -31.47
C SER C 120 35.35 -33.25 -30.92
N ALA C 121 35.50 -33.87 -29.77
CA ALA C 121 36.84 -34.08 -29.16
C ALA C 121 37.76 -35.01 -29.96
N PHE C 122 37.19 -36.07 -30.51
CA PHE C 122 37.87 -36.98 -31.40
C PHE C 122 38.35 -36.19 -32.64
N LEU C 123 37.47 -35.37 -33.23
CA LEU C 123 37.87 -34.67 -34.46
C LEU C 123 38.94 -33.57 -34.16
N ALA C 124 38.77 -32.89 -33.03
CA ALA C 124 39.73 -31.96 -32.60
C ALA C 124 41.12 -32.65 -32.50
N ALA C 125 41.21 -33.78 -31.78
CA ALA C 125 42.45 -34.47 -31.59
C ALA C 125 43.02 -34.95 -32.95
N LYS C 126 42.18 -35.50 -33.83
CA LYS C 126 42.64 -36.02 -35.11
C LYS C 126 43.45 -34.95 -35.95
N TYR C 127 43.00 -33.70 -35.94
CA TYR C 127 43.72 -32.58 -36.66
C TYR C 127 44.70 -31.81 -35.81
N GLN C 128 44.49 -31.78 -34.50
CA GLN C 128 45.34 -31.02 -33.59
C GLN C 128 46.64 -31.71 -33.34
N VAL C 129 46.61 -33.03 -33.21
CA VAL C 129 47.82 -33.79 -32.87
C VAL C 129 49.00 -33.65 -33.91
N PRO C 130 48.74 -33.85 -35.22
CA PRO C 130 49.83 -33.62 -36.22
C PRO C 130 50.48 -32.24 -36.11
N ALA C 131 49.69 -31.21 -35.87
CA ALA C 131 50.26 -29.89 -35.87
C ALA C 131 51.07 -29.63 -34.59
N ILE C 132 50.54 -30.12 -33.46
CA ILE C 132 51.28 -30.01 -32.19
C ILE C 132 52.57 -30.80 -32.17
N ALA C 133 52.51 -32.02 -32.68
CA ALA C 133 53.65 -32.90 -32.80
C ALA C 133 54.76 -32.23 -33.64
N ALA C 134 54.37 -31.46 -34.64
CA ALA C 134 55.34 -30.80 -35.52
C ALA C 134 56.22 -29.81 -34.78
N LEU C 135 55.67 -29.16 -33.78
CA LEU C 135 56.37 -28.23 -32.90
C LEU C 135 57.19 -28.97 -31.84
N GLY C 136 57.16 -30.28 -31.85
CA GLY C 136 57.90 -31.03 -30.87
C GLY C 136 57.18 -31.30 -29.57
N GLY C 137 55.89 -31.01 -29.52
CA GLY C 137 55.07 -31.24 -28.30
C GLY C 137 54.21 -30.07 -27.84
N GLY C 138 53.39 -30.26 -26.80
CA GLY C 138 52.55 -29.21 -26.26
C GLY C 138 51.44 -29.95 -25.46
N SER C 139 50.20 -29.48 -25.59
CA SER C 139 49.09 -30.09 -24.82
C SER C 139 47.70 -29.95 -25.47
N LEU C 140 46.82 -30.90 -25.07
CA LEU C 140 45.42 -30.94 -25.42
C LEU C 140 44.71 -31.03 -24.07
N THR C 141 43.78 -30.14 -23.85
CA THR C 141 42.92 -30.15 -22.67
C THR C 141 41.46 -30.19 -23.16
N PHE C 142 40.66 -31.03 -22.53
CA PHE C 142 39.22 -31.21 -22.94
C PHE C 142 38.39 -30.92 -21.71
N THR C 143 37.38 -30.05 -21.84
CA THR C 143 36.50 -29.76 -20.73
C THR C 143 35.46 -30.89 -20.58
N SER C 144 35.57 -31.61 -19.47
CA SER C 144 34.64 -32.72 -19.15
C SER C 144 33.71 -32.09 -18.11
N SER C 145 33.40 -32.79 -17.00
CA SER C 145 32.49 -32.24 -15.96
C SER C 145 32.61 -33.16 -14.77
N PHE C 146 32.29 -32.68 -13.57
CA PHE C 146 32.28 -33.60 -12.45
C PHE C 146 31.08 -34.57 -12.64
N VAL C 147 30.05 -34.10 -13.37
CA VAL C 147 28.92 -34.98 -13.72
C VAL C 147 29.32 -36.14 -14.63
N GLY C 148 29.05 -37.39 -14.18
CA GLY C 148 29.49 -38.56 -14.95
C GLY C 148 30.87 -39.08 -14.47
N HIS C 149 31.50 -38.33 -13.56
CA HIS C 149 32.80 -38.75 -12.98
C HIS C 149 32.69 -39.00 -11.48
N THR C 150 32.07 -38.08 -10.76
CA THR C 150 31.91 -38.21 -9.31
C THR C 150 30.45 -37.99 -8.85
N ALA C 151 29.55 -37.86 -9.79
CA ALA C 151 28.14 -37.67 -9.50
C ALA C 151 27.22 -37.92 -10.69
N GLY C 152 26.00 -38.37 -10.37
CA GLY C 152 24.87 -38.49 -11.30
C GLY C 152 23.76 -37.53 -10.86
N PHE C 153 22.94 -37.13 -11.81
CA PHE C 153 21.74 -36.35 -11.50
C PHE C 153 20.68 -36.98 -12.39
N ALA C 154 19.42 -36.87 -12.00
CA ALA C 154 18.36 -37.35 -12.89
C ALA C 154 18.32 -36.48 -14.20
N GLY C 155 18.00 -37.10 -15.32
CA GLY C 155 17.60 -36.35 -16.47
C GLY C 155 18.73 -35.98 -17.41
N VAL C 156 19.96 -36.36 -17.04
CA VAL C 156 21.11 -35.88 -17.81
C VAL C 156 22.01 -37.04 -18.26
N ALA C 157 21.42 -38.23 -18.46
CA ALA C 157 22.19 -39.39 -18.97
C ALA C 157 23.03 -39.11 -20.25
N PRO C 158 22.43 -38.49 -21.31
CA PRO C 158 23.35 -38.25 -22.46
C PRO C 158 24.58 -37.36 -22.13
N TYR C 159 24.33 -36.30 -21.39
CA TYR C 159 25.41 -35.36 -21.04
C TYR C 159 26.53 -36.06 -20.20
N ALA C 160 26.10 -36.80 -19.21
CA ALA C 160 26.96 -37.53 -18.29
C ALA C 160 27.79 -38.54 -19.02
N ALA C 161 27.19 -39.25 -20.00
CA ALA C 161 27.89 -40.28 -20.73
C ALA C 161 28.96 -39.58 -21.61
N SER C 162 28.53 -38.48 -22.22
CA SER C 162 29.42 -37.77 -23.17
C SER C 162 30.64 -37.22 -22.45
N LYS C 163 30.42 -36.71 -21.24
CA LYS C 163 31.48 -36.05 -20.51
C LYS C 163 32.42 -37.09 -19.92
N ALA C 164 31.87 -38.22 -19.45
CA ALA C 164 32.71 -39.32 -18.97
C ALA C 164 33.58 -39.91 -20.11
N GLY C 165 33.05 -39.92 -21.31
CA GLY C 165 33.72 -40.47 -22.50
C GLY C 165 35.03 -39.69 -22.77
N LEU C 166 34.98 -38.40 -22.52
CA LEU C 166 36.20 -37.55 -22.65
C LEU C 166 37.34 -38.04 -21.80
N ILE C 167 37.03 -38.55 -20.60
CA ILE C 167 38.08 -39.00 -19.70
C ILE C 167 38.77 -40.24 -20.31
N GLY C 168 38.01 -41.19 -20.84
CA GLY C 168 38.59 -42.36 -21.52
C GLY C 168 39.45 -41.93 -22.73
N LEU C 169 38.94 -40.98 -23.51
CA LEU C 169 39.73 -40.42 -24.65
C LEU C 169 41.06 -39.84 -24.14
N VAL C 170 40.99 -39.09 -23.04
CA VAL C 170 42.20 -38.54 -22.46
C VAL C 170 43.20 -39.57 -22.01
N GLN C 171 42.77 -40.64 -21.32
CA GLN C 171 43.74 -41.62 -20.91
C GLN C 171 44.44 -42.32 -22.09
N ALA C 172 43.64 -42.70 -23.08
CA ALA C 172 44.17 -43.39 -24.23
C ALA C 172 45.22 -42.48 -24.98
N LEU C 173 44.84 -41.24 -25.22
CA LEU C 173 45.76 -40.28 -25.94
C LEU C 173 46.97 -39.87 -25.11
N ALA C 174 46.82 -39.68 -23.80
CA ALA C 174 47.99 -39.36 -22.97
C ALA C 174 49.03 -40.48 -23.16
N VAL C 175 48.60 -41.73 -23.13
CA VAL C 175 49.52 -42.86 -23.43
C VAL C 175 50.06 -42.89 -24.87
N GLU C 176 49.17 -42.85 -25.83
CA GLU C 176 49.56 -42.87 -27.23
C GLU C 176 50.54 -41.72 -27.57
N LEU C 177 50.37 -40.55 -27.00
CA LEU C 177 51.10 -39.38 -27.42
C LEU C 177 52.26 -38.93 -26.52
N GLY C 178 52.38 -39.55 -25.34
CA GLY C 178 53.24 -39.03 -24.28
C GLY C 178 54.73 -39.04 -24.70
N ALA C 179 55.11 -40.09 -25.45
CA ALA C 179 56.50 -40.24 -25.96
C ALA C 179 56.94 -39.15 -26.95
N ARG C 180 55.97 -38.49 -27.62
CA ARG C 180 56.22 -37.27 -28.45
C ARG C 180 56.10 -35.90 -27.72
N GLY C 181 55.92 -35.91 -26.40
CA GLY C 181 55.86 -34.71 -25.60
C GLY C 181 54.52 -34.00 -25.72
N ILE C 182 53.47 -34.71 -26.10
CA ILE C 182 52.12 -34.13 -26.06
C ILE C 182 51.43 -34.58 -24.78
N ARG C 183 51.12 -33.61 -23.95
CA ARG C 183 50.39 -33.88 -22.70
C ARG C 183 48.87 -33.84 -23.06
N VAL C 184 48.08 -34.70 -22.41
CA VAL C 184 46.64 -34.70 -22.69
C VAL C 184 45.94 -34.83 -21.30
N ASN C 185 45.03 -33.90 -21.03
CA ASN C 185 44.31 -33.80 -19.75
C ASN C 185 42.84 -33.43 -19.95
N ALA C 186 42.06 -33.81 -18.96
CA ALA C 186 40.67 -33.41 -18.91
C ALA C 186 40.58 -32.40 -17.80
N LEU C 187 39.79 -31.36 -18.03
CA LEU C 187 39.50 -30.37 -17.01
C LEU C 187 37.99 -30.49 -16.68
N LEU C 188 37.69 -30.66 -15.40
CA LEU C 188 36.34 -30.98 -14.88
C LEU C 188 35.85 -29.85 -13.97
N PRO C 189 35.04 -28.93 -14.52
CA PRO C 189 34.53 -27.85 -13.71
C PRO C 189 33.46 -28.33 -12.78
N GLY C 190 33.26 -27.57 -11.72
CA GLY C 190 32.07 -27.67 -10.88
C GLY C 190 31.09 -26.65 -11.44
N GLY C 191 30.04 -26.32 -10.70
CA GLY C 191 29.10 -25.24 -11.09
C GLY C 191 29.79 -23.89 -11.36
N THR C 192 29.45 -23.31 -12.53
CA THR C 192 30.17 -22.15 -13.07
C THR C 192 29.11 -21.27 -13.64
N ASP C 193 29.29 -19.97 -13.44
CA ASP C 193 28.17 -19.02 -13.58
C ASP C 193 28.15 -18.60 -15.07
N THR C 194 27.58 -19.46 -15.90
CA THR C 194 27.47 -19.24 -17.33
C THR C 194 26.06 -19.72 -17.68
N PRO C 195 25.66 -19.60 -18.95
CA PRO C 195 24.39 -20.15 -19.48
C PRO C 195 24.22 -21.67 -19.41
N ALA C 196 25.28 -22.47 -19.24
CA ALA C 196 25.07 -23.91 -19.06
C ALA C 196 24.68 -24.32 -17.64
N ASN C 197 24.73 -23.38 -16.70
CA ASN C 197 24.46 -23.76 -15.33
C ASN C 197 22.99 -23.98 -15.09
N PHE C 198 22.65 -25.10 -14.43
CA PHE C 198 21.25 -25.46 -14.08
C PHE C 198 20.49 -24.24 -13.53
N ALA C 199 21.17 -23.48 -12.67
CA ALA C 199 20.60 -22.36 -11.97
C ALA C 199 20.23 -21.28 -12.96
N ASN C 200 20.94 -21.19 -14.08
CA ASN C 200 20.77 -20.11 -15.04
C ASN C 200 19.83 -20.44 -16.22
N LEU C 201 19.30 -21.63 -16.26
CA LEU C 201 18.39 -22.02 -17.32
C LEU C 201 17.08 -21.24 -17.25
N PRO C 202 16.41 -21.13 -18.38
CA PRO C 202 15.45 -20.05 -18.57
C PRO C 202 14.35 -20.13 -17.54
N GLY C 203 13.92 -21.35 -17.32
CA GLY C 203 12.77 -21.65 -16.53
C GLY C 203 13.13 -22.06 -15.14
N ALA C 204 14.40 -21.96 -14.74
CA ALA C 204 14.81 -22.51 -13.47
C ALA C 204 14.04 -21.93 -12.27
N ALA C 205 13.75 -22.77 -11.29
CA ALA C 205 13.12 -22.31 -10.04
C ALA C 205 14.08 -21.32 -9.35
N PRO C 206 13.53 -20.28 -8.68
CA PRO C 206 14.43 -19.51 -7.82
C PRO C 206 15.37 -20.33 -6.87
N GLU C 207 14.87 -21.44 -6.35
CA GLU C 207 15.64 -22.21 -5.33
C GLU C 207 16.87 -22.96 -5.90
N THR C 208 16.91 -23.06 -7.21
CA THR C 208 17.96 -23.81 -7.92
C THR C 208 19.35 -23.19 -7.70
N ARG C 209 19.47 -21.88 -7.74
CA ARG C 209 20.75 -21.21 -7.46
C ARG C 209 21.35 -21.63 -6.11
N GLY C 210 20.54 -21.54 -5.05
CA GLY C 210 21.01 -21.89 -3.69
C GLY C 210 21.35 -23.37 -3.63
N PHE C 211 20.54 -24.18 -4.32
CA PHE C 211 20.80 -25.61 -4.43
C PHE C 211 22.15 -25.90 -5.12
N VAL C 212 22.40 -25.27 -6.26
CA VAL C 212 23.65 -25.52 -6.99
C VAL C 212 24.85 -25.00 -6.18
N GLU C 213 24.72 -23.80 -5.61
CA GLU C 213 25.79 -23.32 -4.71
C GLU C 213 26.14 -24.33 -3.64
N GLY C 214 25.10 -24.85 -2.96
CA GLY C 214 25.30 -25.74 -1.81
C GLY C 214 25.96 -27.06 -2.21
N LEU C 215 25.97 -27.40 -3.50
CA LEU C 215 26.72 -28.60 -3.94
C LEU C 215 28.26 -28.54 -3.70
N HIS C 216 28.77 -27.35 -3.51
CA HIS C 216 30.24 -27.09 -3.56
C HIS C 216 30.79 -26.92 -2.15
N ALA C 217 31.94 -27.52 -1.85
CA ALA C 217 32.52 -27.27 -0.52
C ALA C 217 32.74 -25.78 -0.34
N LEU C 218 33.06 -25.05 -1.43
CA LEU C 218 33.29 -23.60 -1.29
C LEU C 218 31.98 -22.82 -1.13
N LYS C 219 30.85 -23.50 -1.31
CA LYS C 219 29.48 -22.88 -1.16
C LYS C 219 29.16 -21.68 -2.03
N ARG C 220 29.66 -21.71 -3.26
CA ARG C 220 29.45 -20.69 -4.25
C ARG C 220 29.68 -21.35 -5.63
N ILE C 221 29.23 -20.67 -6.67
CA ILE C 221 29.45 -21.11 -8.03
C ILE C 221 30.72 -20.36 -8.50
N ALA C 222 31.51 -20.98 -9.39
CA ALA C 222 32.73 -20.37 -9.92
C ALA C 222 32.41 -19.22 -10.87
N ARG C 223 33.26 -18.19 -10.88
CA ARG C 223 33.35 -17.24 -11.99
C ARG C 223 33.99 -17.99 -13.17
N PRO C 224 33.58 -17.72 -14.44
CA PRO C 224 34.19 -18.47 -15.57
C PRO C 224 35.71 -18.28 -15.63
N GLU C 225 36.18 -17.11 -15.16
CA GLU C 225 37.63 -16.84 -15.08
C GLU C 225 38.40 -17.84 -14.25
N GLU C 226 37.81 -18.32 -13.15
CA GLU C 226 38.49 -19.30 -12.29
C GLU C 226 38.65 -20.63 -13.01
N ILE C 227 37.69 -21.01 -13.87
CA ILE C 227 37.89 -22.20 -14.71
C ILE C 227 38.94 -21.97 -15.80
N ALA C 228 38.89 -20.78 -16.44
CA ALA C 228 39.92 -20.39 -17.44
C ALA C 228 41.34 -20.45 -16.87
N GLU C 229 41.47 -20.05 -15.61
CA GLU C 229 42.74 -20.02 -14.90
C GLU C 229 43.29 -21.47 -14.76
N ALA C 230 42.41 -22.43 -14.48
CA ALA C 230 42.79 -23.82 -14.44
C ALA C 230 43.20 -24.31 -15.82
N ALA C 231 42.46 -23.91 -16.85
CA ALA C 231 42.83 -24.29 -18.19
C ALA C 231 44.21 -23.65 -18.53
N LEU C 232 44.42 -22.40 -18.15
CA LEU C 232 45.74 -21.77 -18.45
C LEU C 232 46.84 -22.60 -17.77
N TYR C 233 46.65 -22.95 -16.50
CA TYR C 233 47.66 -23.85 -15.84
C TYR C 233 48.03 -25.09 -16.70
N LEU C 234 47.03 -25.87 -17.15
CA LEU C 234 47.29 -27.05 -17.92
C LEU C 234 47.95 -26.76 -19.26
N ALA C 235 47.71 -25.58 -19.83
CA ALA C 235 48.41 -25.23 -21.12
C ALA C 235 49.85 -24.75 -20.81
N SER C 236 50.08 -24.33 -19.57
CA SER C 236 51.37 -23.65 -19.23
C SER C 236 52.54 -24.62 -19.01
N ASP C 237 53.77 -24.08 -19.05
CA ASP C 237 54.95 -24.92 -18.82
C ASP C 237 54.98 -25.42 -17.41
N GLY C 238 54.21 -24.80 -16.53
CA GLY C 238 54.09 -25.23 -15.15
C GLY C 238 53.34 -26.53 -14.93
N ALA C 239 52.68 -26.97 -15.99
CA ALA C 239 52.02 -28.28 -16.09
C ALA C 239 52.84 -29.30 -16.91
N SER C 240 54.19 -29.15 -16.96
CA SER C 240 54.98 -30.01 -17.84
C SER C 240 55.03 -31.49 -17.47
N PHE C 241 54.77 -31.83 -16.22
CA PHE C 241 54.70 -33.22 -15.83
C PHE C 241 53.25 -33.67 -15.52
N VAL C 242 52.26 -32.95 -16.05
CA VAL C 242 50.85 -33.33 -15.82
C VAL C 242 50.31 -33.85 -17.16
N THR C 243 50.05 -35.13 -17.27
CA THR C 243 49.32 -35.64 -18.41
C THR C 243 48.50 -36.88 -18.00
N GLY C 244 47.42 -37.14 -18.73
CA GLY C 244 46.58 -38.28 -18.37
C GLY C 244 45.62 -37.98 -17.19
N ALA C 245 45.65 -36.77 -16.65
CA ALA C 245 44.90 -36.43 -15.45
C ALA C 245 43.52 -35.87 -15.73
N ALA C 246 42.61 -36.11 -14.78
CA ALA C 246 41.31 -35.44 -14.83
C ALA C 246 41.34 -34.48 -13.68
N LEU C 247 41.74 -33.23 -13.93
CA LEU C 247 41.90 -32.23 -12.89
C LEU C 247 40.53 -31.65 -12.54
N LEU C 248 40.13 -31.76 -11.27
CA LEU C 248 38.80 -31.27 -10.88
C LEU C 248 39.06 -29.88 -10.43
N ALA C 249 38.38 -28.95 -11.09
CA ALA C 249 38.38 -27.57 -10.63
C ALA C 249 36.91 -27.27 -10.35
N ASP C 250 36.42 -27.85 -9.25
CA ASP C 250 35.00 -28.02 -9.03
C ASP C 250 34.55 -27.51 -7.67
N GLY C 251 35.38 -26.69 -7.01
CA GLY C 251 35.01 -26.14 -5.69
C GLY C 251 34.67 -27.15 -4.60
N GLY C 252 35.10 -28.40 -4.75
CA GLY C 252 34.85 -29.44 -3.75
C GLY C 252 33.58 -30.20 -4.03
N ALA C 253 32.90 -29.91 -5.14
CA ALA C 253 31.63 -30.61 -5.42
C ALA C 253 31.74 -32.13 -5.35
N SER C 254 32.82 -32.66 -5.85
CA SER C 254 33.04 -34.06 -5.94
C SER C 254 33.04 -34.75 -4.60
N VAL C 255 33.60 -34.11 -3.60
CA VAL C 255 33.66 -34.66 -2.28
C VAL C 255 32.62 -34.18 -1.26
N THR C 256 31.77 -33.30 -1.72
CA THR C 256 30.74 -32.67 -0.93
C THR C 256 29.42 -33.45 -1.06
N LYS C 257 28.76 -33.76 0.03
CA LYS C 257 27.42 -34.33 -0.04
C LYS C 257 26.38 -33.50 0.71
N SER D 4 11.29 10.63 -20.02
CA SER D 4 12.48 9.82 -19.66
C SER D 4 13.06 10.19 -18.28
N ARG D 5 12.16 10.41 -17.31
CA ARG D 5 12.57 10.78 -15.98
C ARG D 5 13.50 9.82 -15.22
N LEU D 6 13.56 8.58 -15.67
CA LEU D 6 14.41 7.59 -15.07
C LEU D 6 15.22 6.86 -16.12
N GLU D 7 15.77 7.61 -17.09
CA GLU D 7 16.41 6.97 -18.24
C GLU D 7 17.71 6.35 -17.77
N GLY D 8 18.02 5.14 -18.23
CA GLY D 8 19.27 4.54 -17.78
C GLY D 8 19.14 3.67 -16.53
N LYS D 9 18.07 3.85 -15.76
CA LYS D 9 17.92 3.16 -14.46
C LYS D 9 17.47 1.73 -14.68
N ILE D 10 17.90 0.84 -13.80
CA ILE D 10 17.40 -0.53 -13.76
C ILE D 10 16.69 -0.73 -12.41
N ALA D 11 15.39 -1.02 -12.43
CA ALA D 11 14.55 -1.06 -11.21
C ALA D 11 13.86 -2.41 -10.99
N ILE D 12 13.84 -2.83 -9.73
CA ILE D 12 12.98 -3.94 -9.36
C ILE D 12 11.78 -3.30 -8.73
N VAL D 13 10.59 -3.81 -9.06
CA VAL D 13 9.37 -3.40 -8.42
C VAL D 13 8.64 -4.64 -7.91
N THR D 14 8.29 -4.66 -6.62
CA THR D 14 7.49 -5.78 -6.10
C THR D 14 6.04 -5.34 -5.90
N GLY D 15 5.14 -6.30 -5.73
CA GLY D 15 3.71 -5.98 -5.70
C GLY D 15 3.31 -5.38 -7.02
N ALA D 16 3.81 -5.95 -8.12
CA ALA D 16 3.63 -5.28 -9.42
C ALA D 16 2.42 -5.71 -10.21
N SER D 17 1.66 -6.69 -9.68
CA SER D 17 0.48 -7.20 -10.40
C SER D 17 -0.82 -6.34 -10.34
N SER D 18 -0.89 -5.41 -9.39
CA SER D 18 -2.03 -4.48 -9.37
C SER D 18 -1.72 -3.20 -8.62
N GLY D 19 -2.70 -2.32 -8.57
CA GLY D 19 -2.65 -1.11 -7.73
C GLY D 19 -1.45 -0.20 -7.98
N ILE D 20 -0.88 0.23 -6.87
CA ILE D 20 0.31 1.08 -6.83
C ILE D 20 1.48 0.49 -7.54
N GLY D 21 1.82 -0.75 -7.22
CA GLY D 21 2.99 -1.44 -7.83
C GLY D 21 2.88 -1.53 -9.35
N ARG D 22 1.69 -1.86 -9.85
CA ARG D 22 1.55 -2.05 -11.32
C ARG D 22 1.79 -0.72 -11.98
N ALA D 23 1.13 0.30 -11.45
CA ALA D 23 1.26 1.65 -11.98
C ALA D 23 2.69 2.09 -11.91
N ALA D 24 3.37 1.77 -10.81
CA ALA D 24 4.77 2.20 -10.72
C ALA D 24 5.66 1.48 -11.74
N ALA D 25 5.44 0.17 -11.92
CA ALA D 25 6.26 -0.57 -12.85
C ALA D 25 6.02 -0.05 -14.29
N LEU D 26 4.75 0.21 -14.64
CA LEU D 26 4.39 0.77 -15.95
C LEU D 26 5.05 2.16 -16.11
N LEU D 27 4.77 3.05 -15.15
CA LEU D 27 5.33 4.41 -15.17
C LEU D 27 6.86 4.39 -15.32
N PHE D 28 7.60 3.66 -14.45
CA PHE D 28 9.06 3.61 -14.51
C PHE D 28 9.53 3.17 -15.91
N ALA D 29 8.94 2.08 -16.44
CA ALA D 29 9.30 1.63 -17.78
C ALA D 29 8.98 2.69 -18.84
N ARG D 30 7.80 3.28 -18.76
CA ARG D 30 7.40 4.36 -19.66
C ARG D 30 8.32 5.58 -19.58
N GLU D 31 8.99 5.73 -18.42
CA GLU D 31 9.92 6.80 -18.19
C GLU D 31 11.35 6.38 -18.41
N GLY D 32 11.59 5.24 -19.09
CA GLY D 32 12.96 4.93 -19.49
C GLY D 32 13.69 3.89 -18.66
N ALA D 33 13.12 3.45 -17.51
CA ALA D 33 13.85 2.45 -16.74
C ALA D 33 13.60 1.08 -17.33
N LYS D 34 14.61 0.23 -17.16
CA LYS D 34 14.46 -1.19 -17.35
C LYS D 34 13.84 -1.81 -16.04
N VAL D 35 12.75 -2.58 -16.12
CA VAL D 35 11.99 -2.94 -14.88
C VAL D 35 11.86 -4.46 -14.66
N VAL D 36 12.17 -4.91 -13.46
CA VAL D 36 11.98 -6.34 -13.12
C VAL D 36 10.85 -6.36 -12.12
N VAL D 37 9.83 -7.15 -12.42
CA VAL D 37 8.58 -7.09 -11.74
C VAL D 37 8.23 -8.42 -11.08
N THR D 38 7.49 -8.36 -9.96
CA THR D 38 7.19 -9.59 -9.23
C THR D 38 5.91 -9.36 -8.49
N ALA D 39 5.27 -10.49 -8.19
CA ALA D 39 4.04 -10.65 -7.48
C ALA D 39 3.79 -12.15 -7.54
N ARG D 40 2.77 -12.63 -6.87
CA ARG D 40 2.39 -14.08 -6.94
C ARG D 40 1.62 -14.45 -8.25
N ASN D 41 0.79 -13.53 -8.74
CA ASN D 41 -0.09 -13.74 -9.91
C ASN D 41 0.76 -13.68 -11.24
N GLY D 42 1.33 -14.82 -11.58
CA GLY D 42 2.07 -15.01 -12.85
C GLY D 42 1.36 -14.47 -14.08
N ASN D 43 0.05 -14.67 -14.15
CA ASN D 43 -0.79 -14.19 -15.28
C ASN D 43 -0.94 -12.68 -15.37
N ALA D 44 -1.15 -12.06 -14.22
CA ALA D 44 -1.10 -10.62 -14.05
C ALA D 44 0.23 -10.01 -14.47
N LEU D 45 1.33 -10.68 -14.09
CA LEU D 45 2.63 -10.18 -14.38
C LEU D 45 2.88 -10.19 -15.87
N ALA D 46 2.34 -11.20 -16.56
CA ALA D 46 2.52 -11.34 -18.00
C ALA D 46 1.72 -10.34 -18.80
N GLU D 47 0.49 -10.07 -18.39
CA GLU D 47 -0.27 -8.94 -18.91
C GLU D 47 0.48 -7.59 -18.75
N LEU D 48 1.21 -7.39 -17.63
CA LEU D 48 2.09 -6.22 -17.42
C LEU D 48 3.32 -6.11 -18.34
N THR D 49 4.14 -7.15 -18.38
CA THR D 49 5.33 -7.16 -19.19
C THR D 49 4.95 -7.07 -20.68
N ASP D 50 3.80 -7.66 -21.04
CA ASP D 50 3.26 -7.59 -22.42
C ASP D 50 2.83 -6.17 -22.77
N GLU D 51 2.06 -5.48 -21.90
CA GLU D 51 1.75 -4.09 -22.10
C GLU D 51 3.08 -3.25 -22.19
N ILE D 52 4.03 -3.45 -21.30
CA ILE D 52 5.24 -2.68 -21.33
C ILE D 52 6.01 -2.90 -22.63
N ALA D 53 6.17 -4.15 -23.01
CA ALA D 53 6.81 -4.46 -24.25
C ALA D 53 6.04 -3.93 -25.46
N GLY D 54 4.74 -3.98 -25.39
CA GLY D 54 3.83 -3.59 -26.45
C GLY D 54 4.04 -2.13 -26.72
N GLY D 55 4.30 -1.49 -25.62
CA GLY D 55 4.72 -0.14 -25.45
C GLY D 55 6.06 0.23 -26.01
N GLY D 56 6.97 -0.68 -26.19
CA GLY D 56 8.31 -0.31 -26.52
C GLY D 56 9.23 -0.12 -25.33
N GLY D 57 8.75 -0.50 -24.16
CA GLY D 57 9.64 -0.53 -22.98
C GLY D 57 10.22 -1.91 -22.73
N GLU D 58 11.10 -2.05 -21.72
CA GLU D 58 11.69 -3.34 -21.39
C GLU D 58 11.46 -3.72 -19.92
N ALA D 59 10.78 -4.85 -19.75
CA ALA D 59 10.50 -5.49 -18.44
C ALA D 59 10.93 -6.97 -18.49
N ALA D 60 11.02 -7.57 -17.32
CA ALA D 60 11.28 -9.01 -17.15
C ALA D 60 10.46 -9.32 -15.90
N ALA D 61 9.84 -10.49 -15.87
CA ALA D 61 8.98 -10.85 -14.74
C ALA D 61 9.42 -12.14 -14.09
N LEU D 62 9.25 -12.21 -12.76
CA LEU D 62 9.41 -13.49 -12.07
C LEU D 62 8.40 -13.57 -10.93
N ALA D 63 7.55 -14.60 -10.96
CA ALA D 63 6.49 -14.69 -9.99
C ALA D 63 6.98 -15.48 -8.75
N GLY D 64 6.38 -15.17 -7.62
CA GLY D 64 6.71 -15.94 -6.39
C GLY D 64 6.22 -15.17 -5.18
N ASP D 65 6.33 -15.79 -4.01
CA ASP D 65 5.92 -15.18 -2.77
C ASP D 65 7.06 -14.29 -2.32
N VAL D 66 6.69 -13.05 -2.03
CA VAL D 66 7.64 -12.02 -1.63
C VAL D 66 8.29 -12.29 -0.22
N GLY D 67 7.76 -13.28 0.50
CA GLY D 67 8.29 -13.65 1.82
C GLY D 67 9.38 -14.70 1.67
N ASP D 68 9.68 -15.12 0.43
CA ASP D 68 10.65 -16.21 0.15
C ASP D 68 12.04 -15.68 -0.25
N GLU D 69 13.08 -16.13 0.43
CA GLU D 69 14.39 -15.58 0.29
C GLU D 69 14.95 -15.88 -1.11
N ALA D 70 14.63 -17.06 -1.66
CA ALA D 70 15.24 -17.46 -2.94
C ALA D 70 14.59 -16.58 -4.01
N LEU D 71 13.36 -16.14 -3.76
CA LEU D 71 12.74 -15.21 -4.72
C LEU D 71 13.47 -13.90 -4.84
N HIS D 72 13.83 -13.29 -3.72
CA HIS D 72 14.57 -12.04 -3.69
C HIS D 72 15.99 -12.15 -4.30
N GLU D 73 16.66 -13.26 -4.01
CA GLU D 73 17.94 -13.57 -4.60
C GLU D 73 17.82 -13.67 -6.14
N ALA D 74 16.80 -14.37 -6.61
CA ALA D 74 16.65 -14.60 -8.06
C ALA D 74 16.11 -13.37 -8.81
N LEU D 75 15.40 -12.51 -8.09
CA LEU D 75 15.03 -11.27 -8.67
C LEU D 75 16.25 -10.40 -9.00
N VAL D 76 17.16 -10.33 -8.06
CA VAL D 76 18.35 -9.56 -8.23
C VAL D 76 19.22 -10.12 -9.37
N GLU D 77 19.35 -11.43 -9.40
CA GLU D 77 20.07 -12.11 -10.45
C GLU D 77 19.41 -11.84 -11.80
N LEU D 78 18.10 -11.86 -11.88
CA LEU D 78 17.45 -11.53 -13.11
C LEU D 78 17.72 -10.12 -13.60
N ALA D 79 17.70 -9.14 -12.71
CA ALA D 79 17.99 -7.79 -13.13
C ALA D 79 19.40 -7.63 -13.65
N VAL D 80 20.34 -8.21 -12.92
CA VAL D 80 21.70 -8.15 -13.27
C VAL D 80 22.02 -8.88 -14.55
N ARG D 81 21.46 -10.06 -14.68
CA ARG D 81 21.71 -10.86 -15.83
C ARG D 81 21.12 -10.34 -17.10
N ARG D 82 19.87 -9.94 -17.01
CA ARG D 82 19.11 -9.43 -18.13
C ARG D 82 19.56 -7.98 -18.49
N PHE D 83 19.72 -7.13 -17.48
CA PHE D 83 20.01 -5.72 -17.73
C PHE D 83 21.36 -5.17 -17.39
N GLY D 84 22.24 -5.98 -16.83
CA GLY D 84 23.61 -5.55 -16.47
C GLY D 84 23.87 -5.03 -15.07
N GLY D 85 22.79 -4.77 -14.31
CA GLY D 85 22.96 -4.25 -12.92
C GLY D 85 21.59 -3.99 -12.34
N LEU D 86 21.61 -3.20 -11.25
CA LEU D 86 20.47 -2.75 -10.48
C LEU D 86 20.81 -1.43 -9.84
N ASP D 87 19.91 -0.46 -10.03
CA ASP D 87 20.07 0.88 -9.55
C ASP D 87 19.04 1.20 -8.41
N THR D 88 17.84 0.64 -8.51
CA THR D 88 16.75 1.05 -7.62
C THR D 88 15.81 -0.13 -7.38
N ALA D 89 15.09 -0.07 -6.26
CA ALA D 89 14.10 -1.06 -5.89
C ALA D 89 12.97 -0.27 -5.26
N PHE D 90 11.76 -0.54 -5.73
CA PHE D 90 10.57 -0.10 -5.15
C PHE D 90 9.92 -1.34 -4.47
N ASN D 91 10.21 -1.53 -3.18
CA ASN D 91 9.78 -2.69 -2.49
C ASN D 91 8.42 -2.40 -1.95
N ASN D 92 7.44 -2.74 -2.75
CA ASN D 92 6.08 -2.18 -2.54
C ASN D 92 5.03 -3.22 -2.07
N ALA D 93 5.36 -4.52 -2.23
CA ALA D 93 4.36 -5.59 -1.98
C ALA D 93 3.90 -5.50 -0.55
N GLY D 94 2.60 -5.75 -0.32
CA GLY D 94 2.05 -5.55 1.04
C GLY D 94 0.60 -5.97 1.05
N ALA D 95 0.08 -6.28 2.23
CA ALA D 95 -1.27 -6.82 2.28
C ALA D 95 -1.76 -6.48 3.70
N LEU D 96 -3.02 -6.11 3.80
CA LEU D 96 -3.64 -5.87 5.13
C LEU D 96 -3.48 -7.07 6.04
N GLY D 97 -3.54 -8.27 5.48
CA GLY D 97 -3.30 -9.49 6.29
C GLY D 97 -4.51 -9.79 7.18
N ALA D 98 -4.33 -10.56 8.24
CA ALA D 98 -5.47 -10.86 9.17
C ALA D 98 -5.85 -9.66 10.04
N MET D 99 -7.13 -9.33 10.02
CA MET D 99 -7.67 -8.18 10.71
C MET D 99 -8.69 -8.63 11.72
N GLY D 100 -8.95 -7.81 12.72
CA GLY D 100 -9.92 -8.16 13.79
C GLY D 100 -9.42 -7.73 15.15
N GLU D 101 -10.30 -7.82 16.14
CA GLU D 101 -9.98 -7.49 17.53
C GLU D 101 -8.73 -8.21 18.04
N ILE D 102 -7.76 -7.45 18.60
CA ILE D 102 -6.47 -8.05 19.03
C ILE D 102 -6.57 -9.45 19.72
N SER D 103 -7.52 -9.61 20.65
CA SER D 103 -7.63 -10.89 21.34
C SER D 103 -8.16 -12.07 20.47
N SER D 104 -8.73 -11.79 19.29
CA SER D 104 -9.23 -12.83 18.35
C SER D 104 -8.16 -13.34 17.33
N LEU D 105 -7.08 -12.56 17.12
CA LEU D 105 -6.06 -12.84 16.09
C LEU D 105 -5.19 -14.02 16.36
N SER D 106 -4.86 -14.80 15.34
CA SER D 106 -3.95 -15.93 15.60
C SER D 106 -2.49 -15.50 15.47
N VAL D 107 -1.58 -16.16 16.18
CA VAL D 107 -0.17 -15.88 15.96
C VAL D 107 0.20 -16.24 14.49
N GLU D 108 -0.43 -17.26 13.91
CA GLU D 108 -0.16 -17.62 12.48
C GLU D 108 -0.46 -16.48 11.51
N GLY D 109 -1.64 -15.88 11.68
CA GLY D 109 -2.04 -14.70 10.90
C GLY D 109 -1.14 -13.50 11.15
N TRP D 110 -0.72 -13.27 12.40
CA TRP D 110 0.29 -12.23 12.71
C TRP D 110 1.62 -12.48 12.00
N ARG D 111 2.16 -13.71 12.08
CA ARG D 111 3.44 -13.98 11.37
C ARG D 111 3.31 -13.86 9.85
N GLU D 112 2.17 -14.28 9.31
CA GLU D 112 1.96 -14.20 7.87
C GLU D 112 1.95 -12.73 7.44
N THR D 113 1.23 -11.88 8.19
CA THR D 113 1.18 -10.45 7.91
C THR D 113 2.62 -9.88 7.99
N LEU D 114 3.30 -10.09 9.11
CA LEU D 114 4.68 -9.64 9.21
C LEU D 114 5.60 -10.21 8.12
N ASP D 115 5.39 -11.45 7.71
CA ASP D 115 6.32 -12.06 6.70
C ASP D 115 6.14 -11.38 5.34
N THR D 116 4.90 -11.22 4.90
CA THR D 116 4.59 -10.52 3.65
C THR D 116 4.97 -9.07 3.72
N ASN D 117 4.72 -8.37 4.84
CA ASN D 117 4.95 -6.91 4.82
C ASN D 117 6.33 -6.43 5.20
N LEU D 118 7.01 -7.15 6.12
CA LEU D 118 8.23 -6.63 6.71
C LEU D 118 9.40 -7.62 6.52
N THR D 119 9.17 -8.92 6.75
CA THR D 119 10.27 -9.87 6.46
C THR D 119 10.69 -9.77 4.95
N SER D 120 9.70 -9.62 4.09
CA SER D 120 9.98 -9.38 2.65
C SER D 120 11.00 -8.22 2.44
N ALA D 121 10.92 -7.17 3.26
CA ALA D 121 11.73 -5.95 3.04
C ALA D 121 13.18 -6.18 3.47
N PHE D 122 13.35 -6.97 4.52
CA PHE D 122 14.65 -7.44 4.97
C PHE D 122 15.33 -8.27 3.85
N LEU D 123 14.58 -9.22 3.31
CA LEU D 123 15.10 -10.15 2.28
C LEU D 123 15.42 -9.37 0.99
N ALA D 124 14.57 -8.40 0.68
CA ALA D 124 14.82 -7.58 -0.49
C ALA D 124 16.09 -6.80 -0.32
N ALA D 125 16.25 -6.12 0.82
CA ALA D 125 17.47 -5.39 1.09
C ALA D 125 18.67 -6.32 1.06
N LYS D 126 18.57 -7.51 1.68
CA LYS D 126 19.72 -8.39 1.82
C LYS D 126 20.36 -8.71 0.44
N TYR D 127 19.53 -8.90 -0.58
CA TYR D 127 20.01 -9.21 -1.94
C TYR D 127 20.15 -7.99 -2.83
N GLN D 128 19.30 -7.00 -2.62
CA GLN D 128 19.34 -5.78 -3.41
C GLN D 128 20.55 -4.93 -3.17
N VAL D 129 20.94 -4.82 -1.92
CA VAL D 129 22.06 -3.94 -1.55
C VAL D 129 23.42 -4.23 -2.26
N PRO D 130 23.93 -5.48 -2.21
CA PRO D 130 25.23 -5.79 -2.91
C PRO D 130 25.16 -5.47 -4.40
N ALA D 131 24.03 -5.69 -5.06
CA ALA D 131 23.93 -5.33 -6.51
C ALA D 131 23.89 -3.82 -6.77
N ILE D 132 23.17 -3.09 -5.93
CA ILE D 132 23.13 -1.60 -6.03
C ILE D 132 24.48 -0.95 -5.74
N ALA D 133 25.18 -1.48 -4.76
CA ALA D 133 26.47 -1.00 -4.32
C ALA D 133 27.51 -1.11 -5.43
N ALA D 134 27.40 -2.17 -6.20
CA ALA D 134 28.30 -2.49 -7.28
C ALA D 134 28.27 -1.41 -8.36
N LEU D 135 27.09 -0.94 -8.66
CA LEU D 135 26.90 0.13 -9.60
C LEU D 135 27.44 1.42 -9.01
N GLY D 136 27.71 1.40 -7.72
CA GLY D 136 28.25 2.59 -7.09
C GLY D 136 27.24 3.43 -6.37
N GLY D 137 26.05 2.92 -6.19
CA GLY D 137 25.04 3.63 -5.41
C GLY D 137 23.73 3.59 -6.15
N GLY D 138 22.65 4.04 -5.48
CA GLY D 138 21.33 4.15 -6.06
C GLY D 138 20.34 4.34 -4.89
N SER D 139 19.19 3.67 -4.98
CA SER D 139 18.16 3.77 -3.88
C SER D 139 17.27 2.53 -3.68
N LEU D 140 16.69 2.46 -2.47
CA LEU D 140 15.71 1.47 -2.06
C LEU D 140 14.58 2.28 -1.45
N THR D 141 13.37 2.02 -1.92
CA THR D 141 12.17 2.64 -1.43
C THR D 141 11.22 1.55 -0.98
N PHE D 142 10.60 1.73 0.20
CA PHE D 142 9.70 0.66 0.74
C PHE D 142 8.38 1.31 0.97
N THR D 143 7.33 0.63 0.57
CA THR D 143 6.01 1.21 0.73
C THR D 143 5.53 0.86 2.15
N SER D 144 5.49 1.89 3.00
CA SER D 144 4.92 1.76 4.36
C SER D 144 3.45 2.23 4.34
N SER D 145 2.98 3.03 5.28
CA SER D 145 1.62 3.50 5.27
C SER D 145 1.53 4.59 6.32
N PHE D 146 0.55 5.53 6.22
CA PHE D 146 0.38 6.48 7.33
C PHE D 146 -0.17 5.75 8.58
N VAL D 147 -0.81 4.59 8.35
CA VAL D 147 -1.33 3.75 9.44
C VAL D 147 -0.17 3.13 10.19
N GLY D 148 -0.11 3.40 11.51
CA GLY D 148 1.02 2.91 12.28
C GLY D 148 2.11 3.97 12.37
N HIS D 149 1.97 5.06 11.64
CA HIS D 149 2.97 6.15 11.73
C HIS D 149 2.32 7.42 12.24
N THR D 150 1.17 7.77 11.72
CA THR D 150 0.46 8.95 12.20
C THR D 150 -1.02 8.66 12.58
N ALA D 151 -1.38 7.40 12.53
CA ALA D 151 -2.77 7.03 12.89
C ALA D 151 -2.94 5.57 13.23
N GLY D 152 -3.86 5.30 14.18
CA GLY D 152 -4.28 3.93 14.44
C GLY D 152 -5.71 3.75 13.99
N PHE D 153 -6.10 2.49 13.74
CA PHE D 153 -7.50 2.15 13.46
C PHE D 153 -7.73 0.86 14.22
N ALA D 154 -8.99 0.58 14.51
CA ALA D 154 -9.31 -0.70 15.17
C ALA D 154 -9.14 -1.86 14.21
N GLY D 155 -8.69 -2.98 14.74
CA GLY D 155 -8.71 -4.20 13.98
C GLY D 155 -7.56 -4.38 13.02
N VAL D 156 -6.58 -3.47 13.05
CA VAL D 156 -5.49 -3.60 12.09
C VAL D 156 -4.09 -3.63 12.74
N ALA D 157 -4.00 -4.09 14.00
CA ALA D 157 -2.72 -4.15 14.70
C ALA D 157 -1.56 -4.87 13.96
N PRO D 158 -1.77 -6.07 13.36
CA PRO D 158 -0.61 -6.66 12.62
C PRO D 158 -0.14 -5.79 11.43
N TYR D 159 -1.09 -5.23 10.70
CA TYR D 159 -0.70 -4.37 9.55
C TYR D 159 0.06 -3.13 10.02
N ALA D 160 -0.47 -2.46 11.04
CA ALA D 160 0.10 -1.22 11.54
C ALA D 160 1.52 -1.49 12.04
N ALA D 161 1.73 -2.61 12.77
CA ALA D 161 3.04 -2.93 13.33
C ALA D 161 4.04 -3.20 12.19
N SER D 162 3.60 -4.00 11.23
CA SER D 162 4.47 -4.34 10.06
C SER D 162 4.88 -3.09 9.27
N LYS D 163 3.93 -2.19 9.06
CA LYS D 163 4.16 -0.95 8.30
C LYS D 163 5.10 0.00 9.03
N ALA D 164 4.87 0.17 10.35
CA ALA D 164 5.77 0.97 11.18
C ALA D 164 7.20 0.36 11.24
N GLY D 165 7.29 -0.96 11.25
CA GLY D 165 8.59 -1.64 11.27
C GLY D 165 9.47 -1.24 10.06
N LEU D 166 8.82 -1.02 8.91
CA LEU D 166 9.55 -0.59 7.69
C LEU D 166 10.29 0.70 7.98
N ILE D 167 9.71 1.57 8.80
CA ILE D 167 10.32 2.86 9.00
C ILE D 167 11.63 2.69 9.78
N GLY D 168 11.63 1.82 10.79
CA GLY D 168 12.83 1.54 11.61
C GLY D 168 13.90 0.91 10.69
N LEU D 169 13.49 0.00 9.83
CA LEU D 169 14.41 -0.62 8.84
C LEU D 169 15.05 0.45 7.92
N VAL D 170 14.22 1.38 7.44
CA VAL D 170 14.69 2.50 6.63
C VAL D 170 15.71 3.37 7.34
N GLN D 171 15.45 3.69 8.61
CA GLN D 171 16.39 4.54 9.34
C GLN D 171 17.76 3.86 9.50
N ALA D 172 17.72 2.59 9.85
CA ALA D 172 18.93 1.82 10.13
C ALA D 172 19.74 1.68 8.83
N LEU D 173 19.08 1.29 7.75
CA LEU D 173 19.77 1.12 6.44
C LEU D 173 20.26 2.43 5.82
N ALA D 174 19.49 3.53 5.98
CA ALA D 174 19.97 4.82 5.50
C ALA D 174 21.38 5.10 6.11
N VAL D 175 21.53 4.93 7.42
CA VAL D 175 22.80 5.16 8.08
C VAL D 175 23.87 4.14 7.62
N GLU D 176 23.49 2.86 7.63
CA GLU D 176 24.41 1.81 7.33
C GLU D 176 24.90 1.99 5.89
N LEU D 177 24.03 2.37 4.99
CA LEU D 177 24.41 2.38 3.55
C LEU D 177 24.82 3.72 2.94
N GLY D 178 24.68 4.78 3.70
CA GLY D 178 24.69 6.11 3.09
C GLY D 178 26.07 6.49 2.58
N ALA D 179 27.11 6.07 3.31
CA ALA D 179 28.51 6.35 2.88
C ALA D 179 28.85 5.69 1.52
N ARG D 180 28.06 4.70 1.11
CA ARG D 180 28.25 4.06 -0.21
C ARG D 180 27.36 4.60 -1.32
N GLY D 181 26.65 5.70 -1.05
CA GLY D 181 25.78 6.31 -2.05
C GLY D 181 24.43 5.61 -2.28
N ILE D 182 23.99 4.81 -1.32
CA ILE D 182 22.71 4.11 -1.41
C ILE D 182 21.73 4.82 -0.52
N ARG D 183 20.72 5.37 -1.14
CA ARG D 183 19.73 6.11 -0.40
C ARG D 183 18.63 5.10 0.01
N VAL D 184 18.05 5.33 1.19
CA VAL D 184 16.98 4.44 1.67
C VAL D 184 15.86 5.32 2.27
N ASN D 185 14.64 5.11 1.72
CA ASN D 185 13.44 5.83 2.08
C ASN D 185 12.19 4.99 2.24
N ALA D 186 11.23 5.50 3.00
CA ALA D 186 9.91 4.88 3.11
C ALA D 186 8.99 5.81 2.39
N LEU D 187 8.06 5.24 1.63
CA LEU D 187 6.95 5.96 1.02
C LEU D 187 5.67 5.54 1.73
N LEU D 188 4.97 6.54 2.24
CA LEU D 188 3.73 6.33 3.01
C LEU D 188 2.53 6.90 2.29
N PRO D 189 1.77 6.02 1.60
CA PRO D 189 0.55 6.47 0.95
C PRO D 189 -0.58 6.75 1.94
N GLY D 190 -1.49 7.65 1.56
CA GLY D 190 -2.83 7.72 2.11
C GLY D 190 -3.73 6.73 1.41
N GLY D 191 -5.05 6.90 1.56
CA GLY D 191 -6.02 6.01 0.85
C GLY D 191 -5.85 6.14 -0.67
N THR D 192 -5.75 4.99 -1.32
CA THR D 192 -5.43 4.91 -2.74
C THR D 192 -6.42 3.92 -3.32
N ASP D 193 -6.91 4.22 -4.53
CA ASP D 193 -8.03 3.47 -5.15
C ASP D 193 -7.51 2.14 -5.78
N THR D 194 -7.40 1.13 -4.94
CA THR D 194 -6.89 -0.19 -5.33
C THR D 194 -7.74 -1.18 -4.55
N PRO D 195 -7.51 -2.48 -4.74
CA PRO D 195 -8.19 -3.50 -3.88
C PRO D 195 -7.75 -3.54 -2.41
N ALA D 196 -6.63 -2.91 -2.05
CA ALA D 196 -6.27 -2.86 -0.62
C ALA D 196 -7.00 -1.77 0.17
N ASN D 197 -7.75 -0.91 -0.52
CA ASN D 197 -8.41 0.16 0.19
C ASN D 197 -9.62 -0.35 0.94
N PHE D 198 -9.77 0.11 2.18
CA PHE D 198 -10.92 -0.27 3.08
C PHE D 198 -12.27 -0.18 2.36
N ALA D 199 -12.41 0.88 1.59
CA ALA D 199 -13.59 1.19 0.83
C ALA D 199 -13.90 0.18 -0.25
N ASN D 200 -12.87 -0.41 -0.80
CA ASN D 200 -13.02 -1.31 -1.95
C ASN D 200 -13.12 -2.77 -1.66
N LEU D 201 -12.95 -3.16 -0.42
CA LEU D 201 -12.97 -4.55 -0.01
C LEU D 201 -14.36 -5.07 -0.11
N PRO D 202 -14.50 -6.35 -0.18
CA PRO D 202 -15.82 -6.93 -0.29
C PRO D 202 -16.11 -7.34 1.11
N GLY D 203 -17.25 -7.05 1.71
CA GLY D 203 -18.25 -6.19 1.17
C GLY D 203 -18.25 -5.08 2.19
N ALA D 204 -17.60 -4.00 1.80
CA ALA D 204 -17.51 -2.81 2.54
C ALA D 204 -18.89 -2.20 2.56
N ALA D 205 -19.18 -1.46 3.59
CA ALA D 205 -20.44 -0.72 3.64
C ALA D 205 -20.39 0.42 2.61
N PRO D 206 -21.52 0.72 1.95
CA PRO D 206 -21.51 1.87 1.02
C PRO D 206 -20.86 3.15 1.59
N GLU D 207 -21.10 3.43 2.86
CA GLU D 207 -20.66 4.69 3.48
C GLU D 207 -19.11 4.75 3.72
N THR D 208 -18.44 3.60 3.58
CA THR D 208 -16.97 3.55 3.81
C THR D 208 -16.22 4.40 2.81
N ARG D 209 -16.64 4.43 1.55
CA ARG D 209 -15.94 5.27 0.59
C ARG D 209 -15.89 6.74 1.01
N GLY D 210 -17.05 7.34 1.37
CA GLY D 210 -17.06 8.76 1.78
C GLY D 210 -16.29 8.97 3.09
N PHE D 211 -16.36 7.99 3.99
CA PHE D 211 -15.55 7.99 5.19
C PHE D 211 -14.02 8.03 4.88
N VAL D 212 -13.56 7.15 4.01
CA VAL D 212 -12.13 7.08 3.66
C VAL D 212 -11.73 8.36 2.95
N GLU D 213 -12.56 8.78 1.98
CA GLU D 213 -12.27 10.09 1.36
C GLU D 213 -12.11 11.22 2.35
N GLY D 214 -13.03 11.31 3.32
CA GLY D 214 -12.98 12.43 4.25
C GLY D 214 -11.82 12.36 5.23
N LEU D 215 -11.08 11.26 5.24
CA LEU D 215 -9.88 11.25 6.07
C LEU D 215 -8.79 12.18 5.55
N HIS D 216 -8.93 12.59 4.31
CA HIS D 216 -7.85 13.29 3.59
C HIS D 216 -8.13 14.77 3.53
N ALA D 217 -7.09 15.59 3.77
CA ALA D 217 -7.22 17.02 3.52
C ALA D 217 -7.70 17.32 2.11
N LEU D 218 -7.26 16.56 1.09
CA LEU D 218 -7.70 16.82 -0.31
C LEU D 218 -9.14 16.33 -0.56
N LYS D 219 -9.66 15.59 0.40
CA LYS D 219 -11.08 15.10 0.39
C LYS D 219 -11.35 14.15 -0.74
N ARG D 220 -10.39 13.26 -1.02
CA ARG D 220 -10.45 12.33 -2.13
C ARG D 220 -9.44 11.21 -1.90
N ILE D 221 -9.64 10.08 -2.54
CA ILE D 221 -8.69 8.97 -2.50
C ILE D 221 -7.73 9.16 -3.67
N ALA D 222 -6.47 8.76 -3.53
CA ALA D 222 -5.45 8.84 -4.59
C ALA D 222 -5.74 7.90 -5.75
N ARG D 223 -5.43 8.33 -6.98
CA ARG D 223 -5.23 7.40 -8.11
C ARG D 223 -3.87 6.73 -7.82
N PRO D 224 -3.73 5.41 -8.13
CA PRO D 224 -2.47 4.66 -7.91
C PRO D 224 -1.31 5.34 -8.61
N GLU D 225 -1.57 5.96 -9.77
CA GLU D 225 -0.51 6.69 -10.50
C GLU D 225 0.11 7.83 -9.69
N GLU D 226 -0.67 8.49 -8.88
CA GLU D 226 -0.15 9.58 -8.04
C GLU D 226 0.84 9.07 -7.02
N ILE D 227 0.57 7.86 -6.52
CA ILE D 227 1.50 7.22 -5.58
C ILE D 227 2.77 6.74 -6.32
N ALA D 228 2.56 6.19 -7.53
CA ALA D 228 3.69 5.84 -8.43
C ALA D 228 4.64 7.03 -8.77
N GLU D 229 4.06 8.22 -8.96
CA GLU D 229 4.79 9.44 -9.24
C GLU D 229 5.70 9.81 -8.07
N ALA D 230 5.21 9.57 -6.84
CA ALA D 230 6.06 9.84 -5.65
C ALA D 230 7.18 8.82 -5.60
N ALA D 231 6.89 7.55 -5.94
CA ALA D 231 7.91 6.54 -5.96
C ALA D 231 8.94 6.87 -7.06
N LEU D 232 8.44 7.33 -8.20
CA LEU D 232 9.36 7.72 -9.27
C LEU D 232 10.25 8.85 -8.76
N TYR D 233 9.67 9.87 -8.10
CA TYR D 233 10.53 10.91 -7.50
C TYR D 233 11.71 10.33 -6.66
N LEU D 234 11.40 9.45 -5.69
CA LEU D 234 12.41 8.92 -4.82
C LEU D 234 13.50 8.10 -5.54
N ALA D 235 13.13 7.46 -6.64
CA ALA D 235 14.09 6.68 -7.44
C ALA D 235 14.97 7.60 -8.30
N SER D 236 14.46 8.83 -8.49
CA SER D 236 15.01 9.75 -9.46
C SER D 236 16.26 10.46 -8.97
N ASP D 237 17.03 11.00 -9.94
CA ASP D 237 18.17 11.83 -9.57
C ASP D 237 17.76 13.07 -8.78
N GLY D 238 16.55 13.54 -9.00
CA GLY D 238 16.04 14.66 -8.24
C GLY D 238 15.93 14.46 -6.74
N ALA D 239 16.08 13.21 -6.28
CA ALA D 239 15.95 12.88 -4.87
C ALA D 239 17.34 12.55 -4.35
N SER D 240 18.40 13.06 -5.01
CA SER D 240 19.80 12.71 -4.61
C SER D 240 20.19 13.09 -3.17
N PHE D 241 19.51 14.04 -2.54
CA PHE D 241 19.83 14.36 -1.17
C PHE D 241 18.71 13.87 -0.21
N VAL D 242 17.90 12.89 -0.66
CA VAL D 242 16.78 12.43 0.19
C VAL D 242 17.13 11.03 0.63
N THR D 243 17.44 10.82 1.90
CA THR D 243 17.57 9.48 2.41
C THR D 243 17.19 9.47 3.93
N GLY D 244 16.78 8.33 4.44
CA GLY D 244 16.36 8.27 5.83
C GLY D 244 14.94 8.79 6.05
N ALA D 245 14.25 9.19 4.99
CA ALA D 245 12.99 9.92 5.12
C ALA D 245 11.74 9.00 5.02
N ALA D 246 10.69 9.41 5.74
CA ALA D 246 9.39 8.77 5.58
C ALA D 246 8.56 9.83 4.89
N LEU D 247 8.51 9.74 3.54
CA LEU D 247 7.83 10.69 2.72
C LEU D 247 6.32 10.36 2.71
N LEU D 248 5.51 11.27 3.24
CA LEU D 248 4.05 11.08 3.21
C LEU D 248 3.43 11.57 1.89
N ALA D 249 2.83 10.65 1.15
CA ALA D 249 2.07 11.02 -0.03
C ALA D 249 0.64 10.58 0.30
N ASP D 250 0.04 11.31 1.22
CA ASP D 250 -1.14 10.82 1.84
C ASP D 250 -2.29 11.79 1.76
N GLY D 251 -2.18 12.81 0.89
CA GLY D 251 -3.30 13.76 0.68
C GLY D 251 -3.70 14.50 1.95
N GLY D 252 -2.77 14.58 2.89
CA GLY D 252 -2.99 15.31 4.16
C GLY D 252 -3.66 14.46 5.25
N ALA D 253 -3.83 13.16 5.00
CA ALA D 253 -4.49 12.28 6.00
C ALA D 253 -3.82 12.39 7.37
N SER D 254 -2.49 12.51 7.40
CA SER D 254 -1.77 12.57 8.69
C SER D 254 -2.12 13.76 9.57
N VAL D 255 -2.47 14.88 8.94
CA VAL D 255 -2.72 16.10 9.66
C VAL D 255 -4.21 16.48 9.76
N THR D 256 -5.04 15.67 9.12
CA THR D 256 -6.51 15.83 9.08
C THR D 256 -7.16 15.07 10.22
N LYS D 257 -8.07 15.72 10.94
CA LYS D 257 -8.81 15.01 11.98
C LYS D 257 -10.32 15.06 11.72
N SER E 4 3.91 14.56 48.54
CA SER E 4 5.09 15.36 48.28
C SER E 4 5.94 14.98 47.06
N ARG E 5 5.30 14.81 45.94
CA ARG E 5 5.95 14.49 44.69
C ARG E 5 6.90 15.56 44.18
N LEU E 6 6.69 16.82 44.57
CA LEU E 6 7.60 17.87 44.23
C LEU E 6 8.24 18.53 45.44
N GLU E 7 8.30 17.81 46.55
CA GLU E 7 8.73 18.40 47.86
C GLU E 7 10.04 19.08 47.63
N GLY E 8 10.24 20.26 48.19
CA GLY E 8 11.51 20.96 48.05
C GLY E 8 11.67 21.91 46.84
N LYS E 9 10.87 21.72 45.81
CA LYS E 9 11.08 22.37 44.52
C LYS E 9 10.48 23.77 44.63
N ILE E 10 10.98 24.69 43.81
CA ILE E 10 10.43 26.04 43.69
C ILE E 10 10.06 26.25 42.18
N ALA E 11 8.80 26.56 41.94
CA ALA E 11 8.19 26.51 40.61
C ALA E 11 7.52 27.82 40.18
N ILE E 12 7.80 28.26 38.96
CA ILE E 12 6.95 29.24 38.23
C ILE E 12 5.87 28.54 37.42
N VAL E 13 4.60 29.02 37.52
CA VAL E 13 3.53 28.59 36.62
C VAL E 13 2.98 29.86 35.92
N THR E 14 3.04 29.92 34.58
CA THR E 14 2.46 31.05 33.86
C THR E 14 1.17 30.56 33.22
N GLY E 15 0.30 31.48 32.85
CA GLY E 15 -1.06 31.12 32.50
C GLY E 15 -1.80 30.49 33.68
N ALA E 16 -1.59 31.02 34.88
CA ALA E 16 -2.15 30.42 36.10
C ALA E 16 -3.60 30.79 36.44
N SER E 17 -4.20 31.69 35.68
CA SER E 17 -5.51 32.20 36.10
C SER E 17 -6.66 31.27 35.85
N SER E 18 -6.62 30.47 34.79
CA SER E 18 -7.59 29.36 34.70
C SER E 18 -7.09 27.99 34.09
N GLY E 19 -8.03 27.06 33.91
CA GLY E 19 -7.81 25.80 33.22
C GLY E 19 -6.67 24.91 33.75
N ILE E 20 -5.76 24.55 32.83
CA ILE E 20 -4.48 23.82 33.13
C ILE E 20 -3.53 24.51 34.09
N GLY E 21 -3.21 25.79 33.86
CA GLY E 21 -2.24 26.46 34.70
C GLY E 21 -2.67 26.52 36.15
N ARG E 22 -3.95 26.83 36.36
CA ARG E 22 -4.57 26.82 37.71
C ARG E 22 -4.55 25.48 38.43
N ALA E 23 -4.96 24.42 37.72
CA ALA E 23 -4.86 23.07 38.24
C ALA E 23 -3.42 22.69 38.54
N ALA E 24 -2.47 23.15 37.70
CA ALA E 24 -1.08 22.85 37.95
C ALA E 24 -0.51 23.61 39.13
N ALA E 25 -0.83 24.88 39.23
CA ALA E 25 -0.25 25.59 40.35
C ALA E 25 -0.81 24.99 41.66
N LEU E 26 -2.10 24.67 41.69
CA LEU E 26 -2.72 24.04 42.87
C LEU E 26 -2.07 22.70 43.20
N LEU E 27 -1.93 21.85 42.17
CA LEU E 27 -1.30 20.53 42.37
C LEU E 27 0.15 20.62 42.81
N PHE E 28 0.98 21.49 42.18
CA PHE E 28 2.39 21.56 42.54
C PHE E 28 2.48 21.99 43.98
N ALA E 29 1.65 22.97 44.35
CA ALA E 29 1.64 23.39 45.75
C ALA E 29 1.22 22.26 46.68
N ARG E 30 0.15 21.53 46.37
CA ARG E 30 -0.28 20.43 47.25
C ARG E 30 0.86 19.39 47.41
N GLU E 31 1.77 19.33 46.41
CA GLU E 31 2.79 18.29 46.32
C GLU E 31 4.12 18.74 46.82
N GLY E 32 4.12 19.84 47.56
CA GLY E 32 5.36 20.28 48.19
C GLY E 32 6.08 21.37 47.48
N ALA E 33 5.63 21.81 46.29
CA ALA E 33 6.36 22.89 45.66
C ALA E 33 5.89 24.27 46.15
N LYS E 34 6.86 25.15 46.32
CA LYS E 34 6.63 26.61 46.42
C LYS E 34 6.41 27.19 45.00
N VAL E 35 5.29 27.89 44.79
CA VAL E 35 4.79 28.24 43.44
C VAL E 35 4.82 29.77 43.28
N VAL E 36 5.42 30.26 42.20
CA VAL E 36 5.23 31.67 41.80
C VAL E 36 4.25 31.65 40.61
N VAL E 37 3.11 32.32 40.75
CA VAL E 37 2.06 32.24 39.74
C VAL E 37 1.90 33.60 39.03
N THR E 38 1.58 33.55 37.74
CA THR E 38 1.34 34.78 36.98
C THR E 38 0.22 34.58 35.94
N ALA E 39 -0.43 35.70 35.61
CA ALA E 39 -1.51 35.72 34.66
C ALA E 39 -1.85 37.23 34.53
N ARG E 40 -2.74 37.56 33.60
CA ARG E 40 -3.19 38.94 33.43
C ARG E 40 -4.24 39.40 34.44
N ASN E 41 -5.13 38.47 34.81
CA ASN E 41 -6.30 38.74 35.64
C ASN E 41 -5.93 38.61 37.11
N GLY E 42 -5.53 39.71 37.74
CA GLY E 42 -5.22 39.65 39.18
C GLY E 42 -6.31 39.13 40.09
N ASN E 43 -7.55 39.40 39.76
CA ASN E 43 -8.64 38.89 40.57
C ASN E 43 -8.62 37.34 40.63
N ALA E 44 -8.46 36.72 39.48
CA ALA E 44 -8.36 35.27 39.42
C ALA E 44 -7.10 34.79 40.14
N LEU E 45 -5.96 35.45 39.98
CA LEU E 45 -4.80 35.02 40.73
C LEU E 45 -5.10 34.97 42.27
N ALA E 46 -5.82 36.01 42.73
CA ALA E 46 -6.12 36.16 44.16
C ALA E 46 -6.94 34.96 44.68
N GLU E 47 -7.94 34.49 43.94
CA GLU E 47 -8.65 33.31 44.41
C GLU E 47 -7.79 32.04 44.33
N LEU E 48 -6.83 32.01 43.41
CA LEU E 48 -5.99 30.84 43.24
C LEU E 48 -5.00 30.81 44.42
N THR E 49 -4.41 31.95 44.74
CA THR E 49 -3.46 32.00 45.86
C THR E 49 -4.06 31.88 47.25
N ASP E 50 -5.34 32.22 47.40
CA ASP E 50 -6.04 31.96 48.66
C ASP E 50 -6.23 30.48 48.80
N GLU E 51 -6.61 29.83 47.68
CA GLU E 51 -6.81 28.40 47.70
C GLU E 51 -5.51 27.68 48.04
N ILE E 52 -4.40 28.10 47.45
CA ILE E 52 -3.09 27.49 47.77
C ILE E 52 -2.77 27.56 49.27
N ALA E 53 -2.92 28.73 49.87
CA ALA E 53 -2.68 28.86 51.30
C ALA E 53 -3.96 28.37 51.99
N GLY E 54 -3.89 27.96 53.24
CA GLY E 54 -5.12 27.38 53.79
C GLY E 54 -5.56 26.12 53.06
N GLY E 55 -4.73 25.71 52.08
CA GLY E 55 -4.72 24.35 51.59
C GLY E 55 -3.48 23.82 52.26
N GLY E 56 -2.74 24.72 52.91
CA GLY E 56 -1.49 24.40 53.55
C GLY E 56 -0.28 24.89 52.76
N GLY E 57 -0.46 25.27 51.50
CA GLY E 57 0.68 25.67 50.64
C GLY E 57 1.12 27.13 50.68
N GLU E 58 2.25 27.41 50.02
CA GLU E 58 2.79 28.75 49.86
C GLU E 58 2.89 29.10 48.36
N ALA E 59 2.40 30.30 48.02
CA ALA E 59 2.38 30.84 46.65
C ALA E 59 2.67 32.34 46.73
N ALA E 60 3.36 32.87 45.72
CA ALA E 60 3.50 34.33 45.47
C ALA E 60 2.92 34.57 44.09
N ALA E 61 2.49 35.81 43.85
CA ALA E 61 1.90 36.15 42.56
C ALA E 61 2.41 37.46 42.01
N LEU E 62 2.29 37.59 40.71
CA LEU E 62 2.63 38.83 40.04
C LEU E 62 1.73 38.89 38.81
N ALA E 63 0.86 39.89 38.76
CA ALA E 63 0.03 40.09 37.57
C ALA E 63 0.75 40.80 36.45
N GLY E 64 0.48 40.38 35.22
CA GLY E 64 1.20 41.04 34.09
C GLY E 64 0.96 40.43 32.73
N ASP E 65 1.46 41.10 31.70
CA ASP E 65 1.35 40.55 30.33
C ASP E 65 2.52 39.58 30.05
N VAL E 66 2.21 38.34 29.72
CA VAL E 66 3.27 37.33 29.63
C VAL E 66 4.24 37.61 28.41
N GLY E 67 3.81 38.50 27.53
CA GLY E 67 4.65 38.98 26.43
C GLY E 67 5.58 40.12 26.80
N ASP E 68 5.58 40.55 28.08
CA ASP E 68 6.52 41.60 28.54
C ASP E 68 7.83 41.10 29.15
N GLU E 69 8.95 41.58 28.62
CA GLU E 69 10.24 41.22 29.14
C GLU E 69 10.38 41.53 30.62
N ALA E 70 9.87 42.70 31.08
CA ALA E 70 10.00 43.06 32.52
C ALA E 70 9.27 42.12 33.45
N LEU E 71 8.13 41.63 33.00
CA LEU E 71 7.41 40.65 33.78
C LEU E 71 8.26 39.40 33.99
N HIS E 72 8.86 38.87 32.92
CA HIS E 72 9.63 37.63 33.13
C HIS E 72 10.81 37.85 34.09
N GLU E 73 11.49 39.00 33.96
CA GLU E 73 12.57 39.31 34.91
C GLU E 73 12.04 39.44 36.34
N ALA E 74 11.05 40.31 36.54
CA ALA E 74 10.42 40.37 37.89
C ALA E 74 10.00 39.02 38.42
N LEU E 75 9.41 38.15 37.58
CA LEU E 75 8.91 36.86 38.07
C LEU E 75 9.99 35.97 38.70
N VAL E 76 11.14 35.93 38.04
CA VAL E 76 12.23 35.13 38.52
C VAL E 76 12.88 35.84 39.74
N GLU E 77 13.06 37.16 39.63
CA GLU E 77 13.41 37.91 40.85
C GLU E 77 12.59 37.56 42.09
N LEU E 78 11.26 37.48 41.94
CA LEU E 78 10.33 37.19 43.03
C LEU E 78 10.59 35.81 43.62
N ALA E 79 10.77 34.84 42.72
CA ALA E 79 11.04 33.46 43.09
C ALA E 79 12.28 33.40 43.96
N VAL E 80 13.35 34.03 43.49
CA VAL E 80 14.59 34.04 44.22
C VAL E 80 14.43 34.81 45.54
N ARG E 81 13.75 35.95 45.51
CA ARG E 81 13.59 36.79 46.72
C ARG E 81 12.75 36.07 47.78
N ARG E 82 11.57 35.64 47.36
CA ARG E 82 10.64 35.05 48.29
C ARG E 82 11.09 33.65 48.76
N PHE E 83 11.64 32.83 47.85
CA PHE E 83 11.94 31.40 48.17
C PHE E 83 13.39 30.91 48.14
N GLY E 84 14.33 31.70 47.65
CA GLY E 84 15.74 31.31 47.74
C GLY E 84 16.33 30.93 46.39
N GLY E 85 15.45 30.74 45.42
CA GLY E 85 15.88 30.44 44.05
C GLY E 85 14.74 29.86 43.22
N LEU E 86 15.11 29.02 42.25
CA LEU E 86 14.13 28.48 41.30
C LEU E 86 14.60 27.13 40.74
N ASP E 87 13.74 26.11 40.82
CA ASP E 87 14.05 24.71 40.38
C ASP E 87 13.45 24.45 38.99
N THR E 88 12.25 24.95 38.78
CA THR E 88 11.46 24.50 37.63
C THR E 88 10.50 25.58 37.18
N ALA E 89 10.07 25.50 35.94
CA ALA E 89 9.05 26.40 35.46
C ALA E 89 8.11 25.65 34.50
N PHE E 90 6.83 25.95 34.62
CA PHE E 90 5.86 25.41 33.71
C PHE E 90 5.32 26.60 32.93
N ASN E 91 5.88 26.81 31.74
CA ASN E 91 5.51 27.90 30.89
C ASN E 91 4.27 27.56 30.08
N ASN E 92 3.12 27.91 30.65
CA ASN E 92 1.85 27.39 30.20
C ASN E 92 0.89 28.45 29.61
N ALA E 93 1.22 29.69 29.81
CA ALA E 93 0.47 30.78 29.16
C ALA E 93 0.31 30.62 27.62
N GLY E 94 -0.86 30.96 27.11
CA GLY E 94 -1.15 30.87 25.72
C GLY E 94 -2.60 31.13 25.46
N ALA E 95 -2.93 31.43 24.20
CA ALA E 95 -4.31 31.70 23.82
C ALA E 95 -4.45 31.41 22.31
N LEU E 96 -5.67 31.09 21.88
CA LEU E 96 -5.97 30.76 20.49
C LEU E 96 -5.59 31.96 19.65
N GLY E 97 -5.79 33.14 20.22
CA GLY E 97 -5.45 34.39 19.57
C GLY E 97 -6.36 34.59 18.38
N ALA E 98 -5.87 35.33 17.39
CA ALA E 98 -6.70 35.73 16.23
C ALA E 98 -7.00 34.55 15.30
N MET E 99 -8.30 34.28 15.07
CA MET E 99 -8.69 33.13 14.23
C MET E 99 -9.43 33.53 12.93
N GLY E 100 -9.44 32.65 11.94
CA GLY E 100 -10.09 32.99 10.67
C GLY E 100 -9.31 32.51 9.48
N GLU E 101 -9.94 32.64 8.32
CA GLU E 101 -9.30 32.22 7.09
C GLU E 101 -8.02 33.04 6.89
N ILE E 102 -7.00 32.35 6.42
CA ILE E 102 -5.66 32.92 6.39
C ILE E 102 -5.67 34.35 5.75
N SER E 103 -6.42 34.52 4.68
CA SER E 103 -6.30 35.78 3.88
C SER E 103 -6.94 37.01 4.50
N SER E 104 -7.78 36.75 5.50
CA SER E 104 -8.55 37.76 6.23
C SER E 104 -7.83 38.17 7.53
N LEU E 105 -6.80 37.41 7.94
CA LEU E 105 -6.08 37.70 9.20
C LEU E 105 -5.14 38.93 9.10
N SER E 106 -5.04 39.72 10.16
CA SER E 106 -4.05 40.84 10.15
C SER E 106 -2.68 40.46 10.71
N VAL E 107 -1.66 41.15 10.21
CA VAL E 107 -0.33 40.94 10.69
C VAL E 107 -0.28 41.36 12.16
N GLU E 108 -1.06 42.38 12.55
CA GLU E 108 -1.24 42.69 13.98
C GLU E 108 -1.69 41.49 14.84
N GLY E 109 -2.75 40.80 14.38
CA GLY E 109 -3.34 39.61 15.02
C GLY E 109 -2.34 38.44 15.14
N TRP E 110 -1.63 38.17 14.03
CA TRP E 110 -0.48 37.25 13.92
C TRP E 110 0.65 37.58 14.91
N ARG E 111 1.13 38.84 14.93
CA ARG E 111 2.13 39.23 15.91
C ARG E 111 1.68 39.14 17.38
N GLU E 112 0.46 39.59 17.72
CA GLU E 112 -0.08 39.39 19.09
C GLU E 112 -0.09 37.90 19.56
N THR E 113 -0.51 36.99 18.66
CA THR E 113 -0.69 35.58 18.97
C THR E 113 0.69 34.99 19.23
N LEU E 114 1.63 35.28 18.33
CA LEU E 114 3.03 34.86 18.49
C LEU E 114 3.67 35.41 19.75
N ASP E 115 3.38 36.67 20.09
CA ASP E 115 4.01 37.25 21.28
C ASP E 115 3.56 36.56 22.53
N THR E 116 2.28 36.24 22.59
CA THR E 116 1.66 35.64 23.76
C THR E 116 2.09 34.19 23.88
N ASN E 117 2.21 33.48 22.75
CA ASN E 117 2.40 32.00 22.78
C ASN E 117 3.89 31.58 22.68
N LEU E 118 4.66 32.37 21.93
CA LEU E 118 6.00 31.94 21.61
C LEU E 118 7.08 32.94 22.09
N THR E 119 6.95 34.23 21.76
CA THR E 119 7.92 35.22 22.32
C THR E 119 7.99 35.14 23.86
N SER E 120 6.83 35.08 24.49
CA SER E 120 6.75 34.76 25.92
C SER E 120 7.70 33.61 26.44
N ALA E 121 7.81 32.51 25.68
CA ALA E 121 8.57 31.34 26.10
C ALA E 121 10.05 31.61 25.93
N PHE E 122 10.38 32.39 24.93
CA PHE E 122 11.74 32.88 24.78
C PHE E 122 12.12 33.77 25.99
N LEU E 123 11.22 34.69 26.33
CA LEU E 123 11.51 35.60 27.51
C LEU E 123 11.53 34.84 28.80
N ALA E 124 10.64 33.85 28.94
CA ALA E 124 10.65 33.02 30.11
C ALA E 124 12.01 32.34 30.26
N ALA E 125 12.49 31.70 29.19
CA ALA E 125 13.78 30.98 29.27
C ALA E 125 14.85 31.94 29.63
N LYS E 126 14.88 33.06 28.93
CA LYS E 126 15.94 34.06 29.11
C LYS E 126 16.21 34.41 30.54
N TYR E 127 15.14 34.52 31.36
CA TYR E 127 15.29 34.89 32.80
C TYR E 127 15.31 33.67 33.73
N GLN E 128 14.63 32.60 33.33
CA GLN E 128 14.55 31.45 34.20
C GLN E 128 15.82 30.58 34.18
N VAL E 129 16.40 30.38 32.99
CA VAL E 129 17.62 29.55 32.88
C VAL E 129 18.75 29.92 33.87
N PRO E 130 19.15 31.22 33.95
CA PRO E 130 20.25 31.58 34.88
C PRO E 130 19.94 31.18 36.32
N ALA E 131 18.70 31.38 36.75
CA ALA E 131 18.29 31.02 38.10
C ALA E 131 18.37 29.53 38.37
N ILE E 132 17.82 28.75 37.44
CA ILE E 132 17.85 27.30 37.55
C ILE E 132 19.29 26.75 37.47
N ALA E 133 20.10 27.27 36.58
CA ALA E 133 21.52 26.83 36.53
C ALA E 133 22.28 27.09 37.87
N ALA E 134 21.96 28.15 38.55
CA ALA E 134 22.59 28.50 39.81
C ALA E 134 22.45 27.46 40.93
N LEU E 135 21.34 26.76 41.01
CA LEU E 135 21.24 25.71 42.01
C LEU E 135 21.59 24.32 41.55
N GLY E 136 22.13 24.20 40.36
CA GLY E 136 22.55 22.93 39.89
C GLY E 136 21.75 22.25 38.83
N GLY E 137 20.80 22.96 38.25
CA GLY E 137 19.91 22.43 37.23
C GLY E 137 18.49 22.25 37.70
N GLY E 138 17.71 21.50 36.93
CA GLY E 138 16.28 21.45 37.09
C GLY E 138 15.57 21.35 35.74
N SER E 139 14.42 22.02 35.57
CA SER E 139 13.66 21.80 34.31
C SER E 139 12.77 22.94 33.89
N LEU E 140 12.62 23.04 32.56
CA LEU E 140 11.65 23.91 31.92
C LEU E 140 10.65 23.14 31.07
N THR E 141 9.35 23.41 31.25
CA THR E 141 8.31 22.75 30.45
C THR E 141 7.47 23.82 29.81
N PHE E 142 7.19 23.66 28.50
CA PHE E 142 6.35 24.58 27.77
C PHE E 142 5.11 23.87 27.30
N THR E 143 3.96 24.53 27.42
CA THR E 143 2.72 23.92 26.91
C THR E 143 2.53 24.20 25.46
N SER E 144 2.68 23.17 24.64
CA SER E 144 2.48 23.35 23.21
C SER E 144 1.02 22.91 22.93
N SER E 145 0.84 22.12 21.89
CA SER E 145 -0.48 21.55 21.54
C SER E 145 -0.26 20.44 20.49
N PHE E 146 -1.14 19.44 20.48
CA PHE E 146 -1.13 18.57 19.33
C PHE E 146 -1.41 19.37 18.02
N VAL E 147 -2.11 20.50 18.11
CA VAL E 147 -2.39 21.38 16.93
C VAL E 147 -1.10 22.03 16.45
N GLY E 148 -0.80 21.87 15.15
CA GLY E 148 0.56 22.21 14.67
C GLY E 148 1.70 21.17 14.80
N HIS E 149 1.47 20.11 15.53
CA HIS E 149 2.44 19.03 15.61
C HIS E 149 1.93 17.73 14.93
N THR E 150 0.69 17.35 15.19
CA THR E 150 0.08 16.19 14.58
C THR E 150 -1.26 16.45 13.90
N ALA E 151 -1.70 17.69 13.93
CA ALA E 151 -3.01 18.00 13.33
C ALA E 151 -3.12 19.45 12.92
N GLY E 152 -3.84 19.68 11.82
CA GLY E 152 -4.21 21.02 11.41
C GLY E 152 -5.74 21.16 11.46
N PHE E 153 -6.20 22.41 11.55
CA PHE E 153 -7.66 22.78 11.50
C PHE E 153 -7.73 24.06 10.75
N ALA E 154 -8.85 24.28 10.04
CA ALA E 154 -9.16 25.51 9.32
C ALA E 154 -9.14 26.70 10.29
N GLY E 155 -8.57 27.83 9.90
CA GLY E 155 -8.77 29.03 10.70
C GLY E 155 -7.81 29.29 11.87
N VAL E 156 -6.82 28.43 12.06
CA VAL E 156 -6.00 28.54 13.25
C VAL E 156 -4.50 28.64 12.92
N ALA E 157 -4.18 29.09 11.70
CA ALA E 157 -2.76 29.16 11.33
C ALA E 157 -1.84 29.85 12.40
N PRO E 158 -2.23 31.03 12.92
CA PRO E 158 -1.34 31.66 13.91
C PRO E 158 -1.13 30.82 15.18
N TYR E 159 -2.23 30.32 15.77
CA TYR E 159 -2.07 29.43 16.87
C TYR E 159 -1.15 28.21 16.55
N ALA E 160 -1.45 27.50 15.46
CA ALA E 160 -0.73 26.26 15.15
C ALA E 160 0.80 26.56 14.96
N ALA E 161 1.10 27.64 14.22
CA ALA E 161 2.47 28.07 14.04
C ALA E 161 3.16 28.36 15.39
N SER E 162 2.47 29.10 16.26
CA SER E 162 3.08 29.47 17.53
C SER E 162 3.35 28.25 18.44
N LYS E 163 2.40 27.33 18.50
CA LYS E 163 2.60 26.11 19.27
C LYS E 163 3.68 25.16 18.72
N ALA E 164 3.75 25.04 17.38
CA ALA E 164 4.78 24.24 16.73
C ALA E 164 6.18 24.87 17.03
N GLY E 165 6.27 26.21 17.00
CA GLY E 165 7.54 26.89 17.33
C GLY E 165 8.13 26.51 18.71
N LEU E 166 7.27 26.19 19.66
CA LEU E 166 7.69 25.85 21.01
C LEU E 166 8.46 24.58 20.99
N ILE E 167 8.12 23.71 20.04
CA ILE E 167 8.81 22.45 19.94
C ILE E 167 10.23 22.69 19.44
N GLY E 168 10.39 23.55 18.45
CA GLY E 168 11.75 23.94 18.06
C GLY E 168 12.59 24.62 19.13
N LEU E 169 11.96 25.54 19.87
CA LEU E 169 12.60 26.16 21.02
C LEU E 169 13.05 25.07 22.01
N VAL E 170 12.16 24.11 22.31
CA VAL E 170 12.50 23.01 23.20
C VAL E 170 13.71 22.15 22.72
N GLN E 171 13.73 21.77 21.45
CA GLN E 171 14.83 20.92 21.00
C GLN E 171 16.18 21.66 21.14
N ALA E 172 16.21 22.94 20.77
CA ALA E 172 17.42 23.72 20.83
C ALA E 172 17.92 23.98 22.27
N LEU E 173 17.01 24.36 23.16
CA LEU E 173 17.38 24.55 24.58
C LEU E 173 17.79 23.25 25.29
N ALA E 174 17.13 22.15 24.96
CA ALA E 174 17.49 20.88 25.57
C ALA E 174 18.96 20.50 25.28
N VAL E 175 19.39 20.66 24.04
CA VAL E 175 20.79 20.41 23.66
C VAL E 175 21.69 21.52 24.32
N GLU E 176 21.26 22.77 24.22
CA GLU E 176 21.99 23.91 24.78
C GLU E 176 22.27 23.79 26.29
N LEU E 177 21.28 23.27 27.03
CA LEU E 177 21.33 23.29 28.50
C LEU E 177 21.59 21.93 29.11
N GLY E 178 21.68 20.88 28.26
CA GLY E 178 21.72 19.51 28.75
C GLY E 178 22.91 19.26 29.67
N ALA E 179 24.06 19.81 29.28
CA ALA E 179 25.33 19.61 29.97
C ALA E 179 25.30 20.20 31.39
N ARG E 180 24.48 21.24 31.59
CA ARG E 180 24.29 21.85 32.90
C ARG E 180 23.13 21.29 33.75
N GLY E 181 22.48 20.24 33.28
CA GLY E 181 21.50 19.51 34.08
C GLY E 181 20.14 20.19 34.05
N ILE E 182 19.88 20.99 33.03
CA ILE E 182 18.57 21.55 32.89
C ILE E 182 17.87 20.81 31.77
N ARG E 183 16.82 20.12 32.13
CA ARG E 183 15.94 19.44 31.22
C ARG E 183 14.89 20.41 30.64
N VAL E 184 14.60 20.26 29.37
CA VAL E 184 13.63 21.09 28.65
C VAL E 184 12.66 20.21 27.86
N ASN E 185 11.37 20.36 28.11
CA ASN E 185 10.39 19.52 27.46
C ASN E 185 9.17 20.31 26.97
N ALA E 186 8.48 19.79 25.97
CA ALA E 186 7.15 20.34 25.65
C ALA E 186 6.06 19.39 26.11
N LEU E 187 4.97 19.98 26.57
CA LEU E 187 3.80 19.23 26.95
C LEU E 187 2.72 19.59 25.97
N LEU E 188 2.09 18.57 25.39
CA LEU E 188 1.13 18.77 24.28
C LEU E 188 -0.22 18.19 24.69
N PRO E 189 -1.09 19.02 25.28
CA PRO E 189 -2.46 18.56 25.61
C PRO E 189 -3.31 18.31 24.38
N GLY E 190 -4.35 17.53 24.59
CA GLY E 190 -5.40 17.44 23.60
C GLY E 190 -6.53 18.29 24.18
N GLY E 191 -7.75 18.10 23.69
CA GLY E 191 -8.94 18.82 24.22
C GLY E 191 -9.05 18.66 25.74
N THR E 192 -9.09 19.82 26.42
CA THR E 192 -9.24 19.90 27.88
C THR E 192 -10.46 20.82 28.26
N ASP E 193 -11.12 20.50 29.36
CA ASP E 193 -12.33 21.21 29.77
C ASP E 193 -11.92 22.56 30.38
N THR E 194 -11.68 23.55 29.51
CA THR E 194 -11.29 24.93 29.88
C THR E 194 -11.89 25.97 28.93
N PRO E 195 -11.72 27.28 29.27
CA PRO E 195 -12.09 28.42 28.43
C PRO E 195 -11.60 28.33 26.99
N ALA E 196 -10.36 27.84 26.80
CA ALA E 196 -9.72 27.78 25.48
C ALA E 196 -10.25 26.74 24.48
N ASN E 197 -10.78 25.62 24.97
CA ASN E 197 -11.30 24.55 24.09
C ASN E 197 -12.41 25.04 23.16
N PHE E 198 -12.38 24.60 21.88
CA PHE E 198 -13.46 24.95 20.92
C PHE E 198 -14.87 24.66 21.46
N ALA E 199 -15.00 23.72 22.40
CA ALA E 199 -16.31 23.41 22.99
C ALA E 199 -16.81 24.46 23.99
N ASN E 200 -15.88 25.09 24.71
CA ASN E 200 -16.23 26.10 25.72
C ASN E 200 -16.13 27.56 25.22
N LEU E 201 -16.41 27.78 23.94
CA LEU E 201 -16.42 29.12 23.39
C LEU E 201 -17.82 29.69 23.44
N PRO E 202 -17.99 30.95 23.08
CA PRO E 202 -19.30 31.63 23.26
C PRO E 202 -20.62 31.22 22.57
N GLY E 203 -20.72 30.91 21.28
CA GLY E 203 -19.65 30.94 20.33
C GLY E 203 -19.78 29.56 19.71
N ALA E 204 -19.31 28.58 20.44
CA ALA E 204 -19.39 27.18 20.03
C ALA E 204 -20.83 26.66 20.16
N ALA E 205 -21.33 26.03 19.08
CA ALA E 205 -22.69 25.48 18.99
C ALA E 205 -22.99 24.35 20.02
N PRO E 206 -24.25 23.86 20.11
CA PRO E 206 -24.57 22.85 21.16
C PRO E 206 -23.97 21.41 21.01
N GLU E 207 -23.64 21.01 19.79
CA GLU E 207 -23.15 19.65 19.52
C GLU E 207 -21.61 19.58 19.43
N THR E 208 -20.94 20.69 19.76
CA THR E 208 -19.48 20.73 19.75
C THR E 208 -18.85 19.82 20.79
N ARG E 209 -19.39 19.83 22.01
CA ARG E 209 -18.96 18.90 23.06
C ARG E 209 -18.74 17.46 22.54
N GLY E 210 -19.75 16.89 21.87
CA GLY E 210 -19.67 15.57 21.24
C GLY E 210 -18.53 15.40 20.22
N PHE E 211 -18.50 16.26 19.20
CA PHE E 211 -17.46 16.21 18.16
C PHE E 211 -16.03 16.20 18.75
N VAL E 212 -15.78 17.10 19.72
CA VAL E 212 -14.49 17.25 20.40
C VAL E 212 -14.12 16.01 21.24
N GLU E 213 -15.06 15.45 21.98
CA GLU E 213 -14.77 14.20 22.66
C GLU E 213 -14.32 13.11 21.67
N GLY E 214 -14.98 13.06 20.53
CA GLY E 214 -14.78 12.03 19.51
C GLY E 214 -13.41 12.13 18.85
N LEU E 215 -12.77 13.30 18.90
CA LEU E 215 -11.38 13.51 18.47
C LEU E 215 -10.34 12.71 19.27
N HIS E 216 -10.73 12.17 20.40
CA HIS E 216 -9.78 11.53 21.29
C HIS E 216 -9.99 10.04 21.26
N ALA E 217 -8.89 9.24 21.30
CA ALA E 217 -9.04 7.79 21.44
C ALA E 217 -9.85 7.41 22.70
N LEU E 218 -9.67 8.17 23.77
CA LEU E 218 -10.37 7.89 25.03
C LEU E 218 -11.82 8.41 25.04
N LYS E 219 -12.23 9.05 23.93
CA LYS E 219 -13.60 9.52 23.70
C LYS E 219 -14.17 10.41 24.80
N ARG E 220 -13.34 11.28 25.36
CA ARG E 220 -13.72 12.24 26.41
C ARG E 220 -12.74 13.39 26.35
N ILE E 221 -13.07 14.50 27.02
CA ILE E 221 -12.15 15.61 27.13
C ILE E 221 -11.47 15.49 28.45
N ALA E 222 -10.19 15.92 28.53
CA ALA E 222 -9.42 15.76 29.76
C ALA E 222 -10.01 16.69 30.80
N ARG E 223 -9.94 16.27 32.04
CA ARG E 223 -10.00 17.27 33.14
C ARG E 223 -8.64 17.97 33.18
N PRO E 224 -8.63 19.30 33.47
CA PRO E 224 -7.35 20.05 33.57
C PRO E 224 -6.33 19.41 34.55
N GLU E 225 -6.82 18.86 35.66
CA GLU E 225 -5.96 18.16 36.62
C GLU E 225 -5.13 17.03 35.94
N GLU E 226 -5.69 16.41 34.91
CA GLU E 226 -4.96 15.29 34.24
C GLU E 226 -3.77 15.85 33.46
N ILE E 227 -3.95 17.04 32.86
CA ILE E 227 -2.83 17.68 32.15
C ILE E 227 -1.76 18.20 33.14
N ALA E 228 -2.22 18.77 34.25
CA ALA E 228 -1.34 19.13 35.34
C ALA E 228 -0.48 17.94 35.89
N GLU E 229 -1.04 16.73 35.95
CA GLU E 229 -0.31 15.61 36.45
C GLU E 229 0.82 15.29 35.48
N ALA E 230 0.60 15.47 34.17
CA ALA E 230 1.68 15.29 33.19
C ALA E 230 2.77 16.36 33.40
N ALA E 231 2.36 17.62 33.62
CA ALA E 231 3.34 18.66 33.91
C ALA E 231 4.09 18.34 35.18
N LEU E 232 3.36 17.80 36.19
CA LEU E 232 4.03 17.45 37.45
C LEU E 232 5.08 16.37 37.20
N TYR E 233 4.75 15.37 36.38
CA TYR E 233 5.78 14.36 36.03
C TYR E 233 7.04 15.00 35.42
N LEU E 234 6.85 15.87 34.43
CA LEU E 234 8.01 16.46 33.74
C LEU E 234 8.94 17.32 34.64
N ALA E 235 8.36 17.87 35.72
CA ALA E 235 9.12 18.68 36.67
C ALA E 235 9.69 17.78 37.77
N SER E 236 9.20 16.56 37.87
CA SER E 236 9.59 15.61 38.93
C SER E 236 10.91 14.93 38.67
N ASP E 237 11.48 14.39 39.77
CA ASP E 237 12.71 13.61 39.69
C ASP E 237 12.49 12.29 38.91
N GLY E 238 11.25 11.83 38.81
CA GLY E 238 10.90 10.70 37.92
C GLY E 238 11.21 10.91 36.42
N ALA E 239 11.39 12.15 36.01
CA ALA E 239 11.71 12.50 34.64
C ALA E 239 13.19 12.92 34.49
N SER E 240 14.08 12.41 35.36
CA SER E 240 15.47 12.83 35.34
C SER E 240 16.15 12.54 33.99
N PHE E 241 15.59 11.60 33.21
CA PHE E 241 16.19 11.29 31.91
C PHE E 241 15.28 11.69 30.78
N VAL E 242 14.41 12.67 31.03
CA VAL E 242 13.51 13.10 29.94
C VAL E 242 13.83 14.51 29.60
N THR E 243 14.32 14.72 28.38
CA THR E 243 14.66 16.07 27.94
C THR E 243 14.65 16.11 26.40
N GLY E 244 14.26 17.24 25.82
CA GLY E 244 14.10 17.32 24.36
C GLY E 244 12.81 16.69 23.83
N ALA E 245 11.93 16.25 24.74
CA ALA E 245 10.71 15.50 24.41
C ALA E 245 9.51 16.37 24.20
N ALA E 246 8.64 15.91 23.31
CA ALA E 246 7.38 16.57 23.10
C ALA E 246 6.36 15.54 23.58
N LEU E 247 5.95 15.63 24.86
CA LEU E 247 5.15 14.61 25.49
C LEU E 247 3.69 14.85 25.17
N LEU E 248 3.06 13.92 24.49
CA LEU E 248 1.59 14.02 24.22
C LEU E 248 0.76 13.55 25.41
N ALA E 249 -0.05 14.46 25.95
CA ALA E 249 -0.98 14.05 27.01
C ALA E 249 -2.28 14.44 26.38
N ASP E 250 -2.63 13.74 25.29
CA ASP E 250 -3.69 14.19 24.40
C ASP E 250 -4.84 13.22 24.24
N GLY E 251 -4.93 12.25 25.16
CA GLY E 251 -5.98 11.24 25.09
C GLY E 251 -6.03 10.46 23.79
N GLY E 252 -4.90 10.36 23.08
CA GLY E 252 -4.96 9.67 21.78
C GLY E 252 -5.43 10.54 20.63
N ALA E 253 -5.59 11.84 20.84
CA ALA E 253 -6.10 12.71 19.75
C ALA E 253 -5.18 12.56 18.54
N SER E 254 -3.86 12.52 18.82
CA SER E 254 -2.82 12.49 17.70
C SER E 254 -3.04 11.34 16.72
N VAL E 255 -3.41 10.18 17.22
CA VAL E 255 -3.47 8.96 16.40
C VAL E 255 -4.91 8.58 16.06
N THR E 256 -5.82 9.42 16.51
CA THR E 256 -7.27 9.21 16.18
C THR E 256 -7.72 9.99 14.95
N LYS E 257 -8.37 9.31 14.05
CA LYS E 257 -8.91 9.92 12.85
C LYS E 257 -10.46 9.75 12.82
N SER F 4 11.06 20.16 -19.09
CA SER F 4 9.84 20.98 -18.88
C SER F 4 8.88 20.38 -17.81
N ARG F 5 9.45 20.01 -16.68
CA ARG F 5 8.67 19.46 -15.54
C ARG F 5 7.73 20.46 -14.87
N LEU F 6 7.97 21.75 -15.05
CA LEU F 6 7.01 22.74 -14.54
C LEU F 6 6.30 23.53 -15.63
N GLU F 7 6.15 22.93 -16.82
CA GLU F 7 5.68 23.71 -17.99
C GLU F 7 4.38 24.38 -17.66
N GLY F 8 4.21 25.64 -18.09
CA GLY F 8 2.89 26.30 -17.87
C GLY F 8 2.63 26.89 -16.48
N LYS F 9 3.51 26.62 -15.51
CA LYS F 9 3.30 27.08 -14.14
C LYS F 9 3.87 28.48 -13.94
N ILE F 10 3.30 29.23 -13.01
CA ILE F 10 3.80 30.55 -12.60
C ILE F 10 4.12 30.49 -11.09
N ALA F 11 5.40 30.72 -10.76
CA ALA F 11 6.00 30.48 -9.43
C ALA F 11 6.65 31.75 -8.86
N ILE F 12 6.36 32.06 -7.62
CA ILE F 12 7.15 33.01 -6.82
C ILE F 12 8.27 32.25 -6.10
N VAL F 13 9.50 32.78 -6.15
CA VAL F 13 10.58 32.23 -5.34
C VAL F 13 11.10 33.35 -4.41
N THR F 14 10.95 33.21 -3.09
CA THR F 14 11.52 34.23 -2.21
C THR F 14 12.83 33.69 -1.63
N GLY F 15 13.63 34.58 -1.02
CA GLY F 15 15.06 34.31 -0.71
C GLY F 15 15.83 33.91 -1.96
N ALA F 16 15.63 34.64 -3.05
CA ALA F 16 16.18 34.26 -4.37
C ALA F 16 17.64 34.62 -4.72
N SER F 17 18.31 35.40 -3.87
CA SER F 17 19.55 36.05 -4.29
C SER F 17 20.79 35.21 -4.07
N SER F 18 20.69 34.22 -3.18
CA SER F 18 21.72 33.17 -3.17
C SER F 18 21.21 31.71 -2.83
N GLY F 19 22.17 30.77 -2.83
CA GLY F 19 22.01 29.40 -2.44
C GLY F 19 20.86 28.62 -3.08
N ILE F 20 20.01 28.10 -2.20
CA ILE F 20 18.83 27.29 -2.59
C ILE F 20 17.84 28.09 -3.40
N GLY F 21 17.47 29.31 -2.93
CA GLY F 21 16.47 30.13 -3.60
C GLY F 21 16.89 30.43 -5.03
N ARG F 22 18.17 30.73 -5.21
CA ARG F 22 18.76 31.02 -6.55
C ARG F 22 18.78 29.83 -7.47
N ALA F 23 19.33 28.72 -6.97
CA ALA F 23 19.24 27.42 -7.64
C ALA F 23 17.78 27.04 -8.01
N ALA F 24 16.83 27.31 -7.12
CA ALA F 24 15.44 27.08 -7.42
C ALA F 24 14.81 27.96 -8.49
N ALA F 25 15.08 29.23 -8.43
CA ALA F 25 14.50 30.09 -9.41
C ALA F 25 15.05 29.70 -10.79
N LEU F 26 16.34 29.43 -11.03
CA LEU F 26 16.91 28.96 -12.26
C LEU F 26 16.27 27.70 -12.75
N LEU F 27 16.27 26.78 -11.75
CA LEU F 27 15.70 25.50 -12.12
C LEU F 27 14.25 25.56 -12.55
N PHE F 28 13.38 26.24 -11.80
CA PHE F 28 12.01 26.37 -12.20
C PHE F 28 11.88 27.00 -13.58
N ALA F 29 12.57 28.11 -13.78
CA ALA F 29 12.58 28.78 -15.06
C ALA F 29 13.02 27.87 -16.21
N ARG F 30 14.12 27.14 -16.02
CA ARG F 30 14.63 26.14 -16.98
C ARG F 30 13.65 25.05 -17.30
N GLU F 31 12.86 24.64 -16.29
CA GLU F 31 11.85 23.58 -16.43
C GLU F 31 10.49 24.09 -16.88
N GLY F 32 10.48 25.34 -17.35
CA GLY F 32 9.34 25.87 -18.03
C GLY F 32 8.44 26.78 -17.25
N ALA F 33 8.75 27.05 -15.99
CA ALA F 33 7.86 27.97 -15.25
C ALA F 33 8.30 29.44 -15.44
N LYS F 34 7.30 30.31 -15.46
CA LYS F 34 7.43 31.77 -15.28
C LYS F 34 7.69 32.06 -13.78
N VAL F 35 8.72 32.82 -13.46
CA VAL F 35 9.20 32.96 -12.07
C VAL F 35 9.17 34.41 -11.59
N VAL F 36 8.63 34.67 -10.39
CA VAL F 36 8.74 36.01 -9.79
C VAL F 36 9.67 35.86 -8.59
N VAL F 37 10.73 36.64 -8.59
CA VAL F 37 11.82 36.42 -7.66
C VAL F 37 11.95 37.61 -6.74
N THR F 38 12.35 37.34 -5.50
CA THR F 38 12.53 38.42 -4.53
C THR F 38 13.65 38.11 -3.55
N ALA F 39 14.27 39.19 -3.05
CA ALA F 39 15.35 39.16 -2.07
C ALA F 39 15.59 40.62 -1.68
N ARG F 40 16.40 40.87 -0.65
CA ARG F 40 16.80 42.27 -0.33
C ARG F 40 17.82 42.87 -1.34
N ASN F 41 18.73 42.04 -1.85
CA ASN F 41 19.90 42.48 -2.64
C ASN F 41 19.58 42.55 -4.11
N GLY F 42 19.22 43.75 -4.56
CA GLY F 42 18.87 43.97 -5.96
C GLY F 42 19.96 43.68 -6.94
N ASN F 43 21.20 43.90 -6.55
CA ASN F 43 22.31 43.60 -7.40
C ASN F 43 22.35 42.11 -7.68
N ALA F 44 22.05 41.33 -6.64
CA ALA F 44 22.02 39.90 -6.79
C ALA F 44 20.83 39.46 -7.60
N LEU F 45 19.68 40.04 -7.39
CA LEU F 45 18.55 39.69 -8.24
C LEU F 45 18.80 39.94 -9.73
N ALA F 46 19.45 41.08 -10.01
CA ALA F 46 19.74 41.45 -11.40
C ALA F 46 20.63 40.41 -12.11
N GLU F 47 21.62 39.82 -11.43
CA GLU F 47 22.38 38.81 -12.11
C GLU F 47 21.56 37.53 -12.27
N LEU F 48 20.76 37.23 -11.25
CA LEU F 48 19.83 36.09 -11.33
C LEU F 48 18.94 36.16 -12.56
N THR F 49 18.18 37.26 -12.72
CA THR F 49 17.27 37.41 -13.85
C THR F 49 17.91 37.54 -15.22
N ASP F 50 19.17 38.01 -15.23
CA ASP F 50 20.01 38.05 -16.43
C ASP F 50 20.33 36.61 -16.83
N GLU F 51 20.76 35.82 -15.83
CA GLU F 51 21.10 34.45 -16.10
C GLU F 51 19.90 33.64 -16.62
N ILE F 52 18.72 33.86 -16.01
CA ILE F 52 17.43 33.30 -16.48
C ILE F 52 17.16 33.68 -17.94
N ALA F 53 17.21 34.98 -18.23
CA ALA F 53 16.83 35.45 -19.56
C ALA F 53 17.76 34.87 -20.61
N GLY F 54 19.01 34.63 -20.19
CA GLY F 54 20.06 34.02 -21.01
C GLY F 54 19.74 32.62 -21.50
N GLY F 55 19.08 31.80 -20.65
CA GLY F 55 18.65 30.44 -21.03
C GLY F 55 17.27 30.27 -21.66
N GLY F 56 16.68 31.35 -22.15
CA GLY F 56 15.39 31.26 -22.81
C GLY F 56 14.23 31.41 -21.84
N GLY F 57 14.52 31.66 -20.57
CA GLY F 57 13.47 31.82 -19.54
C GLY F 57 12.92 33.21 -19.30
N GLU F 58 11.76 33.26 -18.63
CA GLU F 58 11.14 34.51 -18.21
C GLU F 58 11.09 34.63 -16.69
N ALA F 59 11.70 35.70 -16.15
CA ALA F 59 11.64 36.06 -14.73
C ALA F 59 11.16 37.50 -14.54
N ALA F 60 10.66 37.82 -13.35
CA ALA F 60 10.40 39.21 -12.95
C ALA F 60 10.87 39.33 -11.51
N ALA F 61 11.46 40.47 -11.16
CA ALA F 61 11.96 40.67 -9.80
C ALA F 61 11.36 41.85 -9.08
N LEU F 62 11.42 41.76 -7.78
CA LEU F 62 11.00 42.85 -6.96
C LEU F 62 11.80 42.80 -5.67
N ALA F 63 12.53 43.90 -5.38
CA ALA F 63 13.42 43.86 -4.22
C ALA F 63 12.79 44.43 -2.97
N GLY F 64 13.00 43.78 -1.83
CA GLY F 64 12.30 44.26 -0.61
C GLY F 64 12.56 43.37 0.60
N ASP F 65 12.02 43.80 1.73
CA ASP F 65 12.19 43.08 2.99
C ASP F 65 11.07 42.04 3.09
N VAL F 66 11.44 40.77 3.15
CA VAL F 66 10.43 39.71 3.12
C VAL F 66 9.51 39.74 4.38
N GLY F 67 9.94 40.45 5.42
CA GLY F 67 9.07 40.80 6.56
C GLY F 67 8.01 41.86 6.34
N ASP F 68 7.99 42.51 5.19
CA ASP F 68 6.96 43.57 4.93
C ASP F 68 5.68 43.08 4.24
N GLU F 69 4.52 43.42 4.79
CA GLU F 69 3.29 43.04 4.15
C GLU F 69 3.18 43.61 2.76
N ALA F 70 3.46 44.91 2.60
CA ALA F 70 3.44 45.48 1.24
C ALA F 70 4.27 44.73 0.16
N LEU F 71 5.45 44.23 0.52
CA LEU F 71 6.22 43.41 -0.43
C LEU F 71 5.43 42.20 -0.92
N HIS F 72 4.85 41.46 0.02
CA HIS F 72 4.09 40.24 -0.37
C HIS F 72 2.88 40.56 -1.27
N GLU F 73 2.17 41.65 -0.96
CA GLU F 73 1.05 42.08 -1.80
C GLU F 73 1.52 42.43 -3.19
N ALA F 74 2.56 43.24 -3.26
CA ALA F 74 3.11 43.66 -4.55
C ALA F 74 3.62 42.48 -5.35
N LEU F 75 4.31 41.58 -4.64
CA LEU F 75 4.84 40.37 -5.25
C LEU F 75 3.76 39.55 -6.01
N VAL F 76 2.61 39.34 -5.36
CA VAL F 76 1.56 38.61 -6.03
C VAL F 76 0.96 39.48 -7.17
N GLU F 77 0.69 40.78 -6.89
CA GLU F 77 0.22 41.70 -7.94
C GLU F 77 1.11 41.57 -9.18
N LEU F 78 2.44 41.55 -8.98
CA LEU F 78 3.39 41.42 -10.10
C LEU F 78 3.19 40.14 -10.92
N ALA F 79 2.93 39.02 -10.21
CA ALA F 79 2.91 37.72 -10.88
C ALA F 79 1.69 37.69 -11.77
N VAL F 80 0.61 38.17 -11.21
CA VAL F 80 -0.63 38.25 -11.92
C VAL F 80 -0.56 39.19 -13.13
N ARG F 81 0.01 40.38 -12.94
CA ARG F 81 0.08 41.36 -13.99
C ARG F 81 1.02 40.98 -15.11
N ARG F 82 2.21 40.58 -14.73
CA ARG F 82 3.22 40.12 -15.64
C ARG F 82 2.90 38.80 -16.37
N PHE F 83 2.36 37.84 -15.63
CA PHE F 83 2.07 36.51 -16.14
C PHE F 83 0.62 36.04 -16.16
N GLY F 84 -0.31 36.75 -15.59
CA GLY F 84 -1.70 36.35 -15.73
C GLY F 84 -2.27 35.61 -14.56
N GLY F 85 -1.43 35.31 -13.57
CA GLY F 85 -1.88 34.53 -12.42
C GLY F 85 -0.72 34.00 -11.59
N LEU F 86 -1.01 33.04 -10.71
CA LEU F 86 -0.02 32.39 -9.88
C LEU F 86 -0.45 30.97 -9.51
N ASP F 87 0.43 29.98 -9.76
CA ASP F 87 0.17 28.50 -9.54
C ASP F 87 0.90 28.02 -8.28
N THR F 88 2.12 28.52 -8.09
CA THR F 88 2.96 27.98 -7.02
C THR F 88 3.85 29.03 -6.34
N ALA F 89 4.29 28.74 -5.12
CA ALA F 89 5.23 29.60 -4.41
C ALA F 89 6.21 28.72 -3.63
N PHE F 90 7.49 29.08 -3.74
CA PHE F 90 8.53 28.50 -2.94
C PHE F 90 8.98 29.60 -1.96
N ASN F 91 8.39 29.58 -0.79
CA ASN F 91 8.71 30.50 0.23
C ASN F 91 9.95 30.12 0.99
N ASN F 92 11.06 30.63 0.50
CA ASN F 92 12.36 30.09 0.89
C ASN F 92 13.26 31.05 1.67
N ALA F 93 12.87 32.32 1.73
CA ALA F 93 13.61 33.28 2.48
C ALA F 93 13.76 32.86 3.93
N GLY F 94 14.95 33.05 4.48
CA GLY F 94 15.16 32.83 5.88
C GLY F 94 16.58 33.15 6.21
N ALA F 95 16.87 33.30 7.51
CA ALA F 95 18.25 33.52 7.91
C ALA F 95 18.44 33.00 9.34
N LEU F 96 19.69 32.72 9.67
CA LEU F 96 20.05 32.22 11.00
C LEU F 96 19.61 33.24 12.08
N GLY F 97 19.64 34.52 11.75
CA GLY F 97 19.35 35.53 12.74
C GLY F 97 20.40 35.56 13.84
N ALA F 98 20.03 36.18 14.95
CA ALA F 98 21.06 36.39 15.94
C ALA F 98 21.15 35.14 16.77
N MET F 99 22.39 34.77 17.04
CA MET F 99 22.71 33.53 17.70
C MET F 99 23.41 33.81 19.02
N GLY F 100 23.48 32.81 19.89
CA GLY F 100 24.11 33.03 21.20
C GLY F 100 23.38 32.30 22.30
N GLU F 101 23.99 32.29 23.48
CA GLU F 101 23.40 31.60 24.61
C GLU F 101 22.10 32.30 24.97
N ILE F 102 21.12 31.47 25.28
CA ILE F 102 19.76 31.95 25.36
C ILE F 102 19.63 33.23 26.25
N SER F 103 20.39 33.29 27.34
CA SER F 103 20.16 34.40 28.31
C SER F 103 20.78 35.74 27.84
N SER F 104 21.64 35.64 26.83
CA SER F 104 22.39 36.73 26.27
C SER F 104 21.64 37.33 25.08
N LEU F 105 20.58 36.66 24.61
CA LEU F 105 19.85 37.14 23.43
C LEU F 105 18.87 38.29 23.73
N SER F 106 18.73 39.25 22.83
CA SER F 106 17.73 40.33 23.04
C SER F 106 16.34 40.00 22.47
N VAL F 107 15.29 40.62 23.00
CA VAL F 107 13.96 40.43 22.41
C VAL F 107 13.95 40.99 20.97
N GLU F 108 14.71 42.06 20.73
CA GLU F 108 14.76 42.64 19.39
C GLU F 108 15.27 41.63 18.34
N GLY F 109 16.38 40.95 18.68
CA GLY F 109 17.02 39.95 17.88
C GLY F 109 16.10 38.72 17.65
N TRP F 110 15.43 38.22 18.72
CA TRP F 110 14.32 37.21 18.64
C TRP F 110 13.19 37.69 17.68
N ARG F 111 12.65 38.89 17.87
CA ARG F 111 11.60 39.38 16.93
C ARG F 111 12.04 39.53 15.48
N GLU F 112 13.26 40.01 15.24
CA GLU F 112 13.77 40.12 13.86
C GLU F 112 13.88 38.75 13.17
N THR F 113 14.39 37.75 13.92
CA THR F 113 14.55 36.39 13.42
C THR F 113 13.16 35.82 13.05
N LEU F 114 12.18 35.97 13.96
CA LEU F 114 10.85 35.43 13.74
C LEU F 114 10.13 36.16 12.62
N ASP F 115 10.37 37.47 12.48
CA ASP F 115 9.77 38.21 11.39
C ASP F 115 10.26 37.75 10.01
N THR F 116 11.56 37.54 9.88
CA THR F 116 12.19 37.14 8.60
C THR F 116 11.81 35.72 8.20
N ASN F 117 11.78 34.82 9.20
CA ASN F 117 11.68 33.38 8.95
C ASN F 117 10.21 32.91 8.99
N LEU F 118 9.40 33.52 9.86
CA LEU F 118 8.02 32.98 10.10
C LEU F 118 6.86 33.98 9.79
N THR F 119 6.94 35.22 10.30
CA THR F 119 5.95 36.25 9.88
C THR F 119 5.91 36.39 8.36
N SER F 120 7.10 36.35 7.75
CA SER F 120 7.24 36.37 6.27
C SER F 120 6.32 35.32 5.60
N ALA F 121 6.22 34.12 6.21
CA ALA F 121 5.53 33.01 5.61
C ALA F 121 3.99 33.16 5.80
N PHE F 122 3.56 33.63 6.95
CA PHE F 122 2.20 34.11 7.10
C PHE F 122 1.76 35.14 6.02
N LEU F 123 2.57 36.17 5.81
CA LEU F 123 2.21 37.26 4.86
C LEU F 123 2.27 36.73 3.43
N ALA F 124 3.24 35.87 3.16
CA ALA F 124 3.27 35.17 1.88
C ALA F 124 1.95 34.42 1.64
N ALA F 125 1.51 33.61 2.62
CA ALA F 125 0.30 32.80 2.48
C ALA F 125 -0.87 33.73 2.29
N LYS F 126 -0.90 34.80 3.10
CA LYS F 126 -1.98 35.77 3.06
C LYS F 126 -2.23 36.31 1.66
N TYR F 127 -1.20 36.59 0.86
CA TYR F 127 -1.38 37.23 -0.46
C TYR F 127 -1.37 36.20 -1.62
N GLN F 128 -0.72 35.07 -1.38
CA GLN F 128 -0.55 34.09 -2.45
C GLN F 128 -1.78 33.22 -2.58
N VAL F 129 -2.40 32.88 -1.45
CA VAL F 129 -3.51 31.92 -1.47
C VAL F 129 -4.67 32.36 -2.39
N PRO F 130 -5.13 33.65 -2.26
CA PRO F 130 -6.21 34.14 -3.18
C PRO F 130 -5.89 33.97 -4.64
N ALA F 131 -4.65 34.21 -5.01
CA ALA F 131 -4.26 34.17 -6.41
C ALA F 131 -4.24 32.78 -6.90
N ILE F 132 -3.75 31.89 -6.05
CA ILE F 132 -3.67 30.48 -6.40
C ILE F 132 -5.09 29.84 -6.43
N ALA F 133 -5.92 30.22 -5.51
CA ALA F 133 -7.28 29.76 -5.48
C ALA F 133 -8.06 30.18 -6.74
N ALA F 134 -7.68 31.34 -7.25
CA ALA F 134 -8.26 31.99 -8.41
C ALA F 134 -8.18 31.14 -9.65
N LEU F 135 -7.17 30.32 -9.78
CA LEU F 135 -7.24 29.39 -10.86
C LEU F 135 -7.00 27.95 -10.47
N GLY F 136 -7.84 27.39 -9.62
CA GLY F 136 -7.63 26.08 -9.04
C GLY F 136 -6.54 26.08 -8.00
N GLY F 137 -5.54 25.24 -8.12
CA GLY F 137 -4.45 25.11 -7.14
C GLY F 137 -3.27 25.66 -7.89
N GLY F 138 -2.03 25.27 -7.55
CA GLY F 138 -1.81 24.12 -6.83
C GLY F 138 -1.06 24.17 -5.52
N SER F 139 0.01 24.97 -5.36
CA SER F 139 0.85 24.72 -4.17
C SER F 139 1.66 25.86 -3.53
N LEU F 140 1.90 25.67 -2.23
CA LEU F 140 2.78 26.49 -1.41
C LEU F 140 3.80 25.61 -0.72
N THR F 141 5.09 25.93 -0.88
CA THR F 141 6.17 25.23 -0.19
C THR F 141 6.96 26.23 0.66
N PHE F 142 7.19 25.87 1.93
CA PHE F 142 7.98 26.69 2.83
C PHE F 142 9.28 26.00 3.22
N THR F 143 10.37 26.75 3.16
CA THR F 143 11.68 26.14 3.59
C THR F 143 11.84 26.19 5.09
N SER F 144 11.72 25.03 5.74
CA SER F 144 11.93 24.91 7.17
C SER F 144 13.41 24.55 7.33
N SER F 145 13.67 23.59 8.20
CA SER F 145 14.98 23.02 8.47
C SER F 145 14.80 21.76 9.34
N PHE F 146 15.77 20.84 9.28
CA PHE F 146 15.74 19.75 10.23
C PHE F 146 16.02 20.33 11.62
N VAL F 147 16.68 21.48 11.67
CA VAL F 147 16.97 22.10 12.94
C VAL F 147 15.67 22.62 13.56
N GLY F 148 15.40 22.24 14.81
CA GLY F 148 14.06 22.45 15.40
C GLY F 148 12.97 21.41 15.09
N HIS F 149 13.20 20.53 14.13
CA HIS F 149 12.28 19.42 13.89
C HIS F 149 12.83 18.04 14.36
N THR F 150 14.09 17.77 14.05
CA THR F 150 14.71 16.55 14.48
C THR F 150 16.06 16.81 15.13
N ALA F 151 16.41 18.06 15.38
CA ALA F 151 17.73 18.33 16.03
C ALA F 151 17.74 19.71 16.62
N GLY F 152 18.43 19.81 17.77
CA GLY F 152 18.74 21.05 18.47
C GLY F 152 20.25 21.25 18.44
N PHE F 153 20.70 22.51 18.49
CA PHE F 153 22.14 22.87 18.58
C PHE F 153 22.21 24.02 19.55
N ALA F 154 23.36 24.16 20.25
CA ALA F 154 23.58 25.33 21.14
C ALA F 154 23.47 26.63 20.36
N GLY F 155 22.83 27.62 20.98
CA GLY F 155 22.94 28.98 20.48
C GLY F 155 21.99 29.36 19.37
N VAL F 156 21.06 28.47 19.00
CA VAL F 156 20.19 28.75 17.87
C VAL F 156 18.70 28.70 18.16
N ALA F 157 18.32 28.97 19.40
CA ALA F 157 16.91 28.84 19.75
C ALA F 157 15.94 29.68 18.87
N PRO F 158 16.26 30.97 18.58
CA PRO F 158 15.31 31.72 17.71
C PRO F 158 15.16 31.09 16.30
N TYR F 159 16.28 30.71 15.69
CA TYR F 159 16.20 30.07 14.42
C TYR F 159 15.39 28.76 14.49
N ALA F 160 15.72 27.94 15.47
CA ALA F 160 15.09 26.63 15.64
C ALA F 160 13.57 26.81 15.88
N ALA F 161 13.21 27.80 16.70
CA ALA F 161 11.78 28.04 16.96
C ALA F 161 11.04 28.54 15.68
N SER F 162 11.69 29.45 14.93
CA SER F 162 11.07 29.94 13.69
C SER F 162 10.83 28.86 12.61
N LYS F 163 11.83 28.01 12.41
CA LYS F 163 11.69 26.96 11.43
C LYS F 163 10.66 25.91 11.88
N ALA F 164 10.60 25.62 13.18
CA ALA F 164 9.61 24.64 13.66
C ALA F 164 8.18 25.25 13.47
N GLY F 165 8.05 26.57 13.70
CA GLY F 165 6.76 27.27 13.49
C GLY F 165 6.21 27.05 12.08
N LEU F 166 7.09 26.96 11.09
CA LEU F 166 6.63 26.80 9.73
C LEU F 166 5.92 25.47 9.56
N ILE F 167 6.30 24.48 10.35
CA ILE F 167 5.69 23.18 10.22
C ILE F 167 4.25 23.22 10.71
N GLY F 168 4.04 23.95 11.79
CA GLY F 168 2.68 24.21 12.27
C GLY F 168 1.80 25.02 11.31
N LEU F 169 2.37 26.09 10.77
CA LEU F 169 1.72 26.84 9.74
C LEU F 169 1.34 25.89 8.60
N VAL F 170 2.26 25.02 8.19
CA VAL F 170 1.96 24.12 7.07
C VAL F 170 0.82 23.14 7.35
N GLN F 171 0.79 22.60 8.57
CA GLN F 171 -0.27 21.62 8.85
C GLN F 171 -1.62 22.31 8.79
N ALA F 172 -1.66 23.47 9.44
CA ALA F 172 -2.92 24.19 9.53
C ALA F 172 -3.40 24.60 8.15
N LEU F 173 -2.49 25.15 7.32
CA LEU F 173 -2.91 25.58 5.97
C LEU F 173 -3.30 24.41 5.05
N ALA F 174 -2.63 23.25 5.20
CA ALA F 174 -2.90 22.09 4.32
C ALA F 174 -4.38 21.63 4.52
N VAL F 175 -4.81 21.59 5.78
CA VAL F 175 -6.21 21.23 6.15
C VAL F 175 -7.17 22.37 5.68
N GLU F 176 -6.83 23.62 5.97
CA GLU F 176 -7.67 24.75 5.57
C GLU F 176 -7.87 24.85 4.07
N LEU F 177 -6.81 24.58 3.31
CA LEU F 177 -6.86 24.85 1.88
C LEU F 177 -7.08 23.60 1.04
N GLY F 178 -7.11 22.42 1.67
CA GLY F 178 -7.04 21.16 0.93
C GLY F 178 -8.27 21.01 0.04
N ALA F 179 -9.43 21.42 0.54
CA ALA F 179 -10.65 21.26 -0.24
C ALA F 179 -10.66 22.13 -1.52
N ARG F 180 -9.90 23.22 -1.52
CA ARG F 180 -9.74 24.05 -2.72
C ARG F 180 -8.56 23.68 -3.62
N GLY F 181 -7.98 22.52 -3.40
CA GLY F 181 -6.92 22.06 -4.28
C GLY F 181 -5.59 22.74 -4.14
N ILE F 182 -5.31 23.36 -3.00
CA ILE F 182 -4.01 23.96 -2.79
C ILE F 182 -3.22 23.05 -1.86
N ARG F 183 -2.13 22.48 -2.35
CA ARG F 183 -1.24 21.69 -1.46
C ARG F 183 -0.30 22.59 -0.69
N VAL F 184 0.05 22.22 0.54
CA VAL F 184 0.93 23.09 1.34
C VAL F 184 1.88 22.13 2.03
N ASN F 185 3.16 22.34 1.82
CA ASN F 185 4.23 21.43 2.30
C ASN F 185 5.42 22.16 2.87
N ALA F 186 6.17 21.54 3.78
CA ALA F 186 7.41 22.16 4.21
C ALA F 186 8.54 21.33 3.61
N LEU F 187 9.60 22.03 3.23
CA LEU F 187 10.81 21.39 2.72
C LEU F 187 11.90 21.62 3.76
N LEU F 188 12.50 20.52 4.25
CA LEU F 188 13.47 20.65 5.37
C LEU F 188 14.86 20.23 4.85
N PRO F 189 15.73 21.21 4.49
CA PRO F 189 17.07 20.81 4.08
C PRO F 189 17.96 20.45 5.25
N GLY F 190 19.00 19.71 4.94
CA GLY F 190 20.08 19.53 5.88
C GLY F 190 21.18 20.50 5.43
N GLY F 191 22.42 20.30 5.89
CA GLY F 191 23.56 21.20 5.44
C GLY F 191 23.67 21.28 3.92
N THR F 192 23.68 22.53 3.41
CA THR F 192 23.75 22.84 1.97
C THR F 192 24.89 23.85 1.82
N ASP F 193 25.55 23.80 0.67
CA ASP F 193 26.78 24.57 0.46
C ASP F 193 26.38 25.97 -0.02
N THR F 194 26.16 26.86 0.96
CA THR F 194 25.63 28.23 0.78
C THR F 194 26.14 29.15 1.91
N PRO F 195 26.03 30.50 1.73
CA PRO F 195 26.37 31.45 2.81
C PRO F 195 25.78 31.21 4.21
N ALA F 196 24.64 30.53 4.32
CA ALA F 196 23.98 30.27 5.63
C ALA F 196 24.59 29.12 6.44
N ASN F 197 25.17 28.11 5.78
CA ASN F 197 25.71 26.93 6.46
C ASN F 197 26.86 27.23 7.42
N PHE F 198 26.81 26.63 8.61
CA PHE F 198 27.84 26.85 9.64
C PHE F 198 29.28 26.76 9.11
N ALA F 199 29.51 25.98 8.06
CA ALA F 199 30.85 25.79 7.46
C ALA F 199 31.26 26.99 6.60
N ASN F 200 30.26 27.73 6.14
CA ASN F 200 30.50 28.95 5.39
C ASN F 200 30.40 30.14 6.36
N PRO F 206 38.22 26.05 9.75
CA PRO F 206 38.65 25.16 8.66
C PRO F 206 38.17 23.70 8.80
N GLU F 207 38.12 23.19 10.04
CA GLU F 207 37.72 21.80 10.34
C GLU F 207 36.19 21.65 10.36
N THR F 208 35.51 22.77 10.17
CA THR F 208 34.05 22.83 10.21
C THR F 208 33.40 22.10 9.03
N ARG F 209 34.00 22.24 7.83
CA ARG F 209 33.50 21.56 6.63
C ARG F 209 33.27 20.05 6.91
N GLY F 210 34.31 19.39 7.44
CA GLY F 210 34.27 17.98 7.79
C GLY F 210 33.21 17.61 8.83
N PHE F 211 33.15 18.38 9.92
CA PHE F 211 32.15 18.16 10.96
C PHE F 211 30.73 18.17 10.37
N VAL F 212 30.46 19.12 9.48
CA VAL F 212 29.15 19.32 8.91
C VAL F 212 28.82 18.18 7.95
N GLU F 213 29.79 17.79 7.13
CA GLU F 213 29.59 16.65 6.24
C GLU F 213 29.24 15.35 7.04
N GLY F 214 29.98 15.11 8.11
CA GLY F 214 29.84 13.95 9.01
C GLY F 214 28.45 13.88 9.68
N LEU F 215 27.76 15.00 9.77
CA LEU F 215 26.33 15.05 10.28
C LEU F 215 25.26 14.39 9.39
N HIS F 216 25.62 14.11 8.14
CA HIS F 216 24.75 13.51 7.17
C HIS F 216 25.10 12.06 6.91
N ALA F 217 24.09 11.21 6.66
CA ALA F 217 24.30 9.80 6.36
C ALA F 217 25.09 9.58 5.03
N LEU F 218 24.86 10.49 4.10
CA LEU F 218 25.61 10.56 2.82
C LEU F 218 27.04 11.13 2.90
N LYS F 219 27.43 11.63 4.08
CA LYS F 219 28.75 12.07 4.41
C LYS F 219 29.29 13.23 3.55
N ARG F 220 28.37 14.11 3.13
CA ARG F 220 28.71 15.25 2.31
C ARG F 220 27.62 16.27 2.54
N ILE F 221 27.88 17.49 2.06
CA ILE F 221 26.93 18.58 2.11
C ILE F 221 26.23 18.69 0.78
N ALA F 222 24.93 19.03 0.76
CA ALA F 222 24.17 19.14 -0.49
C ALA F 222 24.71 20.27 -1.37
N ARG F 223 24.72 20.04 -2.66
CA ARG F 223 24.71 21.16 -3.61
C ARG F 223 23.34 21.82 -3.51
N PRO F 224 23.26 23.13 -3.65
CA PRO F 224 21.99 23.84 -3.60
C PRO F 224 21.02 23.34 -4.66
N GLU F 225 21.54 22.90 -5.78
CA GLU F 225 20.75 22.36 -6.84
C GLU F 225 19.94 21.10 -6.38
N GLU F 226 20.48 20.30 -5.51
CA GLU F 226 19.81 19.15 -4.97
C GLU F 226 18.55 19.53 -4.16
N ILE F 227 18.65 20.57 -3.35
CA ILE F 227 17.45 21.07 -2.63
C ILE F 227 16.40 21.69 -3.54
N ALA F 228 16.84 22.42 -4.58
CA ALA F 228 15.96 22.95 -5.57
C ALA F 228 15.16 21.80 -6.22
N GLU F 229 15.80 20.68 -6.50
CA GLU F 229 15.09 19.58 -7.14
C GLU F 229 13.98 19.03 -6.26
N ALA F 230 14.22 18.98 -4.95
CA ALA F 230 13.11 18.64 -4.01
C ALA F 230 12.00 19.70 -4.03
N ALA F 231 12.36 21.01 -4.14
CA ALA F 231 11.32 22.07 -4.21
C ALA F 231 10.57 21.93 -5.48
N LEU F 232 11.28 21.58 -6.58
CA LEU F 232 10.57 21.36 -7.84
C LEU F 232 9.59 20.20 -7.75
N TYR F 233 10.03 19.09 -7.15
CA TYR F 233 9.13 17.96 -6.97
C TYR F 233 7.84 18.42 -6.30
N LEU F 234 7.95 19.15 -5.17
CA LEU F 234 6.74 19.57 -4.41
C LEU F 234 5.81 20.49 -5.20
N ALA F 235 6.41 21.29 -6.10
CA ALA F 235 5.62 22.19 -6.93
C ALA F 235 5.02 21.45 -8.15
N SER F 236 5.61 20.30 -8.52
CA SER F 236 5.18 19.52 -9.68
C SER F 236 3.85 18.74 -9.55
N ASP F 237 3.25 18.40 -10.72
CA ASP F 237 2.08 17.53 -10.77
C ASP F 237 2.35 16.14 -10.20
N GLY F 238 3.61 15.74 -10.17
CA GLY F 238 4.09 14.50 -9.49
C GLY F 238 3.76 14.39 -7.98
N ALA F 239 3.47 15.53 -7.42
CA ALA F 239 3.16 15.64 -5.99
C ALA F 239 1.70 15.98 -5.77
N SER F 240 0.81 15.57 -6.68
CA SER F 240 -0.58 15.94 -6.61
C SER F 240 -1.24 15.38 -5.33
N PHE F 241 -0.68 14.34 -4.74
CA PHE F 241 -1.23 13.78 -3.50
C PHE F 241 -0.32 14.03 -2.31
N VAL F 242 0.50 15.08 -2.40
CA VAL F 242 1.37 15.39 -1.25
C VAL F 242 1.02 16.75 -0.69
N THR F 243 0.51 16.76 0.54
CA THR F 243 0.13 18.00 1.23
C THR F 243 0.19 17.76 2.75
N GLY F 244 0.52 18.83 3.48
CA GLY F 244 0.74 18.73 4.92
C GLY F 244 2.01 18.03 5.37
N ALA F 245 2.92 17.78 4.42
CA ALA F 245 4.10 16.95 4.63
C ALA F 245 5.28 17.84 5.01
N ALA F 246 6.18 17.30 5.84
CA ALA F 246 7.47 17.96 6.15
C ALA F 246 8.47 17.04 5.46
N LEU F 247 8.83 17.40 4.24
CA LEU F 247 9.69 16.54 3.39
C LEU F 247 11.14 16.80 3.75
N LEU F 248 11.81 15.75 4.24
CA LEU F 248 13.24 15.90 4.64
C LEU F 248 14.15 15.69 3.42
N ALA F 249 14.88 16.72 3.01
CA ALA F 249 15.85 16.54 1.90
C ALA F 249 17.14 16.87 2.58
N ASP F 250 17.58 15.99 3.48
CA ASP F 250 18.60 16.39 4.46
C ASP F 250 19.76 15.44 4.51
N GLY F 251 19.85 14.60 3.47
CA GLY F 251 20.93 13.64 3.34
C GLY F 251 21.06 12.65 4.49
N GLY F 252 19.99 12.47 5.26
CA GLY F 252 20.05 11.51 6.37
C GLY F 252 20.47 12.22 7.64
N ALA F 253 20.55 13.54 7.63
CA ALA F 253 21.04 14.24 8.84
C ALA F 253 20.11 13.88 10.02
N SER F 254 18.81 13.90 9.76
CA SER F 254 17.77 13.54 10.83
C SER F 254 18.02 12.26 11.64
N VAL F 255 18.52 11.21 10.97
CA VAL F 255 18.63 9.88 11.56
C VAL F 255 20.06 9.47 11.85
N THR F 256 20.99 10.37 11.57
CA THR F 256 22.43 10.14 11.83
C THR F 256 22.85 10.75 13.14
N LYS F 257 23.54 9.98 13.94
CA LYS F 257 23.95 10.48 15.24
C LYS F 257 25.51 10.46 15.38
N ALA F 258 26.23 10.04 14.35
CA ALA F 258 27.70 9.93 14.48
C ALA F 258 28.38 9.99 13.12
N ALA F 259 29.64 10.41 13.13
CA ALA F 259 30.34 10.79 11.90
C ALA F 259 30.80 9.53 11.16
N GLU F 260 31.17 8.51 11.92
CA GLU F 260 31.65 7.25 11.36
C GLU F 260 30.78 6.17 11.92
N ASN F 261 30.19 5.36 11.03
CA ASN F 261 29.21 4.39 11.52
C ASN F 261 29.74 3.02 11.99
N LEU F 262 29.79 2.82 13.31
CA LEU F 262 29.70 1.48 13.95
C LEU F 262 30.19 0.29 13.13
N SER G 4 25.62 -73.04 0.67
CA SER G 4 27.08 -73.39 0.73
C SER G 4 27.96 -72.52 -0.20
N ARG G 5 27.61 -71.24 -0.35
CA ARG G 5 28.44 -70.30 -1.15
C ARG G 5 29.87 -70.18 -0.62
N LEU G 6 30.07 -70.46 0.67
CA LEU G 6 31.41 -70.56 1.22
C LEU G 6 31.88 -71.96 1.67
N GLU G 7 31.39 -73.03 1.02
CA GLU G 7 31.72 -74.40 1.53
C GLU G 7 33.20 -74.65 1.58
N GLY G 8 33.67 -75.26 2.68
CA GLY G 8 35.09 -75.57 2.81
C GLY G 8 35.96 -74.44 3.36
N LYS G 9 35.48 -73.19 3.33
CA LYS G 9 36.32 -72.05 3.66
C LYS G 9 36.44 -71.86 5.19
N ILE G 10 37.56 -71.33 5.64
CA ILE G 10 37.80 -71.05 7.08
C ILE G 10 38.10 -69.55 7.10
N ALA G 11 37.28 -68.78 7.83
CA ALA G 11 37.24 -67.29 7.77
C ALA G 11 37.45 -66.67 9.13
N ILE G 12 38.37 -65.71 9.24
CA ILE G 12 38.45 -64.79 10.40
C ILE G 12 37.51 -63.62 10.09
N VAL G 13 36.62 -63.27 11.04
CA VAL G 13 35.84 -62.01 11.02
C VAL G 13 36.21 -61.14 12.25
N THR G 14 36.75 -59.93 12.01
CA THR G 14 37.06 -58.99 13.09
C THR G 14 35.96 -57.90 13.13
N GLY G 15 35.79 -57.29 14.31
CA GLY G 15 34.68 -56.38 14.53
C GLY G 15 33.38 -57.16 14.52
N ALA G 16 33.40 -58.36 15.10
CA ALA G 16 32.25 -59.24 15.00
C ALA G 16 31.09 -58.97 15.98
N SER G 17 31.27 -58.08 16.95
CA SER G 17 30.34 -58.05 18.07
C SER G 17 29.02 -57.36 17.76
N SER G 18 29.03 -56.46 16.76
CA SER G 18 27.75 -55.97 16.18
C SER G 18 27.77 -55.56 14.66
N GLY G 19 26.67 -54.93 14.24
CA GLY G 19 26.38 -54.50 12.87
C GLY G 19 26.82 -55.45 11.77
N ILE G 20 27.71 -54.93 10.92
CA ILE G 20 28.14 -55.63 9.71
C ILE G 20 28.98 -56.86 10.06
N GLY G 21 29.91 -56.72 11.03
CA GLY G 21 30.78 -57.84 11.39
C GLY G 21 29.96 -59.04 11.87
N ARG G 22 29.00 -58.75 12.72
CA ARG G 22 28.11 -59.78 13.28
C ARG G 22 27.30 -60.44 12.18
N ALA G 23 26.70 -59.61 11.29
CA ALA G 23 25.94 -60.13 10.17
C ALA G 23 26.80 -61.03 9.30
N ALA G 24 28.09 -60.69 9.15
CA ALA G 24 28.95 -61.45 8.29
C ALA G 24 29.39 -62.76 8.88
N ALA G 25 29.71 -62.77 10.13
CA ALA G 25 30.13 -63.97 10.76
C ALA G 25 29.01 -64.99 10.71
N LEU G 26 27.80 -64.53 10.93
CA LEU G 26 26.59 -65.35 10.86
C LEU G 26 26.29 -65.89 9.49
N LEU G 27 26.37 -65.02 8.50
CA LEU G 27 26.13 -65.41 7.14
C LEU G 27 27.19 -66.37 6.61
N PHE G 28 28.44 -66.04 6.86
CA PHE G 28 29.52 -66.94 6.47
C PHE G 28 29.31 -68.37 7.01
N ALA G 29 29.16 -68.46 8.33
CA ALA G 29 28.81 -69.76 8.94
C ALA G 29 27.59 -70.40 8.27
N ARG G 30 26.51 -69.64 8.07
CA ARG G 30 25.38 -70.21 7.35
C ARG G 30 25.75 -70.87 6.03
N GLU G 31 26.74 -70.29 5.34
CA GLU G 31 27.08 -70.65 3.96
C GLU G 31 28.26 -71.63 3.93
N GLY G 32 28.49 -72.27 5.09
CA GLY G 32 29.46 -73.37 5.16
C GLY G 32 30.86 -73.00 5.60
N ALA G 33 31.06 -71.74 5.98
CA ALA G 33 32.38 -71.36 6.40
C ALA G 33 32.49 -71.69 7.90
N LYS G 34 33.66 -72.19 8.28
CA LYS G 34 34.13 -72.26 9.67
C LYS G 34 34.67 -70.83 9.97
N VAL G 35 34.19 -70.22 11.06
CA VAL G 35 34.47 -68.81 11.37
C VAL G 35 35.36 -68.65 12.66
N VAL G 36 36.41 -67.85 12.60
CA VAL G 36 37.07 -67.38 13.81
C VAL G 36 36.66 -65.89 14.02
N VAL G 37 36.06 -65.57 15.17
CA VAL G 37 35.52 -64.25 15.39
C VAL G 37 36.23 -63.49 16.51
N THR G 38 36.29 -62.18 16.35
CA THR G 38 36.95 -61.35 17.35
C THR G 38 36.27 -59.99 17.53
N ALA G 39 36.41 -59.43 18.74
CA ALA G 39 35.88 -58.15 19.06
C ALA G 39 36.38 -57.85 20.47
N ARG G 40 36.16 -56.63 20.96
CA ARG G 40 36.55 -56.36 22.37
C ARG G 40 35.58 -56.92 23.41
N ASN G 41 34.29 -56.90 23.05
CA ASN G 41 33.16 -57.26 23.95
C ASN G 41 32.91 -58.78 23.96
N GLY G 42 33.46 -59.44 24.96
CA GLY G 42 33.23 -60.86 25.13
C GLY G 42 31.78 -61.31 25.30
N ASN G 43 30.95 -60.53 25.98
CA ASN G 43 29.55 -60.93 26.15
C ASN G 43 28.77 -60.91 24.82
N ALA G 44 29.11 -59.95 23.96
CA ALA G 44 28.58 -59.93 22.59
C ALA G 44 29.10 -61.09 21.75
N LEU G 45 30.40 -61.40 21.81
CA LEU G 45 30.90 -62.58 21.12
C LEU G 45 30.15 -63.87 21.52
N ALA G 46 30.03 -64.08 22.84
CA ALA G 46 29.29 -65.25 23.32
C ALA G 46 27.88 -65.38 22.71
N GLU G 47 27.11 -64.30 22.61
CA GLU G 47 25.77 -64.43 22.02
C GLU G 47 25.82 -64.69 20.50
N LEU G 48 26.91 -64.23 19.88
CA LEU G 48 27.20 -64.50 18.46
C LEU G 48 27.53 -65.97 18.21
N THR G 49 28.56 -66.49 18.92
CA THR G 49 29.00 -67.86 18.72
C THR G 49 27.92 -68.86 19.11
N ASP G 50 27.03 -68.45 20.02
CA ASP G 50 25.95 -69.32 20.47
C ASP G 50 24.89 -69.34 19.38
N GLU G 51 24.75 -68.20 18.71
CA GLU G 51 23.71 -68.10 17.74
C GLU G 51 24.13 -68.88 16.48
N ILE G 52 25.44 -68.85 16.19
CA ILE G 52 26.05 -69.67 15.12
C ILE G 52 25.92 -71.18 15.41
N ALA G 53 26.22 -71.59 16.63
CA ALA G 53 26.31 -73.04 16.92
C ALA G 53 24.96 -73.68 16.80
N GLY G 54 23.93 -72.87 17.04
CA GLY G 54 22.58 -73.35 17.07
C GLY G 54 21.90 -73.27 15.73
N GLY G 55 22.62 -72.80 14.71
CA GLY G 55 22.12 -72.86 13.35
C GLY G 55 22.82 -73.92 12.52
N GLY G 56 23.51 -74.85 13.19
CA GLY G 56 24.30 -75.88 12.51
C GLY G 56 25.77 -75.58 12.24
N GLY G 57 26.17 -74.32 12.46
CA GLY G 57 27.54 -73.84 12.20
C GLY G 57 28.59 -74.01 13.27
N GLU G 58 29.84 -73.80 12.85
CA GLU G 58 31.01 -73.89 13.68
C GLU G 58 31.76 -72.53 13.74
N ALA G 59 32.05 -72.09 14.97
CA ALA G 59 32.73 -70.82 15.26
C ALA G 59 33.66 -70.94 16.45
N ALA G 60 34.73 -70.14 16.44
CA ALA G 60 35.62 -69.95 17.59
C ALA G 60 35.78 -68.43 17.81
N ALA G 61 35.94 -68.06 19.08
CA ALA G 61 36.11 -66.66 19.43
C ALA G 61 37.38 -66.42 20.20
N LEU G 62 37.83 -65.17 20.10
CA LEU G 62 38.92 -64.68 20.91
C LEU G 62 38.69 -63.18 21.13
N ALA G 63 38.50 -62.78 22.40
CA ALA G 63 38.28 -61.38 22.78
C ALA G 63 39.56 -60.63 22.88
N GLY G 64 39.64 -59.45 22.28
CA GLY G 64 40.86 -58.65 22.46
C GLY G 64 40.80 -57.32 21.75
N ASP G 65 41.89 -56.56 21.88
CA ASP G 65 41.97 -55.23 21.22
C ASP G 65 42.60 -55.46 19.86
N VAL G 66 41.88 -55.06 18.82
CA VAL G 66 42.28 -55.36 17.46
C VAL G 66 43.55 -54.54 17.03
N GLY G 67 43.91 -53.51 17.81
CA GLY G 67 45.22 -52.84 17.70
C GLY G 67 46.43 -53.63 18.26
N ASP G 68 46.23 -54.76 18.95
CA ASP G 68 47.41 -55.49 19.48
C ASP G 68 47.99 -56.55 18.59
N GLU G 69 49.30 -56.49 18.38
CA GLU G 69 49.93 -57.48 17.57
C GLU G 69 49.67 -58.87 18.12
N ALA G 70 49.73 -59.04 19.45
CA ALA G 70 49.47 -60.36 20.07
C ALA G 70 48.14 -60.95 19.69
N LEU G 71 47.08 -60.13 19.68
CA LEU G 71 45.75 -60.63 19.27
C LEU G 71 45.77 -61.25 17.85
N HIS G 72 46.30 -60.49 16.88
CA HIS G 72 46.32 -61.00 15.49
C HIS G 72 47.11 -62.34 15.31
N GLU G 73 48.26 -62.47 15.97
CA GLU G 73 48.99 -63.76 15.99
C GLU G 73 48.13 -64.88 16.57
N ALA G 74 47.51 -64.63 17.70
CA ALA G 74 46.74 -65.69 18.35
C ALA G 74 45.52 -66.00 17.55
N LEU G 75 45.01 -65.00 16.83
CA LEU G 75 43.75 -65.21 16.09
C LEU G 75 43.93 -66.19 14.96
N VAL G 76 45.05 -66.05 14.26
CA VAL G 76 45.36 -66.98 13.20
C VAL G 76 45.86 -68.34 13.75
N GLU G 77 46.58 -68.29 14.87
CA GLU G 77 46.94 -69.56 15.52
C GLU G 77 45.70 -70.39 15.86
N LEU G 78 44.65 -69.71 16.32
CA LEU G 78 43.37 -70.33 16.64
C LEU G 78 42.70 -70.98 15.45
N ALA G 79 42.68 -70.26 14.33
CA ALA G 79 42.06 -70.78 13.12
C ALA G 79 42.75 -72.06 12.65
N VAL G 80 44.06 -72.01 12.66
CA VAL G 80 44.88 -73.16 12.26
C VAL G 80 44.71 -74.42 13.13
N ARG G 81 44.72 -74.26 14.45
CA ARG G 81 44.63 -75.46 15.31
C ARG G 81 43.20 -75.95 15.30
N ARG G 82 42.25 -75.03 15.39
CA ARG G 82 40.88 -75.43 15.49
C ARG G 82 40.28 -75.98 14.19
N PHE G 83 40.64 -75.38 13.05
CA PHE G 83 40.08 -75.80 11.78
C PHE G 83 41.17 -76.24 10.79
N GLY G 84 42.44 -76.07 11.12
CA GLY G 84 43.48 -76.68 10.29
C GLY G 84 44.15 -75.73 9.30
N GLY G 85 43.69 -74.48 9.24
CA GLY G 85 44.33 -73.52 8.34
C GLY G 85 43.47 -72.27 8.22
N LEU G 86 43.75 -71.46 7.19
CA LEU G 86 42.97 -70.21 6.99
C LEU G 86 42.85 -69.89 5.50
N ASP G 87 41.62 -69.70 5.00
CA ASP G 87 41.29 -69.42 3.54
C ASP G 87 41.12 -67.91 3.34
N THR G 88 40.46 -67.28 4.32
CA THR G 88 39.95 -65.91 4.10
C THR G 88 39.83 -65.11 5.38
N ALA G 89 39.89 -63.78 5.25
CA ALA G 89 39.62 -62.94 6.40
C ALA G 89 38.82 -61.74 5.98
N PHE G 90 37.89 -61.34 6.85
CA PHE G 90 37.12 -60.15 6.62
C PHE G 90 37.54 -59.17 7.72
N ASN G 91 38.48 -58.29 7.40
CA ASN G 91 38.96 -57.37 8.41
C ASN G 91 38.06 -56.18 8.54
N ASN G 92 37.10 -56.30 9.46
CA ASN G 92 35.98 -55.39 9.50
C ASN G 92 35.99 -54.47 10.73
N ALA G 93 36.84 -54.73 11.70
CA ALA G 93 36.99 -53.85 12.85
C ALA G 93 37.25 -52.39 12.48
N GLY G 94 36.62 -51.49 13.20
CA GLY G 94 36.77 -50.07 13.04
C GLY G 94 35.79 -49.25 13.85
N ALA G 95 36.10 -47.97 14.04
CA ALA G 95 35.23 -47.13 14.84
C ALA G 95 35.45 -45.72 14.35
N LEU G 96 34.45 -44.90 14.54
CA LEU G 96 34.50 -43.52 14.13
C LEU G 96 35.63 -42.82 14.87
N GLY G 97 35.88 -43.20 16.11
CA GLY G 97 37.02 -42.62 16.86
C GLY G 97 36.77 -41.17 17.23
N ALA G 98 37.82 -40.44 17.56
CA ALA G 98 37.57 -39.08 18.06
C ALA G 98 37.25 -38.09 16.94
N MET G 99 36.20 -37.30 17.17
CA MET G 99 35.64 -36.40 16.18
C MET G 99 35.55 -35.00 16.73
N GLY G 100 35.42 -34.02 15.85
CA GLY G 100 35.55 -32.61 16.19
C GLY G 100 36.32 -31.82 15.14
N GLU G 101 36.20 -30.51 15.23
CA GLU G 101 37.00 -29.63 14.39
C GLU G 101 38.48 -29.98 14.49
N ILE G 102 39.14 -29.87 13.34
CA ILE G 102 40.49 -30.40 13.20
C ILE G 102 41.41 -29.87 14.36
N SER G 103 41.35 -28.58 14.63
CA SER G 103 42.32 -27.96 15.56
C SER G 103 42.06 -28.21 17.06
N SER G 104 40.88 -28.81 17.34
CA SER G 104 40.44 -29.24 18.66
C SER G 104 40.84 -30.70 18.94
N LEU G 105 41.24 -31.45 17.90
CA LEU G 105 41.61 -32.86 18.07
C LEU G 105 42.98 -33.08 18.73
N SER G 106 43.08 -34.12 19.55
CA SER G 106 44.34 -34.45 20.16
C SER G 106 45.10 -35.45 19.32
N VAL G 107 46.42 -35.42 19.43
CA VAL G 107 47.26 -36.39 18.73
C VAL G 107 47.03 -37.80 19.30
N GLU G 108 46.76 -37.91 20.62
CA GLU G 108 46.32 -39.16 21.23
C GLU G 108 45.05 -39.74 20.56
N GLY G 109 43.98 -38.93 20.44
CA GLY G 109 42.75 -39.26 19.69
C GLY G 109 43.02 -39.77 18.25
N TRP G 110 43.80 -39.00 17.47
CA TRP G 110 44.32 -39.38 16.15
C TRP G 110 45.04 -40.75 16.12
N ARG G 111 46.08 -40.94 16.96
CA ARG G 111 46.75 -42.28 17.00
C ARG G 111 45.83 -43.45 17.38
N GLU G 112 44.90 -43.21 18.29
CA GLU G 112 43.98 -44.26 18.72
C GLU G 112 43.04 -44.67 17.55
N THR G 113 42.60 -43.66 16.79
CA THR G 113 41.72 -43.89 15.66
C THR G 113 42.48 -44.68 14.56
N LEU G 114 43.70 -44.25 14.25
CA LEU G 114 44.49 -44.92 13.21
C LEU G 114 44.92 -46.31 13.67
N ASP G 115 45.23 -46.47 14.96
CA ASP G 115 45.54 -47.83 15.47
C ASP G 115 44.40 -48.82 15.33
N THR G 116 43.19 -48.42 15.74
CA THR G 116 42.03 -49.29 15.67
C THR G 116 41.60 -49.52 14.22
N ASN G 117 41.73 -48.50 13.36
CA ASN G 117 41.17 -48.65 11.98
C ASN G 117 42.22 -49.11 10.93
N LEU G 118 43.49 -48.72 11.10
CA LEU G 118 44.50 -48.95 10.03
C LEU G 118 45.69 -49.83 10.49
N THR G 119 46.28 -49.51 11.63
CA THR G 119 47.34 -50.40 12.21
C THR G 119 46.79 -51.82 12.37
N SER G 120 45.59 -51.94 12.89
CA SER G 120 44.89 -53.24 12.98
C SER G 120 44.96 -54.04 11.65
N ALA G 121 44.80 -53.38 10.50
CA ALA G 121 44.76 -54.07 9.20
C ALA G 121 46.20 -54.48 8.75
N PHE G 122 47.19 -53.66 9.00
CA PHE G 122 48.57 -54.09 8.87
C PHE G 122 48.84 -55.35 9.70
N LEU G 123 48.42 -55.33 10.96
CA LEU G 123 48.71 -56.48 11.87
C LEU G 123 48.01 -57.71 11.38
N ALA G 124 46.75 -57.55 11.00
CA ALA G 124 45.97 -58.61 10.45
C ALA G 124 46.65 -59.24 9.25
N ALA G 125 47.07 -58.44 8.27
CA ALA G 125 47.76 -58.98 7.06
C ALA G 125 49.04 -59.71 7.43
N LYS G 126 49.81 -59.11 8.33
CA LYS G 126 51.06 -59.67 8.82
C LYS G 126 50.94 -61.14 9.26
N TYR G 127 49.86 -61.51 9.95
CA TYR G 127 49.67 -62.85 10.52
C TYR G 127 48.75 -63.71 9.65
N GLN G 128 47.84 -63.08 8.94
CA GLN G 128 46.93 -63.85 8.12
C GLN G 128 47.55 -64.35 6.83
N VAL G 129 48.35 -63.50 6.19
CA VAL G 129 48.94 -63.86 4.88
C VAL G 129 49.72 -65.21 4.82
N PRO G 130 50.67 -65.44 5.79
CA PRO G 130 51.36 -66.75 5.84
C PRO G 130 50.46 -67.98 5.87
N ALA G 131 49.37 -67.89 6.64
CA ALA G 131 48.47 -69.02 6.83
C ALA G 131 47.71 -69.28 5.56
N ILE G 132 47.27 -68.18 4.93
CA ILE G 132 46.54 -68.26 3.69
C ILE G 132 47.43 -68.69 2.55
N ALA G 133 48.66 -68.21 2.50
CA ALA G 133 49.62 -68.63 1.49
C ALA G 133 49.95 -70.16 1.57
N ALA G 134 49.88 -70.67 2.79
CA ALA G 134 50.09 -72.08 3.10
C ALA G 134 49.04 -72.93 2.45
N LEU G 135 47.81 -72.49 2.53
CA LEU G 135 46.71 -73.16 1.85
C LEU G 135 46.81 -73.05 0.33
N GLY G 136 47.67 -72.22 -0.16
CA GLY G 136 47.74 -72.02 -1.58
C GLY G 136 46.88 -70.91 -2.11
N GLY G 137 46.24 -70.17 -1.24
CA GLY G 137 45.70 -68.91 -1.62
C GLY G 137 44.36 -68.76 -0.99
N GLY G 138 43.65 -67.74 -1.43
CA GLY G 138 42.75 -67.07 -0.57
C GLY G 138 42.50 -65.61 -0.79
N SER G 139 41.76 -65.06 0.14
CA SER G 139 41.39 -63.67 0.08
C SER G 139 41.40 -62.95 1.41
N LEU G 140 41.74 -61.68 1.32
CA LEU G 140 41.66 -60.72 2.40
C LEU G 140 40.77 -59.56 2.02
N THR G 141 39.81 -59.21 2.87
CA THR G 141 38.92 -58.08 2.57
C THR G 141 38.97 -57.12 3.77
N PHE G 142 39.07 -55.83 3.49
CA PHE G 142 39.14 -54.84 4.54
C PHE G 142 37.99 -53.87 4.42
N THR G 143 37.32 -53.59 5.53
CA THR G 143 36.18 -52.63 5.44
C THR G 143 36.64 -51.20 5.48
N SER G 144 36.53 -50.46 4.36
CA SER G 144 36.99 -49.08 4.33
C SER G 144 35.67 -48.30 4.55
N SER G 145 35.45 -47.26 3.76
CA SER G 145 34.21 -46.49 3.82
C SER G 145 34.19 -45.58 2.60
N PHE G 146 32.99 -45.21 2.13
CA PHE G 146 32.93 -44.15 1.10
C PHE G 146 33.51 -42.82 1.65
N VAL G 147 33.46 -42.67 2.97
CA VAL G 147 34.03 -41.48 3.63
C VAL G 147 35.55 -41.52 3.52
N GLY G 148 36.14 -40.43 3.02
CA GLY G 148 37.57 -40.40 2.65
C GLY G 148 37.96 -40.98 1.29
N HIS G 149 37.05 -41.59 0.57
CA HIS G 149 37.30 -42.02 -0.79
C HIS G 149 36.47 -41.25 -1.86
N THR G 150 35.19 -41.01 -1.57
CA THR G 150 34.37 -40.23 -2.45
C THR G 150 33.61 -39.13 -1.74
N ALA G 151 33.81 -39.00 -0.42
CA ALA G 151 33.14 -37.90 0.30
C ALA G 151 33.88 -37.49 1.52
N GLY G 152 33.81 -36.19 1.84
CA GLY G 152 34.27 -35.72 3.12
C GLY G 152 33.09 -35.18 3.90
N PHE G 153 33.22 -35.13 5.23
CA PHE G 153 32.26 -34.47 6.14
C PHE G 153 33.10 -33.73 7.16
N ALA G 154 32.53 -32.67 7.75
CA ALA G 154 33.12 -31.90 8.87
C ALA G 154 33.36 -32.78 10.08
N GLY G 155 34.45 -32.54 10.78
CA GLY G 155 34.65 -33.22 12.06
C GLY G 155 35.11 -34.67 12.03
N VAL G 156 35.50 -35.19 10.85
CA VAL G 156 35.86 -36.62 10.76
C VAL G 156 37.23 -36.90 10.16
N ALA G 157 38.13 -35.91 10.14
CA ALA G 157 39.44 -36.13 9.51
C ALA G 157 40.16 -37.45 9.93
N PRO G 158 40.24 -37.81 11.25
CA PRO G 158 40.94 -39.07 11.56
C PRO G 158 40.25 -40.32 10.96
N TYR G 159 38.91 -40.43 11.10
CA TYR G 159 38.27 -41.58 10.51
C TYR G 159 38.52 -41.64 8.99
N ALA G 160 38.31 -40.51 8.32
CA ALA G 160 38.43 -40.40 6.87
C ALA G 160 39.86 -40.79 6.41
N ALA G 161 40.87 -40.29 7.13
CA ALA G 161 42.25 -40.61 6.80
C ALA G 161 42.50 -42.10 7.04
N SER G 162 41.97 -42.67 8.12
CA SER G 162 42.21 -44.10 8.37
C SER G 162 41.56 -45.05 7.37
N LYS G 163 40.31 -44.76 6.98
CA LYS G 163 39.63 -45.58 5.94
C LYS G 163 40.22 -45.43 4.52
N ALA G 164 40.61 -44.21 4.15
CA ALA G 164 41.37 -44.03 2.89
C ALA G 164 42.72 -44.80 2.87
N GLY G 165 43.45 -44.78 3.99
CA GLY G 165 44.74 -45.55 4.15
C GLY G 165 44.55 -47.05 3.81
N LEU G 166 43.40 -47.61 4.17
CA LEU G 166 43.13 -48.99 3.83
C LEU G 166 43.12 -49.28 2.36
N ILE G 167 42.70 -48.31 1.55
CA ILE G 167 42.66 -48.53 0.12
C ILE G 167 44.11 -48.62 -0.40
N GLY G 168 44.97 -47.76 0.13
CA GLY G 168 46.38 -47.87 -0.16
C GLY G 168 47.01 -49.22 0.23
N LEU G 169 46.72 -49.65 1.45
CA LEU G 169 47.15 -50.95 1.91
C LEU G 169 46.74 -52.06 0.90
N VAL G 170 45.50 -51.98 0.47
CA VAL G 170 44.91 -52.95 -0.44
C VAL G 170 45.61 -52.99 -1.80
N GLN G 171 45.89 -51.84 -2.38
CA GLN G 171 46.54 -51.84 -3.71
C GLN G 171 47.93 -52.48 -3.62
N ALA G 172 48.69 -52.06 -2.62
CA ALA G 172 50.02 -52.62 -2.39
C ALA G 172 50.01 -54.15 -2.14
N LEU G 173 49.15 -54.62 -1.24
CA LEU G 173 49.11 -56.05 -0.98
C LEU G 173 48.62 -56.86 -2.19
N ALA G 174 47.64 -56.32 -2.95
CA ALA G 174 47.05 -57.03 -4.07
C ALA G 174 48.17 -57.32 -5.09
N VAL G 175 49.01 -56.34 -5.38
CA VAL G 175 50.15 -56.54 -6.32
C VAL G 175 51.22 -57.47 -5.62
N GLU G 176 51.51 -57.22 -4.35
CA GLU G 176 52.51 -57.99 -3.59
C GLU G 176 52.15 -59.50 -3.51
N LEU G 177 50.85 -59.79 -3.35
CA LEU G 177 50.38 -61.15 -3.06
C LEU G 177 49.75 -61.84 -4.26
N GLY G 178 49.57 -61.09 -5.37
CA GLY G 178 48.84 -61.59 -6.52
C GLY G 178 49.45 -62.87 -7.14
N ALA G 179 50.77 -62.94 -7.27
CA ALA G 179 51.38 -64.11 -7.89
C ALA G 179 51.17 -65.39 -7.06
N ARG G 180 51.01 -65.25 -5.75
CA ARG G 180 50.70 -66.40 -4.88
C ARG G 180 49.19 -66.68 -4.62
N GLY G 181 48.30 -66.09 -5.40
CA GLY G 181 46.90 -66.54 -5.42
C GLY G 181 46.08 -65.92 -4.30
N ILE G 182 46.60 -64.89 -3.64
CA ILE G 182 45.88 -64.19 -2.61
C ILE G 182 45.26 -62.88 -3.13
N ARG G 183 43.95 -62.87 -3.23
CA ARG G 183 43.26 -61.62 -3.63
C ARG G 183 43.08 -60.71 -2.41
N VAL G 184 43.08 -59.40 -2.65
CA VAL G 184 43.03 -58.42 -1.52
C VAL G 184 42.12 -57.35 -2.02
N ASN G 185 41.05 -57.06 -1.27
CA ASN G 185 40.04 -56.07 -1.71
C ASN G 185 39.59 -55.15 -0.57
N ALA G 186 39.17 -53.94 -0.89
CA ALA G 186 38.49 -53.10 0.09
C ALA G 186 36.99 -53.16 -0.12
N LEU G 187 36.22 -53.22 0.97
CA LEU G 187 34.77 -53.12 0.88
C LEU G 187 34.34 -51.79 1.48
N LEU G 188 33.56 -51.00 0.73
CA LEU G 188 33.28 -49.64 1.15
C LEU G 188 31.76 -49.51 1.30
N PRO G 189 31.24 -49.67 2.53
CA PRO G 189 29.82 -49.50 2.75
C PRO G 189 29.40 -48.04 2.66
N GLY G 190 28.10 -47.84 2.42
CA GLY G 190 27.46 -46.54 2.66
C GLY G 190 26.77 -46.62 4.02
N GLY G 191 25.91 -45.68 4.37
CA GLY G 191 25.14 -45.78 5.63
C GLY G 191 24.48 -47.11 5.87
N THR G 192 24.81 -47.72 7.01
CA THR G 192 24.26 -49.02 7.41
C THR G 192 23.61 -48.90 8.80
N ASP G 193 22.54 -49.68 9.03
CA ASP G 193 21.74 -49.58 10.27
C ASP G 193 22.42 -50.33 11.41
N THR G 194 23.35 -49.64 12.06
CA THR G 194 24.22 -50.19 13.12
C THR G 194 24.52 -49.07 14.11
N PRO G 195 25.04 -49.40 15.32
CA PRO G 195 25.27 -48.33 16.31
C PRO G 195 26.38 -47.28 15.97
N ALA G 196 27.03 -47.44 14.82
CA ALA G 196 28.10 -46.51 14.38
C ALA G 196 27.70 -45.61 13.20
N ASN G 197 26.43 -45.67 12.82
CA ASN G 197 25.91 -44.77 11.81
C ASN G 197 25.52 -43.46 12.47
N PHE G 198 25.96 -42.33 11.92
CA PHE G 198 25.60 -41.00 12.43
C PHE G 198 24.16 -40.95 12.98
N ALA G 199 23.21 -41.60 12.33
CA ALA G 199 21.83 -41.59 12.79
C ALA G 199 21.55 -42.42 14.02
N ASN G 200 22.47 -43.30 14.36
CA ASN G 200 22.33 -44.11 15.54
C ASN G 200 23.25 -43.71 16.69
N LEU G 201 23.94 -42.60 16.53
CA LEU G 201 24.81 -42.08 17.57
C LEU G 201 23.95 -41.59 18.72
N ALA G 205 18.84 -37.97 18.04
CA ALA G 205 18.41 -36.78 17.30
C ALA G 205 17.52 -37.16 16.09
N PRO G 206 16.22 -36.80 16.15
CA PRO G 206 15.18 -37.43 15.33
C PRO G 206 15.27 -37.20 13.78
N GLU G 207 15.79 -36.05 13.34
CA GLU G 207 15.83 -35.75 11.89
C GLU G 207 17.05 -36.34 11.17
N THR G 208 17.93 -36.97 11.94
CA THR G 208 19.12 -37.60 11.37
C THR G 208 18.77 -38.72 10.39
N ARG G 209 17.78 -39.55 10.72
CA ARG G 209 17.43 -40.71 9.86
C ARG G 209 17.14 -40.36 8.38
N GLY G 210 16.11 -39.54 8.13
CA GLY G 210 15.77 -38.99 6.81
C GLY G 210 16.95 -38.37 6.05
N PHE G 211 17.74 -37.54 6.75
CA PHE G 211 18.92 -36.93 6.14
C PHE G 211 19.92 -38.00 5.64
N VAL G 212 20.28 -38.97 6.49
CA VAL G 212 21.21 -40.05 6.12
C VAL G 212 20.63 -40.96 5.01
N GLU G 213 19.37 -41.33 5.12
CA GLU G 213 18.73 -42.05 4.04
C GLU G 213 18.89 -41.34 2.66
N GLY G 214 18.72 -40.03 2.68
CA GLY G 214 18.69 -39.16 1.49
C GLY G 214 20.06 -39.06 0.82
N LEU G 215 21.11 -39.41 1.56
CA LEU G 215 22.49 -39.46 1.05
C LEU G 215 22.68 -40.59 0.02
N HIS G 216 21.77 -41.56 0.02
CA HIS G 216 21.88 -42.75 -0.83
C HIS G 216 20.99 -42.65 -2.05
N ALA G 217 21.46 -43.13 -3.22
CA ALA G 217 20.63 -43.14 -4.41
C ALA G 217 19.39 -44.04 -4.18
N LEU G 218 19.55 -45.06 -3.37
CA LEU G 218 18.41 -45.93 -3.04
C LEU G 218 17.47 -45.39 -1.95
N LYS G 219 17.83 -44.23 -1.36
CA LYS G 219 16.96 -43.52 -0.42
C LYS G 219 16.62 -44.34 0.82
N ARG G 220 17.55 -45.18 1.24
CA ARG G 220 17.37 -45.97 2.45
C ARG G 220 18.75 -46.28 2.97
N ILE G 221 18.81 -46.81 4.18
CA ILE G 221 20.06 -47.19 4.82
C ILE G 221 20.17 -48.69 4.68
N ALA G 222 21.39 -49.24 4.50
CA ALA G 222 21.53 -50.70 4.29
C ALA G 222 21.10 -51.45 5.55
N ARG G 223 20.49 -52.63 5.38
CA ARG G 223 20.55 -53.69 6.44
C ARG G 223 21.98 -54.19 6.51
N PRO G 224 22.50 -54.40 7.73
CA PRO G 224 23.85 -54.99 7.87
C PRO G 224 24.05 -56.24 7.00
N GLU G 225 23.02 -57.08 6.92
CA GLU G 225 23.03 -58.27 6.07
C GLU G 225 23.41 -57.96 4.60
N GLU G 226 23.06 -56.78 4.12
CA GLU G 226 23.30 -56.46 2.69
C GLU G 226 24.79 -56.23 2.45
N ILE G 227 25.40 -55.53 3.42
CA ILE G 227 26.86 -55.40 3.41
C ILE G 227 27.58 -56.73 3.63
N ALA G 228 27.08 -57.61 4.51
CA ALA G 228 27.73 -58.91 4.61
C ALA G 228 27.69 -59.69 3.30
N GLU G 229 26.61 -59.56 2.52
CA GLU G 229 26.46 -60.30 1.31
C GLU G 229 27.53 -59.83 0.32
N ALA G 230 27.83 -58.53 0.35
CA ALA G 230 29.00 -58.04 -0.44
C ALA G 230 30.31 -58.63 0.03
N ALA G 231 30.49 -58.75 1.36
CA ALA G 231 31.73 -59.33 1.91
C ALA G 231 31.82 -60.78 1.50
N LEU G 232 30.67 -61.46 1.47
CA LEU G 232 30.62 -62.90 1.09
C LEU G 232 31.05 -63.08 -0.36
N TYR G 233 30.53 -62.24 -1.22
CA TYR G 233 30.97 -62.28 -2.60
C TYR G 233 32.50 -62.17 -2.69
N LEU G 234 33.08 -61.16 -2.06
CA LEU G 234 34.52 -60.97 -2.19
C LEU G 234 35.31 -62.19 -1.65
N ALA G 235 34.80 -62.85 -0.61
CA ALA G 235 35.44 -64.06 -0.10
C ALA G 235 35.19 -65.30 -1.02
N SER G 236 34.20 -65.24 -1.89
CA SER G 236 33.72 -66.41 -2.65
C SER G 236 34.56 -66.69 -3.88
N ASP G 237 34.41 -67.93 -4.41
CA ASP G 237 35.00 -68.28 -5.71
C ASP G 237 34.40 -67.48 -6.88
N GLY G 238 33.27 -66.88 -6.67
CA GLY G 238 32.73 -65.94 -7.65
C GLY G 238 33.62 -64.74 -7.92
N ALA G 239 34.49 -64.42 -6.97
CA ALA G 239 35.37 -63.28 -7.05
C ALA G 239 36.82 -63.65 -7.46
N SER G 240 37.00 -64.77 -8.18
CA SER G 240 38.33 -65.32 -8.41
C SER G 240 39.15 -64.37 -9.26
N PHE G 241 38.49 -63.50 -10.05
CA PHE G 241 39.25 -62.45 -10.76
C PHE G 241 39.13 -61.03 -10.20
N VAL G 242 38.86 -60.90 -8.90
CA VAL G 242 38.71 -59.58 -8.32
C VAL G 242 39.76 -59.39 -7.25
N THR G 243 40.69 -58.47 -7.51
CA THR G 243 41.76 -58.11 -6.58
C THR G 243 42.18 -56.66 -6.80
N GLY G 244 42.61 -56.00 -5.72
CA GLY G 244 43.00 -54.58 -5.81
C GLY G 244 41.83 -53.61 -5.95
N ALA G 245 40.60 -54.14 -5.87
CA ALA G 245 39.37 -53.39 -6.02
C ALA G 245 38.89 -52.76 -4.73
N ALA G 246 38.29 -51.60 -4.89
CA ALA G 246 37.57 -50.95 -3.84
C ALA G 246 36.15 -51.05 -4.25
N LEU G 247 35.45 -52.04 -3.72
CA LEU G 247 34.05 -52.33 -4.11
C LEU G 247 33.10 -51.48 -3.29
N LEU G 248 32.37 -50.60 -3.97
CA LEU G 248 31.40 -49.74 -3.30
C LEU G 248 30.11 -50.55 -3.10
N ALA G 249 29.76 -50.79 -1.84
CA ALA G 249 28.43 -51.33 -1.50
C ALA G 249 27.75 -50.24 -0.68
N ASP G 250 27.46 -49.15 -1.38
CA ASP G 250 27.10 -47.93 -0.69
C ASP G 250 25.74 -47.32 -1.08
N GLY G 251 24.89 -48.12 -1.72
CA GLY G 251 23.59 -47.65 -2.14
C GLY G 251 23.60 -46.44 -3.04
N GLY G 252 24.75 -46.20 -3.71
CA GLY G 252 24.77 -44.99 -4.56
C GLY G 252 25.20 -43.74 -3.81
N ALA G 253 25.66 -43.86 -2.57
CA ALA G 253 26.00 -42.62 -1.85
C ALA G 253 27.14 -41.89 -2.62
N SER G 254 28.12 -42.65 -3.12
CA SER G 254 29.28 -42.00 -3.83
C SER G 254 28.88 -41.05 -4.95
N VAL G 255 27.76 -41.33 -5.63
CA VAL G 255 27.39 -40.58 -6.82
C VAL G 255 26.17 -39.69 -6.60
N THR G 256 25.68 -39.72 -5.38
CA THR G 256 24.48 -38.93 -5.00
C THR G 256 24.87 -37.63 -4.30
N LYS G 257 24.35 -36.55 -4.84
CA LYS G 257 24.60 -35.22 -4.29
C LYS G 257 23.30 -34.60 -3.75
N SER H 4 3.94 4.88 47.68
CA SER H 4 2.76 4.17 47.23
C SER H 4 2.19 4.65 45.91
N ARG H 5 3.06 4.98 44.96
CA ARG H 5 2.64 5.55 43.69
C ARG H 5 1.75 4.64 42.84
N LEU H 6 1.82 3.35 43.06
CA LEU H 6 0.97 2.43 42.34
C LEU H 6 0.15 1.48 43.23
N GLU H 7 -0.17 1.96 44.43
CA GLU H 7 -0.89 1.20 45.42
C GLU H 7 -2.15 0.64 44.80
N GLY H 8 -2.37 -0.66 44.93
CA GLY H 8 -3.62 -1.23 44.41
C GLY H 8 -3.58 -1.79 43.01
N LYS H 9 -2.52 -1.48 42.26
CA LYS H 9 -2.43 -1.98 40.89
C LYS H 9 -1.82 -3.34 40.92
N ILE H 10 -2.19 -4.13 39.91
CA ILE H 10 -1.59 -5.42 39.64
C ILE H 10 -0.91 -5.34 38.24
N ALA H 11 0.39 -5.63 38.22
CA ALA H 11 1.24 -5.35 37.06
C ALA H 11 1.99 -6.62 36.63
N ILE H 12 1.99 -6.88 35.32
CA ILE H 12 2.98 -7.79 34.72
C ILE H 12 4.19 -6.98 34.26
N VAL H 13 5.40 -7.50 34.48
CA VAL H 13 6.60 -6.88 33.94
C VAL H 13 7.35 -8.00 33.21
N THR H 14 7.63 -7.81 31.92
CA THR H 14 8.48 -8.77 31.21
C THR H 14 9.90 -8.25 31.13
N GLY H 15 10.84 -9.14 30.86
CA GLY H 15 12.23 -8.88 30.83
C GLY H 15 12.64 -8.43 32.22
N ALA H 16 12.14 -9.11 33.23
CA ALA H 16 12.32 -8.70 34.65
C ALA H 16 13.52 -9.23 35.34
N SER H 17 14.37 -9.99 34.65
CA SER H 17 15.58 -10.57 35.30
C SER H 17 16.82 -9.67 35.35
N SER H 18 16.85 -8.62 34.53
CA SER H 18 17.91 -7.62 34.66
C SER H 18 17.53 -6.26 34.11
N GLY H 19 18.46 -5.34 34.21
CA GLY H 19 18.39 -4.04 33.57
C GLY H 19 17.12 -3.30 33.99
N ILE H 20 16.39 -2.80 32.98
CA ILE H 20 15.27 -1.86 33.13
C ILE H 20 14.13 -2.59 33.71
N GLY H 21 13.94 -3.80 33.21
CA GLY H 21 12.82 -4.62 33.66
C GLY H 21 12.95 -5.02 35.14
N ARG H 22 14.14 -5.42 35.58
CA ARG H 22 14.28 -5.79 36.99
C ARG H 22 13.93 -4.55 37.86
N ALA H 23 14.49 -3.42 37.45
CA ALA H 23 14.43 -2.20 38.19
C ALA H 23 12.99 -1.80 38.29
N ALA H 24 12.23 -2.02 37.21
CA ALA H 24 10.80 -1.64 37.18
C ALA H 24 9.97 -2.52 38.04
N ALA H 25 10.24 -3.82 37.98
CA ALA H 25 9.48 -4.76 38.76
C ALA H 25 9.76 -4.45 40.26
N LEU H 26 11.03 -4.25 40.61
CA LEU H 26 11.39 -3.87 41.99
C LEU H 26 10.63 -2.59 42.44
N LEU H 27 10.72 -1.56 41.60
CA LEU H 27 10.06 -0.26 41.86
C LEU H 27 8.57 -0.31 42.07
N PHE H 28 7.86 -0.98 41.13
CA PHE H 28 6.42 -1.11 41.12
C PHE H 28 5.95 -1.79 42.41
N ALA H 29 6.55 -2.93 42.78
CA ALA H 29 6.22 -3.57 44.06
C ALA H 29 6.53 -2.65 45.24
N ARG H 30 7.69 -1.99 45.26
CA ARG H 30 8.13 -1.05 46.35
C ARG H 30 7.18 0.13 46.47
N GLU H 31 6.53 0.44 45.35
CA GLU H 31 5.48 1.43 45.31
C GLU H 31 4.07 0.92 45.41
N GLY H 32 3.86 -0.32 45.82
CA GLY H 32 2.52 -0.76 46.15
C GLY H 32 1.85 -1.68 45.19
N ALA H 33 2.45 -1.95 44.00
CA ALA H 33 1.77 -2.84 43.10
C ALA H 33 2.08 -4.28 43.44
N LYS H 34 1.13 -5.17 43.17
CA LYS H 34 1.36 -6.63 43.12
C LYS H 34 1.97 -6.99 41.74
N VAL H 35 3.16 -7.59 41.68
CA VAL H 35 3.85 -7.73 40.36
C VAL H 35 4.08 -9.19 39.87
N VAL H 36 3.72 -9.49 38.62
CA VAL H 36 3.95 -10.82 38.00
C VAL H 36 5.14 -10.59 37.04
N VAL H 37 6.22 -11.31 37.28
CA VAL H 37 7.48 -11.13 36.58
C VAL H 37 7.86 -12.33 35.74
N THR H 38 8.59 -12.06 34.65
CA THR H 38 8.96 -13.09 33.67
C THR H 38 10.25 -12.69 32.96
N ALA H 39 10.94 -13.72 32.46
CA ALA H 39 12.18 -13.70 31.77
C ALA H 39 12.45 -15.21 31.59
N ARG H 40 13.49 -15.55 30.86
CA ARG H 40 13.93 -16.96 30.71
C ARG H 40 14.68 -17.49 31.96
N ASN H 41 15.54 -16.67 32.56
CA ASN H 41 16.42 -17.09 33.67
C ASN H 41 15.65 -17.25 35.02
N GLY H 42 15.18 -18.49 35.27
CA GLY H 42 14.47 -18.85 36.48
C GLY H 42 15.16 -18.46 37.77
N ASN H 43 16.48 -18.63 37.81
CA ASN H 43 17.29 -18.29 38.99
C ASN H 43 17.32 -16.80 39.29
N ALA H 44 17.29 -15.99 38.23
CA ALA H 44 17.29 -14.58 38.41
C ALA H 44 15.94 -14.06 38.89
N LEU H 45 14.84 -14.66 38.39
CA LEU H 45 13.52 -14.24 38.75
C LEU H 45 13.27 -14.56 40.21
N ALA H 46 13.96 -15.62 40.70
CA ALA H 46 13.78 -16.07 42.06
C ALA H 46 14.50 -15.17 43.03
N GLU H 47 15.67 -14.68 42.65
CA GLU H 47 16.40 -13.66 43.42
C GLU H 47 15.61 -12.36 43.50
N LEU H 48 14.88 -12.03 42.43
CA LEU H 48 14.04 -10.83 42.38
C LEU H 48 12.84 -10.95 43.28
N THR H 49 12.14 -12.06 43.18
CA THR H 49 10.94 -12.21 43.97
C THR H 49 11.22 -12.41 45.48
N ASP H 50 12.33 -13.10 45.80
CA ASP H 50 12.89 -13.17 47.18
C ASP H 50 13.26 -11.78 47.76
N GLU H 51 13.95 -10.94 46.97
CA GLU H 51 14.16 -9.54 47.34
C GLU H 51 12.80 -8.77 47.58
N ILE H 52 11.83 -8.91 46.65
CA ILE H 52 10.53 -8.25 46.73
C ILE H 52 9.78 -8.69 48.02
N ALA H 53 9.40 -9.98 48.07
CA ALA H 53 8.76 -10.57 49.24
C ALA H 53 9.92 -10.73 50.15
N GLY H 54 10.06 -9.88 51.16
CA GLY H 54 11.35 -9.90 51.87
C GLY H 54 11.63 -8.48 52.25
N GLY H 55 11.49 -7.60 51.26
CA GLY H 55 11.10 -6.24 51.58
C GLY H 55 9.61 -6.09 51.86
N GLY H 56 8.86 -7.18 52.03
CA GLY H 56 7.40 -7.07 52.29
C GLY H 56 6.52 -6.56 51.16
N GLY H 57 7.04 -6.59 49.93
CA GLY H 57 6.18 -6.47 48.73
C GLY H 57 5.57 -7.80 48.29
N GLU H 58 4.80 -7.80 47.19
CA GLU H 58 4.09 -8.99 46.72
C GLU H 58 4.40 -9.22 45.23
N ALA H 59 4.95 -10.38 44.88
CA ALA H 59 5.33 -10.75 43.46
C ALA H 59 5.12 -12.25 43.23
N ALA H 60 4.81 -12.62 41.98
CA ALA H 60 4.79 -14.02 41.53
C ALA H 60 5.65 -14.04 40.25
N ALA H 61 6.36 -15.16 40.04
CA ALA H 61 7.36 -15.29 38.96
C ALA H 61 6.98 -16.45 38.06
N LEU H 62 7.05 -16.28 36.74
CA LEU H 62 6.96 -17.44 35.89
C LEU H 62 7.91 -17.32 34.70
N ALA H 63 8.84 -18.27 34.60
CA ALA H 63 9.88 -18.17 33.62
C ALA H 63 9.41 -18.83 32.31
N GLY H 64 9.90 -18.31 31.17
CA GLY H 64 9.49 -18.84 29.87
C GLY H 64 10.12 -17.94 28.79
N ASP H 65 9.94 -18.35 27.53
CA ASP H 65 10.34 -17.50 26.39
C ASP H 65 9.21 -16.53 26.07
N VAL H 66 9.56 -15.25 25.96
CA VAL H 66 8.56 -14.20 25.80
C VAL H 66 7.95 -14.32 24.37
N GLY H 67 8.56 -15.16 23.53
CA GLY H 67 8.07 -15.40 22.14
C GLY H 67 6.99 -16.48 22.12
N ASP H 68 6.71 -17.09 23.28
CA ASP H 68 5.80 -18.26 23.35
C ASP H 68 4.39 -17.87 23.81
N GLU H 69 3.39 -18.24 23.04
CA GLU H 69 2.04 -17.79 23.27
C GLU H 69 1.54 -18.28 24.64
N ALA H 70 1.89 -19.55 24.97
CA ALA H 70 1.39 -20.21 26.20
C ALA H 70 1.91 -19.46 27.42
N LEU H 71 3.11 -18.90 27.27
CA LEU H 71 3.74 -18.12 28.36
C LEU H 71 2.91 -16.90 28.69
N HIS H 72 2.59 -16.11 27.67
CA HIS H 72 1.67 -14.96 27.84
C HIS H 72 0.30 -15.27 28.39
N GLU H 73 -0.28 -16.32 27.87
CA GLU H 73 -1.54 -16.77 28.39
C GLU H 73 -1.45 -17.11 29.89
N ALA H 74 -0.47 -17.92 30.27
CA ALA H 74 -0.32 -18.32 31.68
C ALA H 74 0.15 -17.20 32.61
N LEU H 75 0.88 -16.19 32.08
CA LEU H 75 1.26 -15.04 32.86
C LEU H 75 0.04 -14.21 33.34
N VAL H 76 -0.89 -13.99 32.44
CA VAL H 76 -2.15 -13.36 32.74
C VAL H 76 -3.00 -14.19 33.79
N GLU H 77 -3.17 -15.49 33.52
CA GLU H 77 -3.77 -16.45 34.45
C GLU H 77 -3.10 -16.39 35.83
N LEU H 78 -1.78 -16.36 35.89
CA LEU H 78 -1.10 -16.16 37.14
C LEU H 78 -1.47 -14.83 37.85
N ALA H 79 -1.40 -13.69 37.15
CA ALA H 79 -1.83 -12.42 37.78
C ALA H 79 -3.26 -12.48 38.34
N VAL H 80 -4.19 -12.98 37.53
CA VAL H 80 -5.61 -12.99 37.82
C VAL H 80 -5.92 -13.95 38.99
N ARG H 81 -5.26 -15.11 38.99
CA ARG H 81 -5.41 -16.12 40.02
C ARG H 81 -4.79 -15.77 41.33
N ARG H 82 -3.56 -15.30 41.27
CA ARG H 82 -2.80 -15.03 42.45
C ARG H 82 -3.25 -13.70 43.08
N PHE H 83 -3.55 -12.70 42.23
CA PHE H 83 -3.84 -11.34 42.74
C PHE H 83 -5.23 -10.77 42.52
N GLY H 84 -6.09 -11.47 41.80
CA GLY H 84 -7.48 -10.99 41.59
C GLY H 84 -7.81 -10.38 40.25
N GLY H 85 -6.80 -9.84 39.54
CA GLY H 85 -7.06 -9.22 38.23
C GLY H 85 -5.74 -8.81 37.59
N LEU H 86 -5.85 -7.82 36.69
CA LEU H 86 -4.69 -7.21 36.01
C LEU H 86 -5.06 -5.81 35.60
N ASP H 87 -4.22 -4.84 35.97
CA ASP H 87 -4.39 -3.43 35.77
C ASP H 87 -3.45 -2.95 34.65
N THR H 88 -2.23 -3.46 34.63
CA THR H 88 -1.18 -2.87 33.85
C THR H 88 -0.08 -3.87 33.44
N ALA H 89 0.52 -3.64 32.28
CA ALA H 89 1.59 -4.47 31.78
C ALA H 89 2.72 -3.53 31.29
N PHE H 90 3.94 -3.85 31.69
CA PHE H 90 5.11 -3.23 31.22
C PHE H 90 5.81 -4.31 30.35
N ASN H 91 5.46 -4.31 29.08
CA ASN H 91 6.02 -5.29 28.18
C ASN H 91 7.38 -4.85 27.65
N ASN H 92 8.41 -5.25 28.37
CA ASN H 92 9.74 -4.64 28.30
C ASN H 92 10.81 -5.55 27.70
N ALA H 93 10.58 -6.86 27.73
CA ALA H 93 11.58 -7.85 27.27
C ALA H 93 12.00 -7.46 25.86
N GLY H 94 13.28 -7.61 25.57
CA GLY H 94 13.84 -7.22 24.26
C GLY H 94 15.31 -7.62 24.19
N ALA H 95 15.86 -7.65 22.98
CA ALA H 95 17.21 -8.10 22.82
C ALA H 95 17.71 -7.48 21.54
N LEU H 96 18.98 -7.10 21.52
CA LEU H 96 19.54 -6.58 20.26
C LEU H 96 19.45 -7.60 19.18
N GLY H 97 19.57 -8.88 19.51
CA GLY H 97 19.38 -9.97 18.49
C GLY H 97 20.57 -10.03 17.53
N ALA H 98 20.36 -10.61 16.36
CA ALA H 98 21.46 -10.75 15.33
C ALA H 98 21.90 -9.39 14.79
N MET H 99 23.19 -9.05 14.96
CA MET H 99 23.71 -7.79 14.41
C MET H 99 24.74 -8.02 13.30
N GLY H 100 24.97 -7.01 12.48
CA GLY H 100 25.86 -7.13 11.29
C GLY H 100 25.31 -6.49 10.05
N GLU H 101 26.16 -6.41 9.03
CA GLU H 101 25.79 -5.82 7.76
C GLU H 101 24.61 -6.52 7.18
N ILE H 102 23.68 -5.73 6.65
CA ILE H 102 22.42 -6.29 6.14
C ILE H 102 22.62 -7.51 5.19
N SER H 103 23.56 -7.43 4.25
CA SER H 103 23.77 -8.65 3.37
C SER H 103 24.24 -9.96 4.07
N SER H 104 24.84 -9.86 5.26
CA SER H 104 25.31 -11.05 6.02
C SER H 104 24.32 -11.71 6.98
N LEU H 105 23.18 -11.04 7.25
CA LEU H 105 22.19 -11.52 8.25
C LEU H 105 21.42 -12.72 7.76
N SER H 106 21.17 -13.71 8.62
CA SER H 106 20.33 -14.83 8.18
C SER H 106 18.86 -14.45 8.37
N VAL H 107 17.97 -15.01 7.58
CA VAL H 107 16.54 -14.79 7.81
C VAL H 107 16.17 -15.40 9.20
N GLU H 108 16.88 -16.45 9.64
CA GLU H 108 16.62 -17.03 10.98
C GLU H 108 16.84 -16.05 12.14
N GLY H 109 17.98 -15.35 12.07
CA GLY H 109 18.32 -14.30 13.01
C GLY H 109 17.32 -13.17 13.00
N TRP H 110 16.93 -12.72 11.81
CA TRP H 110 15.89 -11.71 11.64
C TRP H 110 14.61 -12.18 12.32
N ARG H 111 14.17 -13.39 12.02
CA ARG H 111 12.91 -13.90 12.65
C ARG H 111 13.01 -13.99 14.15
N GLU H 112 14.16 -14.42 14.65
CA GLU H 112 14.28 -14.61 16.08
C GLU H 112 14.30 -13.24 16.78
N THR H 113 15.00 -12.26 16.18
CA THR H 113 14.96 -10.88 16.69
C THR H 113 13.49 -10.36 16.76
N LEU H 114 12.79 -10.51 15.66
CA LEU H 114 11.44 -10.05 15.56
C LEU H 114 10.54 -10.78 16.52
N ASP H 115 10.73 -12.07 16.67
CA ASP H 115 9.86 -12.81 17.57
C ASP H 115 10.00 -12.39 19.04
N THR H 116 11.23 -12.21 19.46
CA THR H 116 11.55 -11.77 20.78
C THR H 116 11.07 -10.34 21.06
N ASN H 117 11.17 -9.47 20.07
CA ASN H 117 10.98 -8.04 20.36
C ASN H 117 9.58 -7.60 20.01
N LEU H 118 8.97 -8.21 18.99
CA LEU H 118 7.76 -7.65 18.48
C LEU H 118 6.58 -8.69 18.51
N THR H 119 6.84 -9.93 18.11
CA THR H 119 5.83 -10.93 18.17
C THR H 119 5.41 -11.11 19.65
N SER H 120 6.37 -11.05 20.54
CA SER H 120 6.10 -11.10 21.98
C SER H 120 5.06 -10.04 22.41
N ALA H 121 5.13 -8.86 21.83
CA ALA H 121 4.21 -7.75 22.17
C ALA H 121 2.76 -8.00 21.70
N PHE H 122 2.64 -8.56 20.50
CA PHE H 122 1.37 -9.00 19.97
C PHE H 122 0.73 -10.05 20.93
N LEU H 123 1.55 -11.04 21.33
CA LEU H 123 1.09 -12.12 22.21
C LEU H 123 0.72 -11.55 23.60
N ALA H 124 1.51 -10.61 24.10
CA ALA H 124 1.24 -9.97 25.36
C ALA H 124 -0.10 -9.26 25.32
N ALA H 125 -0.33 -8.47 24.26
CA ALA H 125 -1.57 -7.75 24.13
C ALA H 125 -2.72 -8.76 24.03
N LYS H 126 -2.56 -9.82 23.23
CA LYS H 126 -3.61 -10.76 22.98
C LYS H 126 -4.23 -11.31 24.29
N TYR H 127 -3.38 -11.54 25.28
CA TYR H 127 -3.86 -12.15 26.57
C TYR H 127 -4.08 -11.11 27.62
N GLN H 128 -3.31 -10.04 27.54
CA GLN H 128 -3.40 -9.01 28.55
C GLN H 128 -4.66 -8.16 28.42
N VAL H 129 -5.04 -7.85 27.19
CA VAL H 129 -6.17 -6.94 26.96
C VAL H 129 -7.49 -7.44 27.63
N PRO H 130 -7.90 -8.71 27.39
CA PRO H 130 -9.13 -9.21 28.09
C PRO H 130 -9.14 -9.05 29.60
N ALA H 131 -8.03 -9.36 30.26
CA ALA H 131 -7.96 -9.26 31.74
C ALA H 131 -8.02 -7.82 32.23
N ILE H 132 -7.35 -6.94 31.51
CA ILE H 132 -7.39 -5.49 31.81
C ILE H 132 -8.78 -4.88 31.59
N ALA H 133 -9.45 -5.28 30.53
CA ALA H 133 -10.76 -4.82 30.19
C ALA H 133 -11.72 -5.24 31.28
N ALA H 134 -11.44 -6.38 31.88
CA ALA H 134 -12.31 -6.97 32.88
C ALA H 134 -12.46 -6.05 34.07
N LEU H 135 -11.44 -5.32 34.45
CA LEU H 135 -11.57 -4.42 35.56
C LEU H 135 -11.89 -2.99 35.16
N GLY H 136 -12.29 -2.82 33.93
CA GLY H 136 -12.72 -1.53 33.50
C GLY H 136 -11.67 -0.60 32.97
N GLY H 137 -10.55 -1.15 32.59
CA GLY H 137 -9.47 -0.36 32.00
C GLY H 137 -8.13 -0.48 32.73
N GLY H 138 -7.10 0.21 32.22
CA GLY H 138 -5.78 0.29 32.82
C GLY H 138 -4.81 0.65 31.67
N SER H 139 -3.67 -0.04 31.63
CA SER H 139 -2.65 0.39 30.64
C SER H 139 -1.68 -0.68 30.20
N LEU H 140 -1.25 -0.57 28.93
CA LEU H 140 -0.17 -1.42 28.38
C LEU H 140 0.95 -0.47 27.94
N THR H 141 2.19 -0.78 28.33
CA THR H 141 3.36 -0.02 27.94
C THR H 141 4.37 -1.01 27.30
N PHE H 142 4.99 -0.60 26.19
CA PHE H 142 5.99 -1.51 25.52
C PHE H 142 7.26 -0.73 25.42
N THR H 143 8.38 -1.40 25.68
CA THR H 143 9.64 -0.76 25.62
C THR H 143 10.09 -0.88 24.16
N SER H 144 10.14 0.27 23.48
CA SER H 144 10.67 0.39 22.11
C SER H 144 12.11 0.91 22.28
N SER H 145 12.56 1.87 21.49
CA SER H 145 13.92 2.41 21.56
C SER H 145 13.95 3.70 20.71
N PHE H 146 14.85 4.66 21.00
CA PHE H 146 15.01 5.79 20.08
C PHE H 146 15.55 5.27 18.72
N VAL H 147 16.19 4.10 18.77
CA VAL H 147 16.76 3.50 17.55
C VAL H 147 15.64 2.95 16.67
N GLY H 148 15.55 3.43 15.44
CA GLY H 148 14.47 3.04 14.56
C GLY H 148 13.32 4.02 14.66
N HIS H 149 13.44 4.99 15.58
CA HIS H 149 12.44 6.06 15.67
C HIS H 149 13.00 7.41 15.31
N THR H 150 14.15 7.76 15.88
CA THR H 150 14.77 9.04 15.60
C THR H 150 16.25 8.89 15.20
N ALA H 151 16.64 7.64 15.01
CA ALA H 151 18.06 7.34 14.72
C ALA H 151 18.30 5.98 14.09
N GLY H 152 19.26 5.92 13.12
CA GLY H 152 19.73 4.66 12.56
C GLY H 152 21.18 4.44 13.00
N PHE H 153 21.62 3.18 13.08
CA PHE H 153 23.03 2.85 13.33
C PHE H 153 23.32 1.74 12.35
N ALA H 154 24.57 1.58 11.93
CA ALA H 154 24.99 0.43 11.11
C ALA H 154 24.87 -0.86 11.92
N GLY H 155 24.46 -1.94 11.26
CA GLY H 155 24.53 -3.26 11.83
C GLY H 155 23.35 -3.67 12.69
N VAL H 156 22.33 -2.81 12.81
CA VAL H 156 21.22 -3.12 13.74
C VAL H 156 19.86 -3.12 13.09
N ALA H 157 19.81 -3.38 11.77
CA ALA H 157 18.53 -3.30 11.04
C ALA H 157 17.41 -4.17 11.66
N PRO H 158 17.69 -5.44 12.04
CA PRO H 158 16.54 -6.22 12.59
C PRO H 158 16.04 -5.61 13.90
N TYR H 159 16.98 -5.14 14.70
CA TYR H 159 16.61 -4.48 16.02
C TYR H 159 15.74 -3.25 15.84
N ALA H 160 16.20 -2.40 14.94
CA ALA H 160 15.53 -1.12 14.67
C ALA H 160 14.15 -1.39 14.09
N ALA H 161 14.01 -2.35 13.15
CA ALA H 161 12.70 -2.72 12.58
C ALA H 161 11.73 -3.16 13.68
N SER H 162 12.21 -4.00 14.55
CA SER H 162 11.32 -4.61 15.57
C SER H 162 10.86 -3.54 16.58
N LYS H 163 11.74 -2.60 16.90
CA LYS H 163 11.43 -1.55 17.86
C LYS H 163 10.48 -0.52 17.28
N ALA H 164 10.64 -0.22 15.99
CA ALA H 164 9.75 0.70 15.32
C ALA H 164 8.35 0.07 15.18
N GLY H 165 8.29 -1.23 14.94
CA GLY H 165 7.04 -1.98 14.78
C GLY H 165 6.18 -1.83 16.06
N LEU H 166 6.84 -1.74 17.20
CA LEU H 166 6.09 -1.53 18.48
C LEU H 166 5.27 -0.26 18.42
N ILE H 167 5.79 0.78 17.80
CA ILE H 167 5.12 2.05 17.76
C ILE H 167 3.88 1.94 16.90
N GLY H 168 3.94 1.26 15.74
CA GLY H 168 2.70 0.97 14.95
C GLY H 168 1.68 0.19 15.80
N LEU H 169 2.15 -0.82 16.47
CA LEU H 169 1.29 -1.68 17.30
C LEU H 169 0.62 -0.82 18.37
N VAL H 170 1.41 0.07 18.97
CA VAL H 170 0.86 1.01 19.97
C VAL H 170 -0.20 1.94 19.43
N GLN H 171 0.04 2.55 18.25
CA GLN H 171 -0.96 3.45 17.67
C GLN H 171 -2.32 2.71 17.36
N ALA H 172 -2.22 1.52 16.79
CA ALA H 172 -3.36 0.71 16.43
C ALA H 172 -4.19 0.32 17.70
N LEU H 173 -3.50 -0.15 18.71
CA LEU H 173 -4.18 -0.58 19.97
C LEU H 173 -4.71 0.59 20.78
N ALA H 174 -3.98 1.72 20.76
CA ALA H 174 -4.46 2.90 21.48
C ALA H 174 -5.87 3.30 20.93
N VAL H 175 -6.06 3.24 19.60
CA VAL H 175 -7.37 3.52 18.99
C VAL H 175 -8.38 2.39 19.26
N GLU H 176 -7.93 1.15 19.08
CA GLU H 176 -8.81 0.01 19.24
C GLU H 176 -9.37 -0.11 20.67
N LEU H 177 -8.54 0.16 21.66
CA LEU H 177 -8.89 -0.05 23.08
C LEU H 177 -9.32 1.16 23.89
N GLY H 178 -9.20 2.37 23.31
CA GLY H 178 -9.26 3.64 24.10
C GLY H 178 -10.68 3.80 24.69
N ALA H 179 -11.69 3.47 23.90
CA ALA H 179 -13.10 3.62 24.35
C ALA H 179 -13.44 2.70 25.52
N ARG H 180 -12.69 1.62 25.72
CA ARG H 180 -12.80 0.77 26.94
C ARG H 180 -11.91 1.17 28.09
N GLY H 181 -11.27 2.32 27.95
CA GLY H 181 -10.42 2.83 28.99
C GLY H 181 -9.08 2.14 29.13
N ILE H 182 -8.57 1.49 28.07
CA ILE H 182 -7.19 0.92 28.15
C ILE H 182 -6.24 1.83 27.37
N ARG H 183 -5.26 2.36 28.07
CA ARG H 183 -4.34 3.33 27.47
C ARG H 183 -3.23 2.41 26.94
N VAL H 184 -2.62 2.82 25.83
CA VAL H 184 -1.53 2.03 25.25
C VAL H 184 -0.38 3.02 24.82
N ASN H 185 0.83 2.81 25.33
CA ASN H 185 1.96 3.68 25.07
C ASN H 185 3.23 2.91 24.80
N ALA H 186 4.11 3.53 24.02
CA ALA H 186 5.46 3.03 23.85
C ALA H 186 6.35 3.89 24.73
N LEU H 187 7.32 3.26 25.41
CA LEU H 187 8.37 3.92 26.15
C LEU H 187 9.69 3.71 25.39
N LEU H 188 10.36 4.79 25.06
CA LEU H 188 11.57 4.79 24.25
C LEU H 188 12.76 5.27 25.06
N PRO H 189 13.53 4.33 25.63
CA PRO H 189 14.79 4.68 26.34
C PRO H 189 15.92 5.16 25.39
N GLY H 190 16.82 6.01 25.92
CA GLY H 190 18.14 6.26 25.38
C GLY H 190 19.11 5.23 25.92
N GLY H 191 20.42 5.43 25.75
CA GLY H 191 21.43 4.53 26.40
C GLY H 191 21.19 4.44 27.90
N THR H 192 21.13 3.19 28.36
CA THR H 192 20.83 2.81 29.74
C THR H 192 21.86 1.79 30.14
N ASP H 193 22.33 1.89 31.39
CA ASP H 193 23.51 1.16 31.84
C ASP H 193 23.11 -0.28 32.26
N THR H 194 23.01 -1.13 31.25
CA THR H 194 22.57 -2.51 31.42
C THR H 194 23.42 -3.32 30.43
N PRO H 195 23.35 -4.66 30.51
CA PRO H 195 24.00 -5.64 29.60
C PRO H 195 23.74 -5.39 28.11
N ALA H 196 22.59 -4.81 27.79
CA ALA H 196 22.20 -4.51 26.40
C ALA H 196 22.80 -3.25 25.79
N ASN H 197 23.49 -2.44 26.61
CA ASN H 197 24.02 -1.21 26.08
C ASN H 197 25.27 -1.47 25.26
N PHE H 198 25.33 -0.85 24.07
CA PHE H 198 26.45 -0.98 23.15
C PHE H 198 27.78 -1.03 23.94
N ALA H 199 27.95 -0.09 24.85
CA ALA H 199 29.14 0.07 25.64
C ALA H 199 29.48 -1.06 26.57
N ASN H 200 28.50 -1.79 27.01
CA ASN H 200 28.74 -2.90 27.92
C ASN H 200 28.92 -4.29 27.31
N LEU H 201 28.85 -4.42 26.00
CA LEU H 201 29.03 -5.73 25.38
C LEU H 201 30.45 -6.23 25.56
N PRO H 202 30.60 -7.54 25.67
CA PRO H 202 31.91 -8.16 25.73
C PRO H 202 32.50 -7.89 24.36
N GLY H 203 33.80 -7.68 24.20
CA GLY H 203 34.36 -6.44 24.61
C GLY H 203 34.12 -5.49 23.49
N ALA H 204 33.31 -4.54 23.89
CA ALA H 204 33.20 -3.26 23.30
C ALA H 204 34.53 -2.61 23.50
N ALA H 205 34.83 -1.71 22.59
CA ALA H 205 36.01 -0.91 22.67
C ALA H 205 35.90 0.04 23.84
N PRO H 206 37.01 0.29 24.53
CA PRO H 206 36.98 1.30 25.58
C PRO H 206 36.34 2.64 25.21
N GLU H 207 36.60 3.09 24.01
CA GLU H 207 36.09 4.37 23.57
C GLU H 207 34.55 4.37 23.39
N THR H 208 33.93 3.19 23.37
CA THR H 208 32.46 3.12 23.08
C THR H 208 31.61 3.73 24.24
N ARG H 209 32.06 3.61 25.47
CA ARG H 209 31.39 4.26 26.60
C ARG H 209 31.21 5.78 26.39
N GLY H 210 32.31 6.49 26.12
CA GLY H 210 32.33 7.96 25.92
C GLY H 210 31.53 8.34 24.67
N PHE H 211 31.62 7.49 23.64
CA PHE H 211 30.83 7.74 22.45
C PHE H 211 29.31 7.64 22.79
N VAL H 212 28.90 6.57 23.45
CA VAL H 212 27.50 6.39 23.80
C VAL H 212 27.00 7.54 24.69
N GLU H 213 27.75 7.88 25.75
CA GLU H 213 27.39 9.05 26.55
C GLU H 213 27.12 10.28 25.75
N GLY H 214 28.03 10.57 24.80
CA GLY H 214 28.02 11.83 24.07
C GLY H 214 26.85 11.90 23.09
N LEU H 215 26.12 10.78 22.93
CA LEU H 215 24.93 10.73 22.11
C LEU H 215 23.78 11.50 22.80
N HIS H 216 23.90 11.76 24.09
CA HIS H 216 22.74 12.27 24.88
C HIS H 216 22.92 13.72 25.23
N ALA H 217 21.85 14.51 25.19
CA ALA H 217 22.02 15.88 25.59
C ALA H 217 22.44 15.99 27.08
N LEU H 218 22.02 15.06 27.93
CA LEU H 218 22.48 15.03 29.32
C LEU H 218 23.93 14.56 29.47
N LYS H 219 24.54 14.08 28.39
CA LYS H 219 25.95 13.65 28.40
C LYS H 219 26.26 12.54 29.38
N ARG H 220 25.39 11.55 29.49
CA ARG H 220 25.54 10.46 30.43
C ARG H 220 24.53 9.40 30.00
N ILE H 221 24.74 8.19 30.47
CA ILE H 221 23.85 7.08 30.13
C ILE H 221 22.96 6.99 31.33
N ALA H 222 21.71 6.55 31.14
CA ALA H 222 20.72 6.41 32.24
C ALA H 222 21.03 5.29 33.21
N ARG H 223 20.65 5.48 34.50
CA ARG H 223 20.56 4.37 35.45
C ARG H 223 19.26 3.68 35.06
N PRO H 224 19.16 2.35 35.20
CA PRO H 224 17.96 1.63 34.83
C PRO H 224 16.73 2.11 35.61
N GLU H 225 16.95 2.57 36.83
CA GLU H 225 15.89 3.11 37.67
C GLU H 225 15.24 4.36 37.06
N GLU H 226 15.99 5.17 36.32
CA GLU H 226 15.42 6.34 35.70
C GLU H 226 14.40 5.96 34.63
N ILE H 227 14.71 4.88 33.86
CA ILE H 227 13.78 4.35 32.88
C ILE H 227 12.58 3.72 33.55
N ALA H 228 12.83 3.00 34.66
CA ALA H 228 11.71 2.44 35.43
C ALA H 228 10.73 3.51 35.98
N GLU H 229 11.25 4.66 36.38
CA GLU H 229 10.43 5.78 36.80
C GLU H 229 9.51 6.28 35.66
N ALA H 230 9.99 6.28 34.42
CA ALA H 230 9.11 6.66 33.30
C ALA H 230 8.07 5.61 33.06
N ALA H 231 8.46 4.36 33.22
CA ALA H 231 7.49 3.35 33.09
C ALA H 231 6.44 3.45 34.24
N LEU H 232 6.90 3.74 35.45
CA LEU H 232 5.90 3.88 36.55
C LEU H 232 4.93 5.03 36.24
N TYR H 233 5.44 6.15 35.72
CA TYR H 233 4.58 7.28 35.32
C TYR H 233 3.47 6.77 34.39
N LEU H 234 3.81 6.11 33.26
CA LEU H 234 2.82 5.60 32.34
C LEU H 234 1.80 4.62 32.94
N ALA H 235 2.20 3.87 33.97
CA ALA H 235 1.27 2.89 34.57
C ALA H 235 0.38 3.65 35.59
N SER H 236 0.82 4.85 36.00
CA SER H 236 0.17 5.56 37.10
C SER H 236 -1.10 6.26 36.67
N ASP H 237 -1.93 6.59 37.67
CA ASP H 237 -3.13 7.37 37.43
C ASP H 237 -2.74 8.72 36.90
N GLY H 238 -1.48 9.13 37.12
CA GLY H 238 -1.00 10.45 36.68
C GLY H 238 -0.81 10.53 35.17
N ALA H 239 -0.90 9.38 34.51
CA ALA H 239 -0.90 9.27 33.02
C ALA H 239 -2.28 8.91 32.46
N SER H 240 -3.37 9.26 33.20
CA SER H 240 -4.74 8.97 32.74
C SER H 240 -5.16 9.57 31.39
N PHE H 241 -4.59 10.71 30.95
CA PHE H 241 -4.90 11.19 29.62
C PHE H 241 -3.74 10.94 28.61
N VAL H 242 -2.84 9.99 28.89
CA VAL H 242 -1.69 9.70 28.00
C VAL H 242 -1.94 8.36 27.34
N THR H 243 -2.23 8.36 26.04
CA THR H 243 -2.33 7.13 25.29
C THR H 243 -1.98 7.37 23.82
N GLY H 244 -1.50 6.33 23.19
CA GLY H 244 -1.05 6.42 21.80
C GLY H 244 0.31 7.11 21.65
N ALA H 245 0.98 7.39 22.75
CA ALA H 245 2.17 8.21 22.77
C ALA H 245 3.42 7.34 22.70
N ALA H 246 4.45 7.89 22.06
CA ALA H 246 5.78 7.29 22.16
C ALA H 246 6.55 8.23 23.02
N LEU H 247 6.64 7.92 24.31
CA LEU H 247 7.30 8.76 25.24
C LEU H 247 8.81 8.57 25.18
N LEU H 248 9.54 9.63 24.87
CA LEU H 248 11.04 9.48 24.80
C LEU H 248 11.61 9.70 26.21
N ALA H 249 12.19 8.66 26.82
CA ALA H 249 12.97 8.87 28.05
C ALA H 249 14.45 8.58 27.67
N ASP H 250 15.01 9.49 26.89
CA ASP H 250 16.25 9.21 26.20
C ASP H 250 17.35 10.23 26.42
N GLY H 251 17.25 11.05 27.47
CA GLY H 251 18.33 12.00 27.79
C GLY H 251 18.62 12.96 26.66
N GLY H 252 17.69 13.14 25.70
CA GLY H 252 17.89 14.11 24.60
C GLY H 252 18.59 13.48 23.40
N ALA H 253 18.84 12.18 23.47
CA ALA H 253 19.55 11.51 22.35
C ALA H 253 18.86 11.81 21.01
N SER H 254 17.56 11.88 21.03
CA SER H 254 16.80 12.10 19.84
C SER H 254 17.08 13.40 19.13
N VAL H 255 17.34 14.46 19.88
CA VAL H 255 17.58 15.76 19.34
C VAL H 255 19.03 16.23 19.33
N THR H 256 19.88 15.35 19.78
CA THR H 256 21.29 15.59 19.90
C THR H 256 22.02 15.05 18.69
N LYS H 257 22.88 15.86 18.07
CA LYS H 257 23.73 15.35 16.98
C LYS H 257 25.26 15.53 17.29
#